data_2KWF
#
_entry.id   2KWF
#
loop_
_entity.id
_entity.type
_entity.pdbx_description
1 polymer 'CREB-binding protein'
2 polymer 'Transcription factor 4'
#
loop_
_entity_poly.entity_id
_entity_poly.type
_entity_poly.pdbx_seq_one_letter_code
_entity_poly.pdbx_strand_id
1 'polypeptide(L)'
;GVRKGWHEHVTQDLRSHLVHKLVQAIFPTPDPAALKDRRMENLVAYAKKVEGDMYESANSRDEYYHLLAEKIYKIQKELE
EKRRSRL
;
A
2 'polypeptide(L)' GSGTDKELSDLLDFSAMFS B
#
# COMPACT_ATOMS: atom_id res chain seq x y z
N GLY A 1 25.84 -2.54 -16.23
CA GLY A 1 26.98 -3.41 -15.83
C GLY A 1 26.60 -4.39 -14.74
N VAL A 2 26.54 -3.91 -13.50
CA VAL A 2 26.19 -4.75 -12.36
C VAL A 2 24.99 -4.19 -11.62
N ARG A 3 24.57 -4.90 -10.57
CA ARG A 3 23.44 -4.46 -9.76
C ARG A 3 23.30 -5.33 -8.50
N LYS A 4 22.61 -4.79 -7.51
CA LYS A 4 22.39 -5.52 -6.26
C LYS A 4 21.78 -6.89 -6.51
N GLY A 5 21.92 -7.80 -5.54
CA GLY A 5 21.28 -9.09 -5.67
C GLY A 5 19.80 -8.89 -5.44
N TRP A 6 19.21 -8.13 -6.35
CA TRP A 6 17.83 -7.70 -6.26
C TRP A 6 16.84 -8.70 -6.84
N HIS A 7 16.94 -8.90 -8.14
CA HIS A 7 16.02 -9.78 -8.86
C HIS A 7 16.10 -11.24 -8.40
N GLU A 8 17.12 -11.56 -7.63
CA GLU A 8 17.34 -12.93 -7.15
C GLU A 8 16.06 -13.60 -6.66
N HIS A 9 15.33 -12.97 -5.73
CA HIS A 9 14.12 -13.61 -5.20
C HIS A 9 12.88 -12.71 -5.22
N VAL A 10 12.82 -11.75 -6.13
CA VAL A 10 11.63 -10.91 -6.22
C VAL A 10 10.71 -11.46 -7.30
N THR A 11 11.32 -11.87 -8.41
CA THR A 11 10.58 -12.46 -9.52
C THR A 11 9.41 -11.58 -9.95
N GLN A 12 8.84 -11.89 -11.11
CA GLN A 12 7.72 -11.13 -11.64
C GLN A 12 6.43 -11.47 -10.90
N ASP A 13 6.12 -12.76 -10.81
CA ASP A 13 4.92 -13.22 -10.15
C ASP A 13 5.01 -13.02 -8.63
N LEU A 14 6.09 -13.56 -8.04
CA LEU A 14 6.29 -13.44 -6.60
C LEU A 14 6.21 -11.98 -6.14
N ARG A 15 6.58 -11.07 -7.03
CA ARG A 15 6.54 -9.65 -6.72
C ARG A 15 5.11 -9.14 -6.64
N SER A 16 4.26 -9.69 -7.49
CA SER A 16 2.85 -9.29 -7.52
C SER A 16 2.16 -9.60 -6.19
N HIS A 17 2.62 -10.67 -5.53
CA HIS A 17 2.06 -11.07 -4.25
C HIS A 17 2.31 -10.00 -3.19
N LEU A 18 3.46 -9.35 -3.27
CA LEU A 18 3.82 -8.31 -2.31
C LEU A 18 3.02 -7.03 -2.57
N VAL A 19 2.73 -6.77 -3.84
CA VAL A 19 1.97 -5.59 -4.22
C VAL A 19 0.59 -5.60 -3.58
N HIS A 20 -0.03 -6.77 -3.50
CA HIS A 20 -1.34 -6.91 -2.90
C HIS A 20 -1.32 -6.50 -1.44
N LYS A 21 -0.22 -6.80 -0.76
CA LYS A 21 -0.08 -6.45 0.65
C LYS A 21 -0.18 -4.94 0.85
N LEU A 22 0.30 -4.19 -0.13
CA LEU A 22 0.25 -2.73 -0.07
C LEU A 22 -1.18 -2.23 -0.19
N VAL A 23 -1.97 -2.90 -1.03
CA VAL A 23 -3.36 -2.52 -1.24
C VAL A 23 -4.24 -2.99 -0.08
N GLN A 24 -3.85 -4.11 0.54
CA GLN A 24 -4.60 -4.65 1.66
C GLN A 24 -4.54 -3.72 2.87
N ALA A 25 -3.44 -2.98 2.98
CA ALA A 25 -3.26 -2.04 4.09
C ALA A 25 -4.38 -1.00 4.11
N ILE A 26 -4.67 -0.43 2.96
CA ILE A 26 -5.71 0.58 2.85
C ILE A 26 -7.10 -0.05 2.93
N PHE A 27 -7.21 -1.29 2.46
CA PHE A 27 -8.47 -2.01 2.48
C PHE A 27 -8.24 -3.49 2.73
N PRO A 28 -8.08 -3.89 4.01
CA PRO A 28 -7.86 -5.29 4.38
C PRO A 28 -9.09 -6.16 4.15
N THR A 29 -10.24 -5.66 4.60
CA THR A 29 -11.50 -6.38 4.45
C THR A 29 -11.99 -6.33 3.00
N PRO A 30 -12.69 -7.38 2.54
CA PRO A 30 -13.22 -7.44 1.18
C PRO A 30 -14.37 -6.48 0.96
N ASP A 31 -14.47 -5.95 -0.25
CA ASP A 31 -15.54 -5.01 -0.60
C ASP A 31 -15.85 -5.07 -2.09
N PRO A 32 -16.82 -5.92 -2.49
CA PRO A 32 -17.21 -6.08 -3.90
C PRO A 32 -17.78 -4.78 -4.46
N ALA A 33 -18.33 -3.95 -3.59
CA ALA A 33 -18.90 -2.68 -4.01
C ALA A 33 -17.83 -1.63 -4.23
N ALA A 34 -16.71 -1.78 -3.54
CA ALA A 34 -15.59 -0.84 -3.66
C ALA A 34 -15.00 -0.89 -5.06
N LEU A 35 -15.01 -2.06 -5.67
CA LEU A 35 -14.46 -2.23 -7.02
C LEU A 35 -15.17 -1.31 -8.00
N LYS A 36 -16.44 -1.04 -7.74
CA LYS A 36 -17.24 -0.17 -8.60
C LYS A 36 -17.05 1.29 -8.21
N ASP A 37 -16.66 1.53 -6.96
CA ASP A 37 -16.45 2.88 -6.48
C ASP A 37 -15.31 3.56 -7.23
N ARG A 38 -15.52 4.82 -7.60
CA ARG A 38 -14.51 5.58 -8.33
C ARG A 38 -13.24 5.74 -7.50
N ARG A 39 -13.40 5.76 -6.17
CA ARG A 39 -12.28 5.91 -5.27
C ARG A 39 -11.26 4.80 -5.47
N MET A 40 -11.75 3.57 -5.66
CA MET A 40 -10.88 2.42 -5.86
C MET A 40 -9.96 2.64 -7.06
N GLU A 41 -10.43 3.41 -8.04
CA GLU A 41 -9.65 3.70 -9.23
C GLU A 41 -8.31 4.34 -8.86
N ASN A 42 -8.33 5.15 -7.81
CA ASN A 42 -7.12 5.82 -7.35
C ASN A 42 -6.27 4.89 -6.51
N LEU A 43 -6.92 3.94 -5.83
CA LEU A 43 -6.22 2.98 -4.99
C LEU A 43 -5.19 2.19 -5.80
N VAL A 44 -5.63 1.68 -6.95
CA VAL A 44 -4.76 0.90 -7.82
C VAL A 44 -3.59 1.75 -8.32
N ALA A 45 -3.91 2.84 -8.99
CA ALA A 45 -2.90 3.74 -9.53
C ALA A 45 -1.98 4.25 -8.42
N TYR A 46 -2.57 4.54 -7.26
CA TYR A 46 -1.81 5.03 -6.12
C TYR A 46 -0.75 4.01 -5.69
N ALA A 47 -1.19 2.79 -5.43
CA ALA A 47 -0.29 1.72 -5.02
C ALA A 47 0.79 1.47 -6.07
N LYS A 48 0.43 1.70 -7.34
CA LYS A 48 1.37 1.50 -8.43
C LYS A 48 2.49 2.53 -8.39
N LYS A 49 2.18 3.72 -7.90
CA LYS A 49 3.15 4.80 -7.81
C LYS A 49 4.04 4.63 -6.57
N VAL A 50 3.42 4.24 -5.45
CA VAL A 50 4.16 4.05 -4.21
C VAL A 50 4.95 2.75 -4.24
N GLU A 51 4.32 1.68 -4.73
CA GLU A 51 4.99 0.38 -4.80
C GLU A 51 6.34 0.53 -5.48
N GLY A 52 6.38 1.32 -6.55
CA GLY A 52 7.63 1.55 -7.24
C GLY A 52 8.61 2.28 -6.34
N ASP A 53 8.07 3.12 -5.47
CA ASP A 53 8.88 3.87 -4.52
C ASP A 53 9.31 2.98 -3.37
N MET A 54 8.46 1.99 -3.06
CA MET A 54 8.74 1.06 -1.97
C MET A 54 9.77 0.02 -2.40
N TYR A 55 9.64 -0.46 -3.64
CA TYR A 55 10.56 -1.46 -4.17
C TYR A 55 11.98 -0.90 -4.23
N GLU A 56 12.14 0.25 -4.89
CA GLU A 56 13.45 0.88 -5.04
C GLU A 56 14.14 1.07 -3.69
N SER A 57 13.37 1.44 -2.67
CA SER A 57 13.92 1.66 -1.33
C SER A 57 14.83 0.50 -0.92
N ALA A 58 14.56 -0.69 -1.44
CA ALA A 58 15.34 -1.87 -1.14
C ALA A 58 16.43 -2.10 -2.15
N ASN A 59 17.62 -2.40 -1.66
CA ASN A 59 18.73 -2.71 -2.54
C ASN A 59 18.80 -4.23 -2.65
N SER A 60 17.87 -4.89 -1.95
CA SER A 60 17.79 -6.34 -1.95
C SER A 60 16.37 -6.80 -1.65
N ARG A 61 16.03 -8.00 -2.12
CA ARG A 61 14.70 -8.54 -1.90
C ARG A 61 14.36 -8.61 -0.41
N ASP A 62 15.40 -8.76 0.41
CA ASP A 62 15.22 -8.84 1.86
C ASP A 62 14.71 -7.51 2.42
N GLU A 63 15.43 -6.44 2.14
CA GLU A 63 15.06 -5.12 2.61
C GLU A 63 13.68 -4.73 2.09
N TYR A 64 13.34 -5.21 0.90
CA TYR A 64 12.04 -4.92 0.30
C TYR A 64 10.92 -5.57 1.09
N TYR A 65 11.21 -6.72 1.70
CA TYR A 65 10.21 -7.44 2.48
C TYR A 65 10.03 -6.80 3.85
N HIS A 66 11.06 -6.14 4.34
CA HIS A 66 11.00 -5.48 5.65
C HIS A 66 10.26 -4.15 5.55
N LEU A 67 10.70 -3.29 4.63
CA LEU A 67 10.09 -1.99 4.44
C LEU A 67 8.60 -2.13 4.13
N LEU A 68 8.23 -3.22 3.48
CA LEU A 68 6.85 -3.47 3.11
C LEU A 68 5.98 -3.62 4.36
N ALA A 69 6.53 -4.27 5.38
CA ALA A 69 5.79 -4.48 6.63
C ALA A 69 5.53 -3.16 7.34
N GLU A 70 6.53 -2.29 7.36
CA GLU A 70 6.41 -0.99 8.00
C GLU A 70 5.28 -0.17 7.38
N LYS A 71 5.25 -0.14 6.06
CA LYS A 71 4.21 0.60 5.33
C LYS A 71 2.83 0.04 5.65
N ILE A 72 2.65 -1.25 5.44
CA ILE A 72 1.37 -1.90 5.72
C ILE A 72 1.05 -1.84 7.21
N TYR A 73 2.08 -1.86 8.04
CA TYR A 73 1.91 -1.81 9.49
C TYR A 73 1.39 -0.44 9.92
N LYS A 74 2.11 0.61 9.57
CA LYS A 74 1.72 1.96 9.93
C LYS A 74 0.34 2.29 9.39
N ILE A 75 0.07 1.93 8.15
CA ILE A 75 -1.22 2.17 7.52
C ILE A 75 -2.31 1.33 8.16
N GLN A 76 -1.94 0.13 8.60
CA GLN A 76 -2.89 -0.78 9.23
C GLN A 76 -3.50 -0.16 10.49
N LYS A 77 -2.63 0.39 11.34
CA LYS A 77 -3.08 1.02 12.58
C LYS A 77 -3.66 2.40 12.30
N GLU A 78 -3.15 3.06 11.26
CA GLU A 78 -3.62 4.39 10.89
C GLU A 78 -5.12 4.38 10.60
N LEU A 79 -5.61 3.25 10.11
CA LEU A 79 -7.03 3.11 9.78
C LEU A 79 -7.90 3.36 11.01
N GLU A 80 -7.37 3.01 12.19
CA GLU A 80 -8.10 3.19 13.43
C GLU A 80 -8.31 4.67 13.73
N GLU A 81 -7.28 5.47 13.49
CA GLU A 81 -7.37 6.91 13.73
C GLU A 81 -8.33 7.57 12.74
N LYS A 82 -8.41 7.02 11.54
CA LYS A 82 -9.30 7.55 10.52
C LYS A 82 -10.76 7.37 10.91
N ARG A 83 -11.03 6.28 11.64
CA ARG A 83 -12.40 5.99 12.07
C ARG A 83 -12.88 7.01 13.09
N ARG A 84 -11.98 7.43 13.97
CA ARG A 84 -12.33 8.41 15.00
C ARG A 84 -12.32 9.82 14.44
N SER A 85 -11.94 9.96 13.18
CA SER A 85 -11.92 11.26 12.53
C SER A 85 -13.34 11.83 12.43
N ARG A 86 -14.34 10.99 12.74
CA ARG A 86 -15.73 11.41 12.67
C ARG A 86 -16.57 10.79 13.78
N LEU A 87 -16.00 9.80 14.42
CA LEU A 87 -16.67 9.10 15.51
C LEU A 87 -17.97 8.46 15.04
N GLY B 1 11.26 14.76 -4.98
CA GLY B 1 10.82 13.35 -5.10
C GLY B 1 9.37 13.16 -4.68
N SER B 2 9.14 13.19 -3.38
CA SER B 2 7.79 13.02 -2.85
C SER B 2 7.47 14.10 -1.81
N GLY B 3 6.26 14.06 -1.28
CA GLY B 3 5.84 15.04 -0.29
C GLY B 3 4.70 14.55 0.58
N THR B 4 3.79 15.45 0.91
CA THR B 4 2.64 15.10 1.73
C THR B 4 1.58 14.37 0.93
N ASP B 5 0.95 13.37 1.53
CA ASP B 5 -0.07 12.58 0.86
C ASP B 5 -1.47 13.07 1.27
N LYS B 6 -2.26 13.46 0.28
CA LYS B 6 -3.62 13.93 0.55
C LYS B 6 -4.65 12.83 0.30
N GLU B 7 -4.54 12.19 -0.87
CA GLU B 7 -5.46 11.11 -1.22
C GLU B 7 -5.31 9.93 -0.27
N LEU B 8 -4.12 9.77 0.29
CA LEU B 8 -3.85 8.68 1.22
C LEU B 8 -4.83 8.71 2.39
N SER B 9 -5.20 9.92 2.80
CA SER B 9 -6.14 10.08 3.91
C SER B 9 -7.57 9.85 3.45
N ASP B 10 -7.85 10.16 2.19
CA ASP B 10 -9.18 9.97 1.62
C ASP B 10 -9.45 8.50 1.34
N LEU B 11 -8.39 7.76 1.01
CA LEU B 11 -8.52 6.34 0.71
C LEU B 11 -8.89 5.56 1.96
N LEU B 12 -8.21 5.86 3.07
CA LEU B 12 -8.48 5.17 4.33
C LEU B 12 -9.85 5.55 4.88
N ASP B 13 -10.26 6.79 4.64
CA ASP B 13 -11.55 7.27 5.11
C ASP B 13 -12.70 6.43 4.54
N PHE B 14 -12.50 5.92 3.34
CA PHE B 14 -13.50 5.09 2.67
C PHE B 14 -13.73 3.80 3.45
N SER B 15 -12.64 3.11 3.80
CA SER B 15 -12.72 1.86 4.54
C SER B 15 -13.05 2.13 6.00
N ALA B 16 -12.60 3.27 6.52
CA ALA B 16 -12.85 3.62 7.91
C ALA B 16 -14.35 3.76 8.18
N MET B 17 -15.09 4.19 7.17
CA MET B 17 -16.53 4.37 7.29
C MET B 17 -17.23 3.03 7.44
N PHE B 18 -16.92 2.10 6.55
CA PHE B 18 -17.52 0.76 6.59
C PHE B 18 -16.63 -0.22 7.34
N SER B 19 -17.05 -1.47 7.41
CA SER B 19 -16.30 -2.50 8.11
C SER B 19 -15.26 -3.13 7.17
N GLY A 1 26.86 -2.86 -15.33
CA GLY A 1 27.96 -3.67 -14.73
C GLY A 1 27.45 -4.82 -13.88
N VAL A 2 26.72 -4.50 -12.82
CA VAL A 2 26.17 -5.51 -11.93
C VAL A 2 24.85 -5.04 -11.31
N ARG A 3 24.20 -5.94 -10.58
CA ARG A 3 22.93 -5.62 -9.94
C ARG A 3 22.78 -6.38 -8.63
N LYS A 4 22.16 -5.73 -7.63
CA LYS A 4 21.95 -6.34 -6.33
C LYS A 4 21.26 -7.68 -6.45
N GLY A 5 21.32 -8.49 -5.40
CA GLY A 5 20.61 -9.76 -5.40
C GLY A 5 19.15 -9.45 -5.18
N TRP A 6 18.62 -8.69 -6.13
CA TRP A 6 17.26 -8.18 -6.09
C TRP A 6 16.20 -9.18 -6.55
N HIS A 7 16.28 -9.55 -7.80
CA HIS A 7 15.31 -10.46 -8.39
C HIS A 7 15.50 -11.90 -7.93
N GLU A 8 16.64 -12.18 -7.33
CA GLU A 8 16.96 -13.53 -6.88
C GLU A 8 15.78 -14.17 -6.16
N HIS A 9 15.25 -13.50 -5.15
CA HIS A 9 14.12 -14.05 -4.39
C HIS A 9 12.90 -13.16 -4.44
N VAL A 10 12.80 -12.32 -5.46
CA VAL A 10 11.65 -11.45 -5.63
C VAL A 10 10.80 -11.95 -6.78
N THR A 11 11.43 -12.14 -7.93
CA THR A 11 10.76 -12.65 -9.11
C THR A 11 9.51 -11.83 -9.45
N GLN A 12 8.94 -12.09 -10.61
CA GLN A 12 7.74 -11.37 -11.05
C GLN A 12 6.50 -11.84 -10.30
N ASP A 13 6.35 -13.16 -10.20
CA ASP A 13 5.20 -13.75 -9.50
C ASP A 13 5.09 -13.23 -8.07
N LEU A 14 6.16 -13.41 -7.30
CA LEU A 14 6.17 -12.97 -5.91
C LEU A 14 5.90 -11.46 -5.81
N ARG A 15 6.32 -10.73 -6.84
CA ARG A 15 6.12 -9.29 -6.87
C ARG A 15 4.63 -8.94 -6.91
N SER A 16 3.90 -9.63 -7.77
CA SER A 16 2.46 -9.41 -7.92
C SER A 16 1.74 -9.68 -6.60
N HIS A 17 2.27 -10.60 -5.81
CA HIS A 17 1.67 -10.95 -4.52
C HIS A 17 1.86 -9.83 -3.51
N LEU A 18 2.97 -9.10 -3.64
CA LEU A 18 3.27 -7.99 -2.73
C LEU A 18 2.47 -6.75 -3.11
N VAL A 19 2.20 -6.59 -4.41
CA VAL A 19 1.45 -5.44 -4.90
C VAL A 19 0.07 -5.38 -4.25
N HIS A 20 -0.47 -6.54 -3.91
CA HIS A 20 -1.79 -6.62 -3.29
C HIS A 20 -1.72 -6.15 -1.83
N LYS A 21 -0.57 -6.34 -1.21
CA LYS A 21 -0.38 -5.94 0.18
C LYS A 21 -0.63 -4.45 0.36
N LEU A 22 -0.11 -3.65 -0.58
CA LEU A 22 -0.29 -2.21 -0.54
C LEU A 22 -1.77 -1.84 -0.63
N VAL A 23 -2.53 -2.65 -1.35
CA VAL A 23 -3.96 -2.41 -1.52
C VAL A 23 -4.73 -2.75 -0.24
N GLN A 24 -4.19 -3.69 0.53
CA GLN A 24 -4.83 -4.09 1.78
C GLN A 24 -4.66 -3.04 2.86
N ALA A 25 -3.57 -2.27 2.77
CA ALA A 25 -3.29 -1.22 3.73
C ALA A 25 -4.43 -0.19 3.77
N ILE A 26 -4.59 0.53 2.67
CA ILE A 26 -5.64 1.55 2.58
C ILE A 26 -7.03 0.93 2.71
N PHE A 27 -7.16 -0.30 2.24
CA PHE A 27 -8.44 -1.01 2.32
C PHE A 27 -8.24 -2.47 2.70
N PRO A 28 -8.12 -2.75 4.01
CA PRO A 28 -7.91 -4.11 4.51
C PRO A 28 -9.05 -5.05 4.11
N THR A 29 -10.25 -4.77 4.59
CA THR A 29 -11.41 -5.59 4.28
C THR A 29 -11.67 -5.63 2.78
N PRO A 30 -12.08 -6.80 2.25
CA PRO A 30 -12.35 -6.96 0.83
C PRO A 30 -13.71 -6.38 0.43
N ASP A 31 -13.93 -6.26 -0.88
CA ASP A 31 -15.18 -5.72 -1.38
C ASP A 31 -15.21 -5.73 -2.91
N PRO A 32 -16.05 -6.58 -3.52
CA PRO A 32 -16.15 -6.68 -4.99
C PRO A 32 -16.72 -5.41 -5.61
N ALA A 33 -17.53 -4.69 -4.84
CA ALA A 33 -18.14 -3.45 -5.30
C ALA A 33 -17.15 -2.29 -5.23
N ALA A 34 -16.22 -2.37 -4.29
CA ALA A 34 -15.22 -1.33 -4.12
C ALA A 34 -14.39 -1.14 -5.39
N LEU A 35 -14.23 -2.22 -6.15
CA LEU A 35 -13.47 -2.17 -7.38
C LEU A 35 -14.06 -1.16 -8.36
N LYS A 36 -15.38 -1.02 -8.31
CA LYS A 36 -16.08 -0.08 -9.19
C LYS A 36 -16.08 1.32 -8.58
N ASP A 37 -15.96 1.39 -7.26
CA ASP A 37 -15.95 2.67 -6.55
C ASP A 37 -14.81 3.56 -7.05
N ARG A 38 -14.96 4.86 -6.85
CA ARG A 38 -13.94 5.82 -7.28
C ARG A 38 -12.71 5.75 -6.36
N ARG A 39 -12.95 5.43 -5.10
CA ARG A 39 -11.87 5.34 -4.12
C ARG A 39 -10.82 4.32 -4.56
N MET A 40 -11.28 3.12 -4.88
CA MET A 40 -10.40 2.05 -5.32
C MET A 40 -9.60 2.48 -6.56
N GLU A 41 -10.19 3.34 -7.38
CA GLU A 41 -9.54 3.82 -8.58
C GLU A 41 -8.21 4.48 -8.24
N ASN A 42 -8.19 5.22 -7.13
CA ASN A 42 -6.99 5.91 -6.69
C ASN A 42 -6.04 4.95 -5.96
N LEU A 43 -6.61 3.93 -5.34
CA LEU A 43 -5.83 2.94 -4.61
C LEU A 43 -4.83 2.25 -5.53
N VAL A 44 -5.29 1.89 -6.73
CA VAL A 44 -4.43 1.23 -7.70
C VAL A 44 -3.24 2.11 -8.09
N ALA A 45 -3.54 3.29 -8.63
CA ALA A 45 -2.50 4.22 -9.03
C ALA A 45 -1.59 4.59 -7.85
N TYR A 46 -2.20 4.79 -6.69
CA TYR A 46 -1.45 5.15 -5.49
C TYR A 46 -0.45 4.04 -5.14
N ALA A 47 -0.91 2.79 -5.16
CA ALA A 47 -0.06 1.66 -4.85
C ALA A 47 0.91 1.36 -5.99
N LYS A 48 0.50 1.70 -7.21
CA LYS A 48 1.33 1.46 -8.38
C LYS A 48 2.57 2.36 -8.37
N LYS A 49 2.40 3.57 -7.87
CA LYS A 49 3.51 4.52 -7.80
C LYS A 49 4.47 4.18 -6.66
N VAL A 50 3.93 3.70 -5.55
CA VAL A 50 4.73 3.33 -4.39
C VAL A 50 5.45 2.00 -4.63
N GLU A 51 4.69 0.98 -5.02
CA GLU A 51 5.27 -0.33 -5.27
C GLU A 51 6.50 -0.20 -6.18
N GLY A 52 6.35 0.56 -7.25
CA GLY A 52 7.47 0.77 -8.16
C GLY A 52 8.60 1.49 -7.46
N ASP A 53 8.25 2.32 -6.48
CA ASP A 53 9.23 3.06 -5.71
C ASP A 53 9.87 2.15 -4.66
N MET A 54 9.11 1.16 -4.20
CA MET A 54 9.59 0.21 -3.21
C MET A 54 10.72 -0.65 -3.77
N TYR A 55 10.51 -1.16 -4.97
CA TYR A 55 11.50 -2.01 -5.64
C TYR A 55 12.82 -1.26 -5.85
N GLU A 56 12.75 0.07 -5.87
CA GLU A 56 13.95 0.88 -6.07
C GLU A 56 14.62 1.24 -4.75
N SER A 57 13.82 1.36 -3.70
CA SER A 57 14.34 1.70 -2.37
C SER A 57 15.19 0.55 -1.83
N ALA A 58 14.65 -0.66 -1.90
CA ALA A 58 15.34 -1.85 -1.43
C ALA A 58 16.42 -2.26 -2.40
N ASN A 59 17.60 -2.50 -1.88
CA ASN A 59 18.68 -2.98 -2.71
C ASN A 59 18.78 -4.49 -2.53
N SER A 60 17.81 -5.03 -1.79
CA SER A 60 17.78 -6.46 -1.53
C SER A 60 16.35 -6.96 -1.37
N ARG A 61 16.19 -8.28 -1.31
CA ARG A 61 14.88 -8.90 -1.15
C ARG A 61 14.31 -8.62 0.24
N ASP A 62 15.03 -9.08 1.26
CA ASP A 62 14.60 -8.88 2.65
C ASP A 62 14.23 -7.43 2.89
N GLU A 63 15.07 -6.52 2.43
CA GLU A 63 14.82 -5.08 2.59
C GLU A 63 13.50 -4.70 1.95
N TYR A 64 13.32 -5.12 0.70
CA TYR A 64 12.09 -4.84 -0.04
C TYR A 64 10.86 -5.18 0.79
N TYR A 65 10.91 -6.31 1.46
CA TYR A 65 9.82 -6.76 2.31
C TYR A 65 9.81 -6.02 3.64
N HIS A 66 10.97 -5.54 4.06
CA HIS A 66 11.10 -4.83 5.33
C HIS A 66 10.53 -3.41 5.25
N LEU A 67 11.03 -2.61 4.32
CA LEU A 67 10.56 -1.24 4.16
C LEU A 67 9.12 -1.21 3.64
N LEU A 68 8.79 -2.18 2.81
CA LEU A 68 7.44 -2.27 2.23
C LEU A 68 6.42 -2.62 3.30
N ALA A 69 6.85 -3.39 4.29
CA ALA A 69 5.96 -3.80 5.38
C ALA A 69 5.77 -2.67 6.39
N GLU A 70 6.83 -1.89 6.60
CA GLU A 70 6.77 -0.76 7.54
C GLU A 70 5.66 0.21 7.16
N LYS A 71 5.58 0.53 5.87
CA LYS A 71 4.56 1.45 5.38
C LYS A 71 3.17 0.90 5.67
N ILE A 72 2.91 -0.32 5.22
CA ILE A 72 1.62 -0.96 5.44
C ILE A 72 1.36 -1.18 6.92
N TYR A 73 2.43 -1.41 7.67
CA TYR A 73 2.33 -1.63 9.11
C TYR A 73 1.94 -0.34 9.83
N LYS A 74 2.57 0.76 9.46
CA LYS A 74 2.29 2.05 10.08
C LYS A 74 0.92 2.57 9.65
N ILE A 75 0.63 2.48 8.36
CA ILE A 75 -0.65 2.94 7.83
C ILE A 75 -1.80 2.08 8.35
N GLN A 76 -1.53 0.80 8.57
CA GLN A 76 -2.54 -0.12 9.07
C GLN A 76 -3.00 0.28 10.46
N LYS A 77 -2.08 0.86 11.23
CA LYS A 77 -2.39 1.30 12.59
C LYS A 77 -3.23 2.57 12.60
N GLU A 78 -3.05 3.39 11.57
CA GLU A 78 -3.79 4.64 11.44
C GLU A 78 -5.28 4.39 11.25
N LEU A 79 -5.61 3.21 10.73
CA LEU A 79 -7.01 2.84 10.49
C LEU A 79 -7.83 2.95 11.77
N GLU A 80 -7.24 2.55 12.89
CA GLU A 80 -7.93 2.60 14.18
C GLU A 80 -8.35 4.03 14.52
N GLU A 81 -7.56 5.00 14.05
CA GLU A 81 -7.86 6.40 14.31
C GLU A 81 -9.01 6.89 13.43
N LYS A 82 -9.13 6.31 12.25
CA LYS A 82 -10.20 6.69 11.32
C LYS A 82 -11.52 6.05 11.73
N ARG A 83 -11.46 4.90 12.38
CA ARG A 83 -12.65 4.21 12.84
C ARG A 83 -13.26 4.90 14.06
N ARG A 84 -12.40 5.48 14.89
CA ARG A 84 -12.87 6.17 16.09
C ARG A 84 -13.21 7.63 15.79
N SER A 85 -13.00 8.05 14.56
CA SER A 85 -13.32 9.42 14.17
C SER A 85 -14.82 9.64 14.26
N ARG A 86 -15.58 8.56 14.43
CA ARG A 86 -17.03 8.64 14.53
C ARG A 86 -17.59 7.68 15.58
N LEU A 87 -16.75 6.76 15.99
CA LEU A 87 -17.11 5.76 16.98
C LEU A 87 -18.47 5.15 16.70
N GLY B 1 2.30 20.17 12.41
CA GLY B 1 1.19 21.16 12.32
C GLY B 1 -0.16 20.50 12.15
N SER B 2 -0.65 20.46 10.93
CA SER B 2 -1.95 19.85 10.63
C SER B 2 -1.77 18.50 9.94
N GLY B 3 -0.80 18.43 9.03
CA GLY B 3 -0.56 17.19 8.31
C GLY B 3 -0.13 17.44 6.88
N THR B 4 0.53 16.44 6.29
CA THR B 4 1.00 16.55 4.90
C THR B 4 -0.05 15.98 3.93
N ASP B 5 -0.25 14.68 4.00
CA ASP B 5 -1.21 14.00 3.14
C ASP B 5 -2.62 14.53 3.38
N LYS B 6 -3.52 14.26 2.44
CA LYS B 6 -4.91 14.70 2.55
C LYS B 6 -5.86 13.63 2.06
N GLU B 7 -5.58 13.08 0.87
CA GLU B 7 -6.41 12.05 0.29
C GLU B 7 -6.24 10.72 1.02
N LEU B 8 -5.05 10.51 1.59
CA LEU B 8 -4.75 9.30 2.32
C LEU B 8 -5.77 9.06 3.42
N SER B 9 -6.22 10.15 4.05
CA SER B 9 -7.20 10.07 5.13
C SER B 9 -8.60 9.86 4.57
N ASP B 10 -8.84 10.41 3.38
CA ASP B 10 -10.14 10.28 2.74
C ASP B 10 -10.39 8.84 2.29
N LEU B 11 -9.38 8.23 1.69
CA LEU B 11 -9.50 6.85 1.22
C LEU B 11 -9.78 5.89 2.37
N LEU B 12 -9.07 6.08 3.48
CA LEU B 12 -9.25 5.24 4.66
C LEU B 12 -10.67 5.33 5.18
N ASP B 13 -11.30 6.49 4.99
CA ASP B 13 -12.66 6.70 5.44
C ASP B 13 -13.62 5.74 4.75
N PHE B 14 -13.43 5.55 3.45
CA PHE B 14 -14.27 4.65 2.67
C PHE B 14 -14.20 3.22 3.22
N SER B 15 -13.06 2.87 3.78
CA SER B 15 -12.85 1.55 4.35
C SER B 15 -13.48 1.45 5.74
N ALA B 16 -13.26 2.48 6.55
CA ALA B 16 -13.79 2.51 7.91
C ALA B 16 -15.31 2.45 7.90
N MET B 17 -15.91 2.99 6.84
CA MET B 17 -17.36 3.01 6.72
C MET B 17 -17.93 1.58 6.74
N PHE B 18 -17.35 0.71 5.92
CA PHE B 18 -17.78 -0.68 5.86
C PHE B 18 -16.79 -1.60 6.54
N SER B 19 -17.09 -2.89 6.54
CA SER B 19 -16.22 -3.89 7.16
C SER B 19 -16.38 -5.25 6.49
N GLY A 1 27.05 -3.34 -15.97
CA GLY A 1 27.97 -3.57 -14.82
C GLY A 1 27.46 -4.68 -13.90
N VAL A 2 26.86 -4.29 -12.78
CA VAL A 2 26.33 -5.24 -11.82
C VAL A 2 25.00 -4.78 -11.26
N ARG A 3 24.37 -5.63 -10.46
CA ARG A 3 23.09 -5.31 -9.86
C ARG A 3 22.90 -6.05 -8.53
N LYS A 4 22.28 -5.39 -7.56
CA LYS A 4 22.03 -5.99 -6.26
C LYS A 4 21.38 -7.36 -6.40
N GLY A 5 21.47 -8.17 -5.34
CA GLY A 5 20.80 -9.45 -5.34
C GLY A 5 19.33 -9.18 -5.14
N TRP A 6 18.78 -8.47 -6.11
CA TRP A 6 17.40 -8.01 -6.08
C TRP A 6 16.38 -9.03 -6.57
N HIS A 7 16.48 -9.37 -7.83
CA HIS A 7 15.53 -10.29 -8.46
C HIS A 7 15.79 -11.75 -8.09
N GLU A 8 16.97 -12.01 -7.54
CA GLU A 8 17.34 -13.38 -7.15
C GLU A 8 16.21 -14.11 -6.44
N HIS A 9 15.60 -13.45 -5.46
CA HIS A 9 14.51 -14.08 -4.71
C HIS A 9 13.24 -13.22 -4.71
N VAL A 10 13.11 -12.34 -5.67
CA VAL A 10 11.92 -11.50 -5.78
C VAL A 10 11.07 -11.98 -6.93
N THR A 11 11.68 -12.13 -8.10
CA THR A 11 10.98 -12.62 -9.28
C THR A 11 9.72 -11.81 -9.56
N GLN A 12 9.12 -12.03 -10.73
CA GLN A 12 7.92 -11.32 -11.12
C GLN A 12 6.70 -11.83 -10.37
N ASP A 13 6.62 -13.15 -10.19
CA ASP A 13 5.51 -13.77 -9.48
C ASP A 13 5.42 -13.29 -8.04
N LEU A 14 6.51 -13.46 -7.29
CA LEU A 14 6.55 -13.03 -5.89
C LEU A 14 6.28 -11.54 -5.76
N ARG A 15 6.67 -10.78 -6.78
CA ARG A 15 6.45 -9.33 -6.77
C ARG A 15 4.97 -9.01 -6.79
N SER A 16 4.23 -9.66 -7.68
CA SER A 16 2.80 -9.44 -7.81
C SER A 16 2.09 -9.76 -6.50
N HIS A 17 2.63 -10.71 -5.74
CA HIS A 17 2.05 -11.11 -4.47
C HIS A 17 2.25 -10.03 -3.41
N LEU A 18 3.35 -9.28 -3.53
CA LEU A 18 3.65 -8.22 -2.58
C LEU A 18 2.86 -6.95 -2.91
N VAL A 19 2.56 -6.75 -4.20
CA VAL A 19 1.81 -5.58 -4.64
C VAL A 19 0.41 -5.58 -4.02
N HIS A 20 -0.14 -6.76 -3.78
CA HIS A 20 -1.47 -6.89 -3.20
C HIS A 20 -1.46 -6.44 -1.74
N LYS A 21 -0.34 -6.65 -1.05
CA LYS A 21 -0.22 -6.28 0.35
C LYS A 21 -0.43 -4.78 0.53
N LEU A 22 0.17 -3.99 -0.36
CA LEU A 22 0.03 -2.54 -0.30
C LEU A 22 -1.42 -2.12 -0.46
N VAL A 23 -2.17 -2.89 -1.23
CA VAL A 23 -3.58 -2.61 -1.46
C VAL A 23 -4.42 -2.96 -0.25
N GLN A 24 -3.97 -3.95 0.51
CA GLN A 24 -4.68 -4.38 1.72
C GLN A 24 -4.54 -3.36 2.83
N ALA A 25 -3.42 -2.64 2.83
CA ALA A 25 -3.16 -1.63 3.85
C ALA A 25 -4.27 -0.60 3.91
N ILE A 26 -4.52 0.06 2.78
CA ILE A 26 -5.55 1.07 2.70
C ILE A 26 -6.94 0.44 2.74
N PHE A 27 -7.06 -0.78 2.21
CA PHE A 27 -8.32 -1.50 2.19
C PHE A 27 -8.13 -2.96 2.58
N PRO A 28 -8.09 -3.25 3.89
CA PRO A 28 -7.91 -4.62 4.39
C PRO A 28 -9.13 -5.49 4.15
N THR A 29 -10.30 -4.96 4.47
CA THR A 29 -11.55 -5.70 4.28
C THR A 29 -11.96 -5.73 2.82
N PRO A 30 -12.67 -6.80 2.40
CA PRO A 30 -13.11 -6.95 1.01
C PRO A 30 -14.24 -5.98 0.67
N ASP A 31 -14.35 -5.64 -0.61
CA ASP A 31 -15.38 -4.71 -1.07
C ASP A 31 -15.60 -4.85 -2.58
N PRO A 32 -16.47 -5.78 -3.01
CA PRO A 32 -16.76 -5.99 -4.43
C PRO A 32 -17.33 -4.75 -5.09
N ALA A 33 -17.99 -3.91 -4.30
CA ALA A 33 -18.58 -2.68 -4.81
C ALA A 33 -17.52 -1.59 -4.98
N ALA A 34 -16.44 -1.69 -4.21
CA ALA A 34 -15.36 -0.72 -4.27
C ALA A 34 -14.73 -0.69 -5.66
N LEU A 35 -14.72 -1.84 -6.32
CA LEU A 35 -14.15 -1.95 -7.66
C LEU A 35 -14.85 -1.00 -8.63
N LYS A 36 -16.13 -0.77 -8.39
CA LYS A 36 -16.92 0.12 -9.24
C LYS A 36 -16.76 1.57 -8.79
N ASP A 37 -16.43 1.77 -7.51
CA ASP A 37 -16.26 3.11 -6.97
C ASP A 37 -15.13 3.84 -7.67
N ARG A 38 -15.35 5.11 -7.97
CA ARG A 38 -14.36 5.93 -8.65
C ARG A 38 -13.13 6.14 -7.76
N ARG A 39 -13.36 6.18 -6.45
CA ARG A 39 -12.27 6.38 -5.50
C ARG A 39 -11.24 5.26 -5.60
N MET A 40 -11.72 4.05 -5.86
CA MET A 40 -10.83 2.90 -5.99
C MET A 40 -9.81 3.11 -7.10
N GLU A 41 -10.19 3.89 -8.11
CA GLU A 41 -9.30 4.18 -9.23
C GLU A 41 -8.00 4.81 -8.74
N ASN A 42 -8.10 5.62 -7.68
CA ASN A 42 -6.94 6.29 -7.12
C ASN A 42 -6.15 5.33 -6.22
N LEU A 43 -6.87 4.41 -5.59
CA LEU A 43 -6.24 3.43 -4.70
C LEU A 43 -5.18 2.62 -5.44
N VAL A 44 -5.50 2.22 -6.67
CA VAL A 44 -4.58 1.42 -7.48
C VAL A 44 -3.37 2.26 -7.88
N ALA A 45 -3.62 3.37 -8.57
CA ALA A 45 -2.54 4.25 -9.02
C ALA A 45 -1.67 4.69 -7.85
N TYR A 46 -2.30 4.88 -6.68
CA TYR A 46 -1.57 5.29 -5.50
C TYR A 46 -0.59 4.21 -5.04
N ALA A 47 -1.10 2.99 -4.91
CA ALA A 47 -0.26 1.86 -4.49
C ALA A 47 0.73 1.48 -5.58
N LYS A 48 0.33 1.69 -6.84
CA LYS A 48 1.19 1.36 -7.98
C LYS A 48 2.44 2.23 -7.98
N LYS A 49 2.31 3.44 -7.46
CA LYS A 49 3.43 4.38 -7.41
C LYS A 49 4.39 4.01 -6.29
N VAL A 50 3.85 3.56 -5.17
CA VAL A 50 4.67 3.16 -4.03
C VAL A 50 5.35 1.83 -4.27
N GLU A 51 4.57 0.82 -4.65
CA GLU A 51 5.12 -0.51 -4.92
C GLU A 51 6.32 -0.40 -5.85
N GLY A 52 6.16 0.33 -6.95
CA GLY A 52 7.24 0.52 -7.88
C GLY A 52 8.40 1.23 -7.22
N ASP A 53 8.09 2.06 -6.24
CA ASP A 53 9.10 2.80 -5.49
C ASP A 53 9.77 1.89 -4.48
N MET A 54 9.02 0.91 -3.99
CA MET A 54 9.53 -0.04 -3.01
C MET A 54 10.66 -0.87 -3.60
N TYR A 55 10.51 -1.24 -4.87
CA TYR A 55 11.51 -2.03 -5.57
C TYR A 55 12.79 -1.23 -5.79
N GLU A 56 12.67 0.08 -5.80
CA GLU A 56 13.83 0.95 -6.01
C GLU A 56 14.52 1.30 -4.70
N SER A 57 13.72 1.43 -3.63
CA SER A 57 14.27 1.76 -2.32
C SER A 57 15.13 0.62 -1.79
N ALA A 58 14.57 -0.59 -1.82
CA ALA A 58 15.28 -1.77 -1.36
C ALA A 58 16.36 -2.15 -2.33
N ASN A 59 17.56 -2.34 -1.81
CA ASN A 59 18.66 -2.78 -2.64
C ASN A 59 18.80 -4.28 -2.46
N SER A 60 17.85 -4.87 -1.74
CA SER A 60 17.86 -6.30 -1.49
C SER A 60 16.44 -6.86 -1.37
N ARG A 61 16.34 -8.18 -1.26
CA ARG A 61 15.05 -8.83 -1.14
C ARG A 61 14.45 -8.61 0.25
N ASP A 62 15.19 -9.02 1.28
CA ASP A 62 14.74 -8.87 2.66
C ASP A 62 14.32 -7.43 2.94
N GLU A 63 15.04 -6.49 2.35
CA GLU A 63 14.74 -5.07 2.53
C GLU A 63 13.43 -4.71 1.84
N TYR A 64 13.22 -5.26 0.65
CA TYR A 64 12.00 -5.01 -0.11
C TYR A 64 10.77 -5.48 0.67
N TYR A 65 10.90 -6.62 1.32
CA TYR A 65 9.81 -7.19 2.10
C TYR A 65 9.65 -6.47 3.44
N HIS A 66 10.76 -5.97 3.96
CA HIS A 66 10.74 -5.26 5.24
C HIS A 66 10.28 -3.81 5.08
N LEU A 67 10.98 -3.08 4.20
CA LEU A 67 10.64 -1.67 3.95
C LEU A 67 9.18 -1.52 3.57
N LEU A 68 8.60 -2.55 2.99
CA LEU A 68 7.20 -2.52 2.57
C LEU A 68 6.28 -2.67 3.77
N ALA A 69 6.67 -3.52 4.72
CA ALA A 69 5.89 -3.75 5.92
C ALA A 69 5.69 -2.46 6.72
N GLU A 70 6.69 -1.59 6.68
CA GLU A 70 6.63 -0.32 7.39
C GLU A 70 5.45 0.52 6.90
N LYS A 71 5.19 0.46 5.60
CA LYS A 71 4.09 1.21 5.01
C LYS A 71 2.75 0.64 5.47
N ILE A 72 2.54 -0.65 5.24
CA ILE A 72 1.30 -1.31 5.63
C ILE A 72 1.15 -1.31 7.15
N TYR A 73 2.28 -1.35 7.85
CA TYR A 73 2.27 -1.35 9.31
C TYR A 73 1.79 -0.01 9.86
N LYS A 74 2.47 1.06 9.48
CA LYS A 74 2.11 2.40 9.93
C LYS A 74 0.68 2.75 9.53
N ILE A 75 0.33 2.45 8.28
CA ILE A 75 -1.01 2.74 7.78
C ILE A 75 -2.05 1.84 8.46
N GLN A 76 -1.62 0.64 8.85
CA GLN A 76 -2.52 -0.31 9.50
C GLN A 76 -3.04 0.26 10.82
N LYS A 77 -2.13 0.87 11.58
CA LYS A 77 -2.50 1.45 12.88
C LYS A 77 -3.25 2.76 12.68
N GLU A 78 -2.93 3.47 11.60
CA GLU A 78 -3.58 4.74 11.29
C GLU A 78 -5.09 4.56 11.14
N LEU A 79 -5.50 3.37 10.70
CA LEU A 79 -6.91 3.07 10.51
C LEU A 79 -7.69 3.28 11.81
N GLU A 80 -7.03 3.05 12.94
CA GLU A 80 -7.66 3.22 14.25
C GLU A 80 -7.84 4.69 14.58
N GLU A 81 -6.93 5.52 14.09
CA GLU A 81 -6.98 6.96 14.34
C GLU A 81 -8.13 7.60 13.56
N LYS A 82 -8.44 7.04 12.40
CA LYS A 82 -9.51 7.56 11.56
C LYS A 82 -10.87 7.34 12.22
N ARG A 83 -10.99 6.26 12.98
CA ARG A 83 -12.23 5.92 13.66
C ARG A 83 -12.50 6.92 14.79
N ARG A 84 -11.48 7.21 15.58
CA ARG A 84 -11.61 8.14 16.69
C ARG A 84 -11.57 9.58 16.22
N SER A 85 -11.36 9.78 14.92
CA SER A 85 -11.32 11.12 14.36
C SER A 85 -12.70 11.76 14.43
N ARG A 86 -13.71 10.97 14.81
CA ARG A 86 -15.08 11.46 14.92
C ARG A 86 -15.82 10.86 16.11
N LEU A 87 -15.23 9.80 16.64
CA LEU A 87 -15.81 9.10 17.79
C LEU A 87 -17.18 8.55 17.45
N GLY B 1 4.49 27.85 -0.64
CA GLY B 1 3.91 26.53 -1.01
C GLY B 1 4.07 25.50 0.09
N SER B 2 3.27 24.44 0.00
CA SER B 2 3.32 23.37 1.00
C SER B 2 2.47 22.19 0.58
N GLY B 3 3.11 21.02 0.44
CA GLY B 3 2.39 19.83 0.03
C GLY B 3 1.28 19.47 1.00
N THR B 4 0.40 18.56 0.58
CA THR B 4 -0.71 18.13 1.41
C THR B 4 -1.34 16.85 0.86
N ASP B 5 -1.77 15.97 1.76
CA ASP B 5 -2.39 14.71 1.37
C ASP B 5 -3.69 14.47 2.14
N LYS B 6 -4.81 14.73 1.48
CA LYS B 6 -6.11 14.54 2.11
C LYS B 6 -6.79 13.27 1.60
N GLU B 7 -6.52 12.93 0.33
CA GLU B 7 -7.10 11.75 -0.28
C GLU B 7 -6.70 10.49 0.49
N LEU B 8 -5.53 10.52 1.11
CA LEU B 8 -5.03 9.39 1.87
C LEU B 8 -6.04 8.96 2.94
N SER B 9 -6.71 9.95 3.53
CA SER B 9 -7.71 9.68 4.56
C SER B 9 -9.02 9.21 3.94
N ASP B 10 -9.31 9.69 2.72
CA ASP B 10 -10.53 9.31 2.02
C ASP B 10 -10.56 7.81 1.75
N LEU B 11 -9.40 7.25 1.43
CA LEU B 11 -9.29 5.82 1.13
C LEU B 11 -9.40 5.01 2.42
N LEU B 12 -8.94 5.57 3.52
CA LEU B 12 -8.99 4.89 4.81
C LEU B 12 -10.40 4.92 5.39
N ASP B 13 -11.09 6.04 5.19
CA ASP B 13 -12.46 6.19 5.69
C ASP B 13 -13.40 5.23 4.98
N PHE B 14 -13.10 4.92 3.72
CA PHE B 14 -13.92 4.02 2.93
C PHE B 14 -14.05 2.65 3.61
N SER B 15 -12.91 2.04 3.90
CA SER B 15 -12.89 0.74 4.54
C SER B 15 -13.19 0.86 6.04
N ALA B 16 -12.66 1.92 6.66
CA ALA B 16 -12.87 2.15 8.08
C ALA B 16 -14.35 2.30 8.39
N MET B 17 -15.11 2.87 7.45
CA MET B 17 -16.54 3.07 7.63
C MET B 17 -17.31 1.79 7.33
N PHE B 18 -16.87 1.07 6.30
CA PHE B 18 -17.53 -0.17 5.90
C PHE B 18 -17.25 -1.28 6.91
N SER B 19 -16.07 -1.24 7.51
CA SER B 19 -15.68 -2.24 8.50
C SER B 19 -15.67 -3.63 7.89
N GLY A 1 28.89 -1.81 -8.20
CA GLY A 1 29.16 -2.94 -7.26
C GLY A 1 27.91 -3.75 -6.96
N VAL A 2 27.97 -5.05 -7.22
CA VAL A 2 26.84 -5.94 -6.96
C VAL A 2 25.62 -5.50 -7.77
N ARG A 3 24.59 -6.34 -7.77
CA ARG A 3 23.37 -6.04 -8.50
C ARG A 3 22.18 -5.92 -7.55
N LYS A 4 22.43 -5.45 -6.34
CA LYS A 4 21.38 -5.29 -5.35
C LYS A 4 20.73 -6.63 -4.99
N GLY A 5 21.23 -7.76 -5.53
CA GLY A 5 20.61 -9.05 -5.24
C GLY A 5 19.10 -8.86 -5.17
N TRP A 6 18.61 -8.07 -6.11
CA TRP A 6 17.22 -7.67 -6.16
C TRP A 6 16.25 -8.75 -6.66
N HIS A 7 16.41 -9.15 -7.91
CA HIS A 7 15.51 -10.13 -8.50
C HIS A 7 15.83 -11.56 -8.10
N GLU A 8 17.01 -11.78 -7.55
CA GLU A 8 17.43 -13.12 -7.15
C GLU A 8 16.32 -13.89 -6.44
N HIS A 9 15.69 -13.24 -5.47
CA HIS A 9 14.60 -13.89 -4.72
C HIS A 9 13.34 -13.05 -4.71
N VAL A 10 13.22 -12.14 -5.68
CA VAL A 10 12.03 -11.31 -5.79
C VAL A 10 11.23 -11.72 -7.00
N THR A 11 11.91 -11.82 -8.14
CA THR A 11 11.29 -12.23 -9.39
C THR A 11 9.99 -11.48 -9.66
N GLN A 12 9.33 -11.81 -10.76
CA GLN A 12 8.09 -11.16 -11.14
C GLN A 12 6.92 -11.64 -10.28
N ASP A 13 6.75 -12.95 -10.20
CA ASP A 13 5.65 -13.55 -9.44
C ASP A 13 5.69 -13.12 -7.97
N LEU A 14 6.82 -13.36 -7.31
CA LEU A 14 6.97 -13.00 -5.91
C LEU A 14 6.78 -11.50 -5.70
N ARG A 15 7.11 -10.71 -6.72
CA ARG A 15 6.97 -9.26 -6.64
C ARG A 15 5.51 -8.86 -6.62
N SER A 16 4.74 -9.36 -7.58
CA SER A 16 3.32 -9.06 -7.68
C SER A 16 2.58 -9.49 -6.41
N HIS A 17 3.08 -10.55 -5.76
CA HIS A 17 2.47 -11.06 -4.55
C HIS A 17 2.57 -10.04 -3.43
N LEU A 18 3.62 -9.23 -3.44
CA LEU A 18 3.83 -8.22 -2.42
C LEU A 18 3.00 -6.97 -2.71
N VAL A 19 2.75 -6.72 -4.00
CA VAL A 19 1.97 -5.56 -4.41
C VAL A 19 0.58 -5.58 -3.77
N HIS A 20 0.06 -6.78 -3.53
CA HIS A 20 -1.26 -6.93 -2.94
C HIS A 20 -1.30 -6.31 -1.55
N LYS A 21 -0.15 -6.28 -0.88
CA LYS A 21 -0.06 -5.70 0.46
C LYS A 21 -0.52 -4.24 0.46
N LEU A 22 -0.10 -3.50 -0.56
CA LEU A 22 -0.47 -2.09 -0.67
C LEU A 22 -1.99 -1.94 -0.81
N VAL A 23 -2.60 -2.91 -1.48
CA VAL A 23 -4.05 -2.89 -1.69
C VAL A 23 -4.79 -3.24 -0.40
N GLN A 24 -4.15 -4.07 0.43
CA GLN A 24 -4.75 -4.49 1.69
C GLN A 24 -4.57 -3.42 2.76
N ALA A 25 -3.51 -2.63 2.65
CA ALA A 25 -3.22 -1.58 3.61
C ALA A 25 -4.37 -0.57 3.67
N ILE A 26 -4.59 0.15 2.59
CA ILE A 26 -5.65 1.15 2.52
C ILE A 26 -7.02 0.49 2.68
N PHE A 27 -7.13 -0.76 2.22
CA PHE A 27 -8.39 -1.49 2.31
C PHE A 27 -8.14 -2.97 2.60
N PRO A 28 -7.97 -3.34 3.88
CA PRO A 28 -7.72 -4.72 4.28
C PRO A 28 -8.95 -5.61 4.10
N THR A 29 -10.10 -5.12 4.54
CA THR A 29 -11.35 -5.87 4.43
C THR A 29 -11.85 -5.87 2.99
N PRO A 30 -12.52 -6.95 2.56
CA PRO A 30 -13.05 -7.07 1.21
C PRO A 30 -14.25 -6.15 0.97
N ASP A 31 -14.37 -5.66 -0.25
CA ASP A 31 -15.48 -4.77 -0.61
C ASP A 31 -15.79 -4.86 -2.10
N PRO A 32 -16.73 -5.74 -2.49
CA PRO A 32 -17.11 -5.92 -3.89
C PRO A 32 -17.71 -4.66 -4.49
N ALA A 33 -18.27 -3.81 -3.63
CA ALA A 33 -18.89 -2.57 -4.07
C ALA A 33 -17.83 -1.50 -4.31
N ALA A 34 -16.70 -1.61 -3.62
CA ALA A 34 -15.61 -0.65 -3.76
C ALA A 34 -15.04 -0.69 -5.17
N LEU A 35 -15.04 -1.87 -5.77
CA LEU A 35 -14.50 -2.04 -7.12
C LEU A 35 -15.25 -1.15 -8.10
N LYS A 36 -16.53 -0.91 -7.83
CA LYS A 36 -17.35 -0.07 -8.69
C LYS A 36 -17.18 1.41 -8.33
N ASP A 37 -16.78 1.67 -7.09
CA ASP A 37 -16.58 3.04 -6.62
C ASP A 37 -15.49 3.74 -7.43
N ARG A 38 -15.65 5.04 -7.63
CA ARG A 38 -14.69 5.82 -8.39
C ARG A 38 -13.41 6.04 -7.60
N ARG A 39 -13.55 6.09 -6.28
CA ARG A 39 -12.39 6.30 -5.40
C ARG A 39 -11.39 5.17 -5.56
N MET A 40 -11.89 3.94 -5.74
CA MET A 40 -11.03 2.78 -5.91
C MET A 40 -10.05 2.97 -7.06
N GLU A 41 -10.47 3.75 -8.06
CA GLU A 41 -9.63 4.02 -9.21
C GLU A 41 -8.31 4.65 -8.79
N ASN A 42 -8.37 5.46 -7.74
CA ASN A 42 -7.18 6.14 -7.22
C ASN A 42 -6.36 5.18 -6.35
N LEU A 43 -7.03 4.24 -5.69
CA LEU A 43 -6.36 3.27 -4.84
C LEU A 43 -5.33 2.47 -5.63
N VAL A 44 -5.72 2.02 -6.81
CA VAL A 44 -4.84 1.24 -7.68
C VAL A 44 -3.59 2.04 -8.04
N ALA A 45 -3.80 3.19 -8.67
CA ALA A 45 -2.70 4.05 -9.07
C ALA A 45 -1.80 4.40 -7.89
N TYR A 46 -2.43 4.67 -6.74
CA TYR A 46 -1.70 5.02 -5.53
C TYR A 46 -0.80 3.87 -5.09
N ALA A 47 -1.41 2.70 -4.85
CA ALA A 47 -0.65 1.53 -4.43
C ALA A 47 0.39 1.14 -5.47
N LYS A 48 0.00 1.21 -6.74
CA LYS A 48 0.91 0.86 -7.84
C LYS A 48 2.14 1.77 -7.83
N LYS A 49 1.95 3.00 -7.37
CA LYS A 49 3.04 3.97 -7.32
C LYS A 49 3.99 3.65 -6.17
N VAL A 50 3.43 3.32 -5.01
CA VAL A 50 4.23 2.99 -3.84
C VAL A 50 4.97 1.67 -4.05
N GLU A 51 4.23 0.61 -4.38
CA GLU A 51 4.84 -0.69 -4.61
C GLU A 51 6.02 -0.56 -5.58
N GLY A 52 5.80 0.17 -6.67
CA GLY A 52 6.86 0.38 -7.63
C GLY A 52 8.01 1.15 -7.01
N ASP A 53 7.67 1.98 -6.03
CA ASP A 53 8.67 2.78 -5.32
C ASP A 53 9.40 1.92 -4.29
N MET A 54 8.69 0.92 -3.77
CA MET A 54 9.27 0.01 -2.78
C MET A 54 10.39 -0.81 -3.39
N TYR A 55 10.26 -1.12 -4.68
CA TYR A 55 11.27 -1.90 -5.39
C TYR A 55 12.51 -1.05 -5.69
N GLU A 56 12.34 0.25 -5.71
CA GLU A 56 13.44 1.16 -6.01
C GLU A 56 14.18 1.59 -4.74
N SER A 57 13.49 1.50 -3.60
CA SER A 57 14.09 1.88 -2.32
C SER A 57 14.95 0.75 -1.76
N ALA A 58 14.45 -0.49 -1.87
CA ALA A 58 15.17 -1.66 -1.38
C ALA A 58 16.30 -2.02 -2.30
N ASN A 59 17.49 -2.11 -1.74
CA ASN A 59 18.65 -2.51 -2.50
C ASN A 59 18.75 -4.03 -2.46
N SER A 60 17.77 -4.65 -1.81
CA SER A 60 17.74 -6.11 -1.68
C SER A 60 16.32 -6.60 -1.39
N ARG A 61 16.10 -7.89 -1.61
CA ARG A 61 14.78 -8.48 -1.38
C ARG A 61 14.38 -8.32 0.09
N ASP A 62 15.29 -8.68 0.99
CA ASP A 62 15.02 -8.58 2.43
C ASP A 62 14.48 -7.20 2.79
N GLU A 63 15.15 -6.16 2.30
CA GLU A 63 14.74 -4.79 2.57
C GLU A 63 13.39 -4.51 1.93
N TYR A 64 13.15 -5.09 0.76
CA TYR A 64 11.90 -4.91 0.04
C TYR A 64 10.73 -5.44 0.86
N TYR A 65 10.94 -6.56 1.53
CA TYR A 65 9.91 -7.17 2.36
C TYR A 65 9.76 -6.44 3.69
N HIS A 66 10.87 -5.87 4.17
CA HIS A 66 10.87 -5.14 5.43
C HIS A 66 10.33 -3.72 5.25
N LEU A 67 10.97 -2.97 4.36
CA LEU A 67 10.55 -1.60 4.10
C LEU A 67 9.09 -1.55 3.65
N LEU A 68 8.62 -2.63 3.04
CA LEU A 68 7.24 -2.70 2.57
C LEU A 68 6.28 -3.00 3.72
N ALA A 69 6.69 -3.91 4.60
CA ALA A 69 5.88 -4.28 5.75
C ALA A 69 5.69 -3.10 6.69
N GLU A 70 6.73 -2.30 6.86
CA GLU A 70 6.67 -1.14 7.74
C GLU A 70 5.58 -0.17 7.30
N LYS A 71 5.49 0.05 5.99
CA LYS A 71 4.48 0.94 5.43
C LYS A 71 3.07 0.40 5.69
N ILE A 72 2.84 -0.83 5.25
CA ILE A 72 1.53 -1.46 5.43
C ILE A 72 1.24 -1.67 6.91
N TYR A 73 2.30 -1.85 7.70
CA TYR A 73 2.17 -2.05 9.14
C TYR A 73 1.64 -0.79 9.82
N LYS A 74 2.31 0.33 9.57
CA LYS A 74 1.91 1.60 10.17
C LYS A 74 0.57 2.07 9.62
N ILE A 75 0.42 1.99 8.29
CA ILE A 75 -0.82 2.41 7.65
C ILE A 75 -2.00 1.54 8.10
N GLN A 76 -1.71 0.29 8.44
CA GLN A 76 -2.74 -0.64 8.88
C GLN A 76 -3.45 -0.10 10.13
N LYS A 77 -2.66 0.21 11.17
CA LYS A 77 -3.20 0.73 12.41
C LYS A 77 -3.93 2.06 12.17
N GLU A 78 -3.47 2.81 11.18
CA GLU A 78 -4.06 4.10 10.86
C GLU A 78 -5.54 3.96 10.52
N LEU A 79 -5.92 2.77 10.05
CA LEU A 79 -7.32 2.50 9.69
C LEU A 79 -8.25 2.80 10.86
N GLU A 80 -7.95 2.23 12.02
CA GLU A 80 -8.76 2.44 13.21
C GLU A 80 -8.45 3.79 13.86
N GLU A 81 -7.20 4.23 13.72
CA GLU A 81 -6.78 5.50 14.29
C GLU A 81 -7.54 6.66 13.66
N LYS A 82 -7.98 6.49 12.42
CA LYS A 82 -8.72 7.53 11.71
C LYS A 82 -10.11 7.71 12.31
N ARG A 83 -10.64 6.65 12.91
CA ARG A 83 -11.96 6.69 13.52
C ARG A 83 -12.00 7.68 14.68
N ARG A 84 -10.95 7.67 15.51
CA ARG A 84 -10.87 8.57 16.64
C ARG A 84 -10.26 9.91 16.26
N SER A 85 -9.83 10.03 15.01
CA SER A 85 -9.25 11.27 14.52
C SER A 85 -10.29 12.39 14.61
N ARG A 86 -11.55 12.01 14.82
CA ARG A 86 -12.63 12.98 14.91
C ARG A 86 -13.64 12.61 15.98
N LEU A 87 -13.54 11.37 16.44
CA LEU A 87 -14.42 10.85 17.46
C LEU A 87 -15.87 10.86 16.99
N GLY B 1 -1.66 20.63 1.37
CA GLY B 1 -0.62 20.76 2.43
C GLY B 1 0.79 20.76 1.86
N SER B 2 1.30 19.57 1.54
CA SER B 2 2.63 19.43 0.98
C SER B 2 2.64 18.46 -0.19
N GLY B 3 2.17 17.25 0.06
CA GLY B 3 2.13 16.23 -0.99
C GLY B 3 2.34 14.83 -0.45
N THR B 4 2.28 13.85 -1.34
CA THR B 4 2.47 12.46 -0.96
C THR B 4 1.30 11.96 -0.11
N ASP B 5 1.20 12.48 1.11
CA ASP B 5 0.13 12.09 2.02
C ASP B 5 -1.12 12.94 1.79
N LYS B 6 -1.91 12.56 0.78
CA LYS B 6 -3.12 13.29 0.46
C LYS B 6 -4.31 12.33 0.31
N GLU B 7 -4.27 11.53 -0.75
CA GLU B 7 -5.34 10.57 -1.02
C GLU B 7 -5.41 9.52 0.09
N LEU B 8 -4.28 9.28 0.75
CA LEU B 8 -4.22 8.29 1.83
C LEU B 8 -5.27 8.59 2.89
N SER B 9 -5.54 9.88 3.10
CA SER B 9 -6.52 10.30 4.09
C SER B 9 -7.94 10.11 3.57
N ASP B 10 -8.12 10.33 2.26
CA ASP B 10 -9.42 10.19 1.64
C ASP B 10 -9.75 8.72 1.39
N LEU B 11 -8.72 7.92 1.13
CA LEU B 11 -8.89 6.50 0.87
C LEU B 11 -9.11 5.73 2.17
N LEU B 12 -8.31 6.04 3.18
CA LEU B 12 -8.41 5.39 4.47
C LEU B 12 -9.79 5.59 5.08
N ASP B 13 -10.35 6.78 4.89
CA ASP B 13 -11.67 7.10 5.43
C ASP B 13 -12.75 6.27 4.73
N PHE B 14 -12.56 6.03 3.44
CA PHE B 14 -13.52 5.26 2.66
C PHE B 14 -13.66 3.84 3.22
N SER B 15 -12.55 3.30 3.74
CA SER B 15 -12.56 1.97 4.31
C SER B 15 -12.98 2.00 5.77
N ALA B 16 -12.59 3.06 6.47
CA ALA B 16 -12.93 3.21 7.88
C ALA B 16 -14.44 3.25 8.09
N MET B 17 -15.15 3.77 7.09
CA MET B 17 -16.61 3.86 7.16
C MET B 17 -17.24 2.47 7.22
N PHE B 18 -16.96 1.66 6.22
CA PHE B 18 -17.50 0.30 6.16
C PHE B 18 -16.45 -0.73 6.57
N SER B 19 -16.59 -1.26 7.77
CA SER B 19 -15.65 -2.26 8.28
C SER B 19 -15.92 -3.62 7.68
N GLY A 1 31.40 -9.04 -7.55
CA GLY A 1 31.33 -9.04 -6.06
C GLY A 1 29.90 -9.04 -5.54
N VAL A 2 29.22 -7.91 -5.70
CA VAL A 2 27.83 -7.78 -5.24
C VAL A 2 26.92 -7.34 -6.38
N ARG A 3 25.63 -7.24 -6.09
CA ARG A 3 24.66 -6.82 -7.10
C ARG A 3 23.32 -6.47 -6.45
N LYS A 4 23.37 -5.90 -5.24
CA LYS A 4 22.15 -5.53 -4.55
C LYS A 4 21.28 -6.75 -4.25
N GLY A 5 21.78 -7.98 -4.55
CA GLY A 5 20.97 -9.17 -4.31
C GLY A 5 19.51 -8.85 -4.50
N TRP A 6 19.24 -8.15 -5.61
CA TRP A 6 17.91 -7.67 -5.92
C TRP A 6 17.00 -8.73 -6.56
N HIS A 7 17.36 -9.18 -7.74
CA HIS A 7 16.55 -10.14 -8.48
C HIS A 7 16.64 -11.55 -7.90
N GLU A 8 17.58 -11.76 -7.01
CA GLU A 8 17.82 -13.08 -6.42
C GLU A 8 16.53 -13.80 -6.02
N HIS A 9 15.67 -13.18 -5.23
CA HIS A 9 14.46 -13.86 -4.79
C HIS A 9 13.20 -12.97 -4.81
N VAL A 10 13.11 -12.05 -5.76
CA VAL A 10 11.92 -11.20 -5.85
C VAL A 10 11.01 -11.73 -6.96
N THR A 11 11.53 -11.71 -8.19
CA THR A 11 10.78 -12.20 -9.34
C THR A 11 9.43 -11.49 -9.46
N GLN A 12 8.77 -11.69 -10.60
CA GLN A 12 7.48 -11.07 -10.85
C GLN A 12 6.37 -11.75 -10.04
N ASP A 13 6.50 -13.07 -9.89
CA ASP A 13 5.51 -13.84 -9.13
C ASP A 13 5.44 -13.36 -7.69
N LEU A 14 6.58 -13.38 -7.00
CA LEU A 14 6.63 -12.94 -5.60
C LEU A 14 6.31 -11.46 -5.49
N ARG A 15 6.77 -10.68 -6.46
CA ARG A 15 6.53 -9.24 -6.46
C ARG A 15 5.05 -8.93 -6.61
N SER A 16 4.41 -9.59 -7.58
CA SER A 16 2.99 -9.39 -7.83
C SER A 16 2.17 -9.70 -6.59
N HIS A 17 2.66 -10.64 -5.78
CA HIS A 17 1.96 -11.03 -4.56
C HIS A 17 2.09 -9.96 -3.49
N LEU A 18 3.20 -9.22 -3.52
CA LEU A 18 3.44 -8.16 -2.56
C LEU A 18 2.72 -6.88 -2.95
N VAL A 19 2.54 -6.68 -4.26
CA VAL A 19 1.87 -5.49 -4.77
C VAL A 19 0.45 -5.38 -4.19
N HIS A 20 -0.15 -6.54 -3.92
CA HIS A 20 -1.50 -6.56 -3.37
C HIS A 20 -1.50 -6.12 -1.91
N LYS A 21 -0.38 -6.37 -1.23
CA LYS A 21 -0.25 -5.99 0.18
C LYS A 21 -0.47 -4.49 0.36
N LEU A 22 0.08 -3.70 -0.56
CA LEU A 22 -0.06 -2.26 -0.52
C LEU A 22 -1.53 -1.85 -0.61
N VAL A 23 -2.29 -2.61 -1.40
CA VAL A 23 -3.71 -2.35 -1.58
C VAL A 23 -4.50 -2.84 -0.38
N GLN A 24 -4.01 -3.90 0.25
CA GLN A 24 -4.67 -4.48 1.42
C GLN A 24 -4.49 -3.59 2.64
N ALA A 25 -3.37 -2.89 2.70
CA ALA A 25 -3.09 -2.00 3.83
C ALA A 25 -4.15 -0.92 3.96
N ILE A 26 -4.49 -0.30 2.83
CA ILE A 26 -5.49 0.76 2.81
C ILE A 26 -6.89 0.19 2.95
N PHE A 27 -7.13 -0.95 2.32
CA PHE A 27 -8.43 -1.61 2.38
C PHE A 27 -8.27 -3.11 2.69
N PRO A 28 -7.92 -3.44 3.94
CA PRO A 28 -7.74 -4.84 4.35
C PRO A 28 -8.97 -5.70 4.07
N THR A 29 -10.07 -5.36 4.72
CA THR A 29 -11.32 -6.10 4.55
C THR A 29 -11.77 -6.06 3.08
N PRO A 30 -12.44 -7.14 2.61
CA PRO A 30 -12.92 -7.23 1.24
C PRO A 30 -14.09 -6.29 0.97
N ASP A 31 -14.17 -5.78 -0.24
CA ASP A 31 -15.24 -4.87 -0.63
C ASP A 31 -15.55 -4.97 -2.12
N PRO A 32 -16.49 -5.85 -2.50
CA PRO A 32 -16.87 -6.03 -3.91
C PRO A 32 -17.44 -4.76 -4.53
N ALA A 33 -18.02 -3.91 -3.68
CA ALA A 33 -18.60 -2.66 -4.14
C ALA A 33 -17.53 -1.60 -4.37
N ALA A 34 -16.42 -1.73 -3.64
CA ALA A 34 -15.32 -0.78 -3.76
C ALA A 34 -14.69 -0.84 -5.16
N LEU A 35 -14.68 -2.05 -5.73
CA LEU A 35 -14.11 -2.25 -7.06
C LEU A 35 -14.83 -1.39 -8.09
N LYS A 36 -16.13 -1.16 -7.87
CA LYS A 36 -16.94 -0.36 -8.78
C LYS A 36 -16.88 1.12 -8.38
N ASP A 37 -16.61 1.39 -7.12
CA ASP A 37 -16.54 2.76 -6.62
C ASP A 37 -15.47 3.54 -7.36
N ARG A 38 -15.74 4.81 -7.63
CA ARG A 38 -14.80 5.68 -8.33
C ARG A 38 -13.58 5.96 -7.47
N ARG A 39 -13.76 5.97 -6.15
CA ARG A 39 -12.67 6.23 -5.23
C ARG A 39 -11.55 5.21 -5.40
N MET A 40 -11.92 3.96 -5.62
CA MET A 40 -10.94 2.88 -5.81
C MET A 40 -10.05 3.17 -7.00
N GLU A 41 -10.58 3.90 -7.98
CA GLU A 41 -9.82 4.24 -9.17
C GLU A 41 -8.54 4.99 -8.81
N ASN A 42 -8.60 5.75 -7.72
CA ASN A 42 -7.43 6.49 -7.26
C ASN A 42 -6.47 5.59 -6.50
N LEU A 43 -7.02 4.60 -5.80
CA LEU A 43 -6.20 3.68 -5.02
C LEU A 43 -5.24 2.92 -5.94
N VAL A 44 -5.74 2.47 -7.08
CA VAL A 44 -4.92 1.74 -8.04
C VAL A 44 -3.75 2.58 -8.51
N ALA A 45 -4.04 3.73 -9.10
CA ALA A 45 -3.01 4.62 -9.61
C ALA A 45 -2.01 4.99 -8.51
N TYR A 46 -2.52 5.27 -7.32
CA TYR A 46 -1.67 5.62 -6.19
C TYR A 46 -0.72 4.47 -5.86
N ALA A 47 -1.27 3.30 -5.59
CA ALA A 47 -0.47 2.13 -5.26
C ALA A 47 0.42 1.73 -6.43
N LYS A 48 -0.03 2.03 -7.64
CA LYS A 48 0.74 1.70 -8.84
C LYS A 48 2.04 2.50 -8.90
N LYS A 49 1.96 3.77 -8.50
CA LYS A 49 3.13 4.63 -8.51
C LYS A 49 4.01 4.39 -7.28
N VAL A 50 3.38 4.11 -6.15
CA VAL A 50 4.11 3.86 -4.91
C VAL A 50 4.73 2.47 -4.91
N GLU A 51 3.96 1.46 -5.31
CA GLU A 51 4.47 0.09 -5.35
C GLU A 51 5.82 0.05 -6.05
N GLY A 52 5.91 0.70 -7.21
CA GLY A 52 7.15 0.74 -7.94
C GLY A 52 8.24 1.43 -7.13
N ASP A 53 7.82 2.40 -6.33
CA ASP A 53 8.74 3.15 -5.47
C ASP A 53 9.08 2.33 -4.24
N MET A 54 8.16 1.46 -3.84
CA MET A 54 8.36 0.61 -2.67
C MET A 54 9.35 -0.51 -2.97
N TYR A 55 9.31 -1.01 -4.20
CA TYR A 55 10.21 -2.08 -4.62
C TYR A 55 11.65 -1.59 -4.66
N GLU A 56 11.89 -0.51 -5.40
CA GLU A 56 13.23 0.06 -5.53
C GLU A 56 13.80 0.45 -4.17
N SER A 57 12.94 0.82 -3.24
CA SER A 57 13.38 1.23 -1.90
C SER A 57 14.36 0.22 -1.31
N ALA A 58 14.24 -1.03 -1.73
CA ALA A 58 15.12 -2.10 -1.25
C ALA A 58 16.29 -2.32 -2.17
N ASN A 59 17.49 -2.31 -1.59
CA ASN A 59 18.67 -2.58 -2.37
C ASN A 59 18.76 -4.08 -2.58
N SER A 60 17.85 -4.81 -1.94
CA SER A 60 17.83 -6.27 -2.05
C SER A 60 16.43 -6.82 -1.81
N ARG A 61 16.29 -8.13 -1.91
CA ARG A 61 15.01 -8.79 -1.71
C ARG A 61 14.56 -8.67 -0.26
N ASP A 62 15.36 -9.21 0.65
CA ASP A 62 15.06 -9.17 2.08
C ASP A 62 14.62 -7.79 2.53
N GLU A 63 15.38 -6.78 2.15
CA GLU A 63 15.06 -5.39 2.51
C GLU A 63 13.68 -4.99 2.00
N TYR A 64 13.31 -5.51 0.83
CA TYR A 64 12.02 -5.19 0.23
C TYR A 64 10.88 -5.78 1.07
N TYR A 65 11.15 -6.89 1.74
CA TYR A 65 10.14 -7.55 2.56
C TYR A 65 9.95 -6.82 3.89
N HIS A 66 11.07 -6.43 4.51
CA HIS A 66 11.02 -5.73 5.79
C HIS A 66 10.69 -4.26 5.59
N LEU A 67 11.08 -3.70 4.44
CA LEU A 67 10.83 -2.30 4.15
C LEU A 67 9.36 -2.06 3.83
N LEU A 68 8.84 -2.82 2.86
CA LEU A 68 7.45 -2.69 2.46
C LEU A 68 6.50 -2.94 3.63
N ALA A 69 6.88 -3.89 4.50
CA ALA A 69 6.07 -4.23 5.66
C ALA A 69 5.86 -3.01 6.56
N GLU A 70 6.87 -2.15 6.63
CA GLU A 70 6.79 -0.95 7.45
C GLU A 70 5.62 -0.07 7.02
N LYS A 71 5.44 0.07 5.71
CA LYS A 71 4.35 0.88 5.18
C LYS A 71 3.00 0.29 5.57
N ILE A 72 2.79 -0.98 5.23
CA ILE A 72 1.54 -1.65 5.56
C ILE A 72 1.35 -1.75 7.08
N TYR A 73 2.46 -1.85 7.79
CA TYR A 73 2.44 -1.94 9.25
C TYR A 73 2.08 -0.59 9.87
N LYS A 74 2.58 0.48 9.28
CA LYS A 74 2.32 1.82 9.77
C LYS A 74 0.93 2.30 9.35
N ILE A 75 0.59 2.08 8.07
CA ILE A 75 -0.70 2.49 7.55
C ILE A 75 -1.83 1.70 8.20
N GLN A 76 -1.55 0.44 8.54
CA GLN A 76 -2.55 -0.41 9.17
C GLN A 76 -3.02 0.17 10.50
N LYS A 77 -2.07 0.47 11.38
CA LYS A 77 -2.38 1.05 12.68
C LYS A 77 -3.02 2.43 12.52
N GLU A 78 -2.64 3.14 11.47
CA GLU A 78 -3.16 4.47 11.21
C GLU A 78 -4.64 4.41 10.84
N LEU A 79 -5.05 3.31 10.20
CA LEU A 79 -6.43 3.12 9.78
C LEU A 79 -7.36 3.15 10.99
N GLU A 80 -6.85 2.70 12.14
CA GLU A 80 -7.65 2.68 13.36
C GLU A 80 -7.89 4.09 13.89
N GLU A 81 -6.93 4.98 13.63
CA GLU A 81 -7.03 6.37 14.07
C GLU A 81 -8.25 7.04 13.45
N LYS A 82 -8.60 6.62 12.24
CA LYS A 82 -9.75 7.20 11.53
C LYS A 82 -11.03 6.99 12.33
N ARG A 83 -11.09 5.89 13.07
CA ARG A 83 -12.27 5.58 13.88
C ARG A 83 -12.27 6.39 15.17
N ARG A 84 -11.11 6.48 15.81
CA ARG A 84 -11.00 7.23 17.06
C ARG A 84 -10.89 8.73 16.78
N SER A 85 -10.85 9.12 15.52
CA SER A 85 -10.79 10.52 15.16
C SER A 85 -12.05 11.24 15.64
N ARG A 86 -13.06 10.45 16.03
CA ARG A 86 -14.32 11.02 16.51
C ARG A 86 -14.86 10.26 17.71
N LEU A 87 -14.28 9.10 17.94
CA LEU A 87 -14.68 8.24 19.05
C LEU A 87 -16.13 7.81 18.91
N GLY B 1 2.83 18.97 9.58
CA GLY B 1 2.10 20.23 9.27
C GLY B 1 1.69 20.32 7.80
N SER B 2 2.20 21.34 7.11
CA SER B 2 1.89 21.53 5.70
C SER B 2 2.89 20.78 4.83
N GLY B 3 2.43 19.69 4.23
CA GLY B 3 3.29 18.89 3.36
C GLY B 3 3.15 17.40 3.61
N THR B 4 1.92 16.90 3.47
CA THR B 4 1.65 15.48 3.67
C THR B 4 0.59 14.98 2.69
N ASP B 5 0.28 13.70 2.78
CA ASP B 5 -0.72 13.09 1.90
C ASP B 5 -2.13 13.47 2.34
N LYS B 6 -2.94 13.91 1.39
CA LYS B 6 -4.32 14.30 1.67
C LYS B 6 -5.30 13.26 1.17
N GLU B 7 -4.96 12.61 0.06
CA GLU B 7 -5.81 11.58 -0.53
C GLU B 7 -5.67 10.26 0.24
N LEU B 8 -4.51 10.04 0.83
CA LEU B 8 -4.26 8.82 1.60
C LEU B 8 -5.31 8.65 2.69
N SER B 9 -5.73 9.76 3.29
CA SER B 9 -6.72 9.72 4.34
C SER B 9 -8.12 9.55 3.76
N ASP B 10 -8.33 10.09 2.56
CA ASP B 10 -9.62 9.99 1.90
C ASP B 10 -10.02 8.54 1.66
N LEU B 11 -9.03 7.70 1.37
CA LEU B 11 -9.28 6.29 1.13
C LEU B 11 -9.42 5.53 2.45
N LEU B 12 -8.73 6.00 3.48
CA LEU B 12 -8.78 5.36 4.78
C LEU B 12 -10.20 5.39 5.35
N ASP B 13 -10.83 6.56 5.30
CA ASP B 13 -12.18 6.72 5.81
C ASP B 13 -13.15 5.81 5.06
N PHE B 14 -12.88 5.58 3.79
CA PHE B 14 -13.73 4.73 2.97
C PHE B 14 -13.80 3.31 3.54
N SER B 15 -12.64 2.80 3.97
CA SER B 15 -12.58 1.47 4.54
C SER B 15 -13.21 1.42 5.93
N ALA B 16 -13.11 2.53 6.65
CA ALA B 16 -13.68 2.63 7.99
C ALA B 16 -15.19 2.78 7.94
N MET B 17 -15.67 3.55 6.96
CA MET B 17 -17.10 3.78 6.81
C MET B 17 -17.83 2.49 6.47
N PHE B 18 -17.29 1.75 5.51
CA PHE B 18 -17.89 0.48 5.10
C PHE B 18 -16.83 -0.61 4.97
N SER B 19 -16.85 -1.56 5.89
CA SER B 19 -15.89 -2.67 5.88
C SER B 19 -16.28 -3.72 4.84
N GLY A 1 23.52 -2.51 -17.13
CA GLY A 1 24.89 -2.79 -16.61
C GLY A 1 24.88 -3.73 -15.42
N VAL A 2 24.90 -3.15 -14.23
CA VAL A 2 24.90 -3.94 -12.99
C VAL A 2 23.66 -3.63 -12.15
N ARG A 3 23.48 -4.40 -11.07
CA ARG A 3 22.34 -4.20 -10.19
C ARG A 3 22.38 -5.18 -9.02
N LYS A 4 21.89 -4.75 -7.86
CA LYS A 4 21.86 -5.59 -6.68
C LYS A 4 21.23 -6.94 -6.98
N GLY A 5 21.45 -7.91 -6.09
CA GLY A 5 20.80 -9.20 -6.25
C GLY A 5 19.35 -9.02 -5.87
N TRP A 6 18.68 -8.20 -6.66
CA TRP A 6 17.31 -7.80 -6.42
C TRP A 6 16.28 -8.76 -6.96
N HIS A 7 16.25 -8.88 -8.26
CA HIS A 7 15.28 -9.73 -8.95
C HIS A 7 15.52 -11.21 -8.69
N GLU A 8 16.69 -11.54 -8.16
CA GLU A 8 17.05 -12.93 -7.90
C GLU A 8 15.92 -13.71 -7.25
N HIS A 9 15.39 -13.20 -6.14
CA HIS A 9 14.32 -13.91 -5.44
C HIS A 9 13.05 -13.07 -5.29
N VAL A 10 12.86 -12.10 -6.19
CA VAL A 10 11.65 -11.27 -6.15
C VAL A 10 10.76 -11.63 -7.33
N THR A 11 11.32 -11.54 -8.53
CA THR A 11 10.59 -11.88 -9.75
C THR A 11 9.19 -11.26 -9.76
N GLN A 12 8.41 -11.61 -10.77
CA GLN A 12 7.05 -11.09 -10.91
C GLN A 12 6.10 -11.76 -9.92
N ASP A 13 6.17 -13.09 -9.83
CA ASP A 13 5.29 -13.85 -8.94
C ASP A 13 5.40 -13.36 -7.50
N LEU A 14 6.61 -13.35 -6.96
CA LEU A 14 6.83 -12.92 -5.58
C LEU A 14 6.52 -11.43 -5.42
N ARG A 15 6.96 -10.64 -6.39
CA ARG A 15 6.72 -9.19 -6.36
C ARG A 15 5.23 -8.89 -6.35
N SER A 16 4.50 -9.48 -7.28
CA SER A 16 3.06 -9.27 -7.37
C SER A 16 2.36 -9.68 -6.07
N HIS A 17 2.82 -10.76 -5.47
CA HIS A 17 2.25 -11.25 -4.23
C HIS A 17 2.35 -10.20 -3.13
N LEU A 18 3.37 -9.36 -3.21
CA LEU A 18 3.59 -8.30 -2.23
C LEU A 18 2.72 -7.09 -2.53
N VAL A 19 2.43 -6.87 -3.82
CA VAL A 19 1.61 -5.74 -4.23
C VAL A 19 0.25 -5.77 -3.55
N HIS A 20 -0.29 -6.97 -3.37
CA HIS A 20 -1.59 -7.13 -2.73
C HIS A 20 -1.56 -6.62 -1.29
N LYS A 21 -0.40 -6.73 -0.66
CA LYS A 21 -0.24 -6.27 0.71
C LYS A 21 -0.53 -4.78 0.83
N LEU A 22 0.00 -4.01 -0.11
CA LEU A 22 -0.19 -2.56 -0.12
C LEU A 22 -1.68 -2.23 -0.24
N VAL A 23 -2.39 -3.01 -1.05
CA VAL A 23 -3.82 -2.80 -1.25
C VAL A 23 -4.60 -3.05 0.03
N GLN A 24 -4.08 -3.94 0.87
CA GLN A 24 -4.73 -4.27 2.13
C GLN A 24 -4.58 -3.14 3.14
N ALA A 25 -3.48 -2.41 3.03
CA ALA A 25 -3.20 -1.29 3.94
C ALA A 25 -4.34 -0.28 3.90
N ILE A 26 -4.66 0.21 2.71
CA ILE A 26 -5.74 1.18 2.53
C ILE A 26 -7.10 0.53 2.70
N PHE A 27 -7.26 -0.66 2.13
CA PHE A 27 -8.52 -1.38 2.22
C PHE A 27 -8.29 -2.83 2.66
N PRO A 28 -8.15 -3.06 3.97
CA PRO A 28 -7.93 -4.40 4.52
C PRO A 28 -8.91 -5.42 4.00
N THR A 29 -10.20 -5.22 4.30
CA THR A 29 -11.24 -6.14 3.85
C THR A 29 -11.64 -5.85 2.41
N PRO A 30 -11.89 -6.91 1.61
CA PRO A 30 -12.28 -6.76 0.20
C PRO A 30 -13.74 -6.38 0.05
N ASP A 31 -14.17 -6.21 -1.20
CA ASP A 31 -15.56 -5.85 -1.49
C ASP A 31 -15.80 -5.78 -2.99
N PRO A 32 -16.86 -6.43 -3.49
CA PRO A 32 -17.18 -6.42 -4.93
C PRO A 32 -17.69 -5.06 -5.40
N ALA A 33 -18.33 -4.33 -4.49
CA ALA A 33 -18.87 -3.01 -4.80
C ALA A 33 -17.76 -1.95 -4.77
N ALA A 34 -16.77 -2.17 -3.91
CA ALA A 34 -15.66 -1.25 -3.78
C ALA A 34 -14.86 -1.15 -5.08
N LEU A 35 -14.72 -2.28 -5.76
CA LEU A 35 -13.98 -2.33 -7.02
C LEU A 35 -14.57 -1.35 -8.03
N LYS A 36 -15.88 -1.14 -7.94
CA LYS A 36 -16.57 -0.23 -8.84
C LYS A 36 -16.54 1.21 -8.31
N ASP A 37 -16.38 1.34 -6.99
CA ASP A 37 -16.34 2.66 -6.36
C ASP A 37 -15.20 3.50 -6.94
N ARG A 38 -15.30 4.81 -6.73
CA ARG A 38 -14.27 5.73 -7.24
C ARG A 38 -12.99 5.63 -6.43
N ARG A 39 -13.13 5.27 -5.15
CA ARG A 39 -11.97 5.12 -4.28
C ARG A 39 -10.96 4.14 -4.85
N MET A 40 -11.45 2.99 -5.29
CA MET A 40 -10.58 1.96 -5.87
C MET A 40 -9.81 2.51 -7.07
N GLU A 41 -10.42 3.44 -7.79
CA GLU A 41 -9.78 4.04 -8.95
C GLU A 41 -8.45 4.67 -8.57
N ASN A 42 -8.41 5.31 -7.41
CA ASN A 42 -7.20 5.94 -6.92
C ASN A 42 -6.26 4.91 -6.29
N LEU A 43 -6.85 3.85 -5.72
CA LEU A 43 -6.07 2.80 -5.09
C LEU A 43 -5.12 2.15 -6.09
N VAL A 44 -5.62 1.87 -7.29
CA VAL A 44 -4.82 1.26 -8.34
C VAL A 44 -3.64 2.15 -8.72
N ALA A 45 -3.94 3.36 -9.17
CA ALA A 45 -2.91 4.31 -9.56
C ALA A 45 -1.99 4.64 -8.40
N TYR A 46 -2.58 4.83 -7.22
CA TYR A 46 -1.81 5.15 -6.02
C TYR A 46 -0.82 4.03 -5.70
N ALA A 47 -1.32 2.80 -5.65
CA ALA A 47 -0.47 1.65 -5.36
C ALA A 47 0.55 1.43 -6.45
N LYS A 48 0.22 1.84 -7.67
CA LYS A 48 1.11 1.69 -8.81
C LYS A 48 2.33 2.61 -8.68
N LYS A 49 2.10 3.81 -8.15
CA LYS A 49 3.18 4.78 -7.98
C LYS A 49 3.98 4.49 -6.72
N VAL A 50 3.30 4.02 -5.67
CA VAL A 50 3.94 3.71 -4.42
C VAL A 50 4.72 2.40 -4.51
N GLU A 51 4.10 1.37 -5.08
CA GLU A 51 4.75 0.07 -5.22
C GLU A 51 6.12 0.25 -5.84
N GLY A 52 6.19 1.06 -6.90
CA GLY A 52 7.46 1.31 -7.54
C GLY A 52 8.43 1.98 -6.58
N ASP A 53 7.87 2.77 -5.67
CA ASP A 53 8.66 3.46 -4.66
C ASP A 53 9.04 2.50 -3.54
N MET A 54 8.19 1.50 -3.32
CA MET A 54 8.43 0.50 -2.28
C MET A 54 9.46 -0.51 -2.74
N TYR A 55 9.27 -1.06 -3.93
CA TYR A 55 10.18 -2.04 -4.49
C TYR A 55 11.57 -1.45 -4.68
N GLU A 56 11.66 -0.13 -4.80
CA GLU A 56 12.95 0.52 -5.00
C GLU A 56 13.63 0.87 -3.67
N SER A 57 12.84 1.09 -2.64
CA SER A 57 13.37 1.43 -1.32
C SER A 57 14.40 0.40 -0.86
N ALA A 58 14.29 -0.82 -1.39
CA ALA A 58 15.19 -1.91 -1.05
C ALA A 58 16.27 -2.08 -2.08
N ASN A 59 17.49 -2.29 -1.62
CA ASN A 59 18.59 -2.55 -2.53
C ASN A 59 18.87 -4.04 -2.47
N SER A 60 18.04 -4.73 -1.69
CA SER A 60 18.15 -6.18 -1.52
C SER A 60 16.78 -6.82 -1.37
N ARG A 61 16.75 -8.14 -1.27
CA ARG A 61 15.49 -8.87 -1.13
C ARG A 61 14.92 -8.71 0.28
N ASP A 62 15.70 -9.14 1.27
CA ASP A 62 15.27 -9.05 2.67
C ASP A 62 14.90 -7.62 3.04
N GLU A 63 15.55 -6.66 2.40
CA GLU A 63 15.29 -5.25 2.66
C GLU A 63 13.90 -4.84 2.19
N TYR A 64 13.47 -5.41 1.06
CA TYR A 64 12.16 -5.11 0.50
C TYR A 64 11.05 -5.67 1.38
N TYR A 65 11.27 -6.87 1.92
CA TYR A 65 10.29 -7.51 2.78
C TYR A 65 10.18 -6.80 4.12
N HIS A 66 11.28 -6.20 4.56
CA HIS A 66 11.31 -5.48 5.84
C HIS A 66 10.71 -4.09 5.70
N LEU A 67 11.27 -3.30 4.79
CA LEU A 67 10.81 -1.94 4.56
C LEU A 67 9.34 -1.93 4.14
N LEU A 68 8.92 -3.00 3.47
CA LEU A 68 7.54 -3.10 3.01
C LEU A 68 6.58 -3.28 4.18
N ALA A 69 6.86 -4.24 5.04
CA ALA A 69 6.03 -4.51 6.20
C ALA A 69 5.90 -3.27 7.08
N GLU A 70 6.99 -2.52 7.21
CA GLU A 70 6.99 -1.31 8.03
C GLU A 70 5.95 -0.31 7.53
N LYS A 71 5.80 -0.22 6.21
CA LYS A 71 4.85 0.69 5.60
C LYS A 71 3.42 0.23 5.88
N ILE A 72 3.12 -1.01 5.48
CA ILE A 72 1.79 -1.57 5.69
C ILE A 72 1.47 -1.69 7.18
N TYR A 73 2.51 -1.92 7.97
CA TYR A 73 2.34 -2.05 9.42
C TYR A 73 1.86 -0.74 10.04
N LYS A 74 2.44 0.36 9.58
CA LYS A 74 2.07 1.68 10.09
C LYS A 74 0.74 2.14 9.50
N ILE A 75 0.58 1.93 8.20
CA ILE A 75 -0.64 2.32 7.51
C ILE A 75 -1.83 1.50 7.99
N GLN A 76 -1.58 0.24 8.32
CA GLN A 76 -2.62 -0.65 8.78
C GLN A 76 -3.26 -0.12 10.07
N LYS A 77 -2.42 0.39 10.97
CA LYS A 77 -2.90 0.93 12.24
C LYS A 77 -3.50 2.32 12.05
N GLU A 78 -3.01 3.04 11.04
CA GLU A 78 -3.50 4.38 10.77
C GLU A 78 -5.00 4.36 10.45
N LEU A 79 -5.46 3.26 9.89
CA LEU A 79 -6.87 3.11 9.54
C LEU A 79 -7.75 3.23 10.79
N GLU A 80 -7.21 2.82 11.94
CA GLU A 80 -7.95 2.88 13.19
C GLU A 80 -8.10 4.33 13.65
N GLU A 81 -7.13 5.16 13.32
CA GLU A 81 -7.15 6.57 13.70
C GLU A 81 -8.37 7.26 13.11
N LYS A 82 -8.78 6.84 11.92
CA LYS A 82 -9.93 7.43 11.25
C LYS A 82 -11.22 7.07 11.99
N ARG A 83 -11.25 5.89 12.59
CA ARG A 83 -12.42 5.44 13.34
C ARG A 83 -12.54 6.15 14.67
N ARG A 84 -11.41 6.33 15.36
CA ARG A 84 -11.41 7.01 16.64
C ARG A 84 -11.44 8.53 16.47
N SER A 85 -11.40 8.98 15.21
CA SER A 85 -11.46 10.41 14.94
C SER A 85 -12.81 10.97 15.39
N ARG A 86 -13.75 10.08 15.72
CA ARG A 86 -15.07 10.50 16.16
C ARG A 86 -15.60 9.63 17.29
N LEU A 87 -14.95 8.51 17.49
CA LEU A 87 -15.32 7.56 18.52
C LEU A 87 -14.08 6.89 19.11
N GLY B 1 5.80 21.10 2.33
CA GLY B 1 5.70 22.47 2.89
C GLY B 1 4.78 22.56 4.09
N SER B 2 3.80 21.66 4.14
CA SER B 2 2.84 21.63 5.24
C SER B 2 1.92 20.42 5.13
N GLY B 3 1.48 20.12 3.91
CA GLY B 3 0.59 19.00 3.69
C GLY B 3 1.00 18.18 2.48
N THR B 4 1.30 18.86 1.38
CA THR B 4 1.71 18.19 0.15
C THR B 4 0.52 17.44 -0.47
N ASP B 5 0.09 16.37 0.19
CA ASP B 5 -1.02 15.57 -0.29
C ASP B 5 -1.84 15.02 0.88
N LYS B 6 -3.16 15.08 0.75
CA LYS B 6 -4.06 14.59 1.79
C LYS B 6 -5.02 13.55 1.22
N GLU B 7 -4.56 12.79 0.23
CA GLU B 7 -5.38 11.76 -0.39
C GLU B 7 -5.42 10.51 0.48
N LEU B 8 -4.35 10.28 1.25
CA LEU B 8 -4.26 9.11 2.11
C LEU B 8 -5.45 9.06 3.06
N SER B 9 -5.90 10.22 3.51
CA SER B 9 -7.04 10.31 4.42
C SER B 9 -8.35 10.15 3.67
N ASP B 10 -8.37 10.59 2.42
CA ASP B 10 -9.56 10.50 1.59
C ASP B 10 -9.92 9.03 1.32
N LEU B 11 -8.91 8.22 1.06
CA LEU B 11 -9.11 6.81 0.79
C LEU B 11 -9.41 6.04 2.08
N LEU B 12 -8.67 6.36 3.13
CA LEU B 12 -8.86 5.70 4.42
C LEU B 12 -10.27 5.89 4.94
N ASP B 13 -10.88 7.02 4.57
CA ASP B 13 -12.24 7.33 5.00
C ASP B 13 -13.23 6.29 4.47
N PHE B 14 -13.11 5.98 3.18
CA PHE B 14 -13.99 5.00 2.55
C PHE B 14 -13.88 3.64 3.24
N SER B 15 -12.64 3.24 3.54
CA SER B 15 -12.40 1.96 4.21
C SER B 15 -12.78 2.03 5.67
N ALA B 16 -12.47 3.16 6.32
CA ALA B 16 -12.77 3.34 7.73
C ALA B 16 -14.28 3.49 7.94
N MET B 17 -14.95 4.11 6.99
CA MET B 17 -16.39 4.33 7.07
C MET B 17 -17.15 3.01 6.89
N PHE B 18 -16.57 2.11 6.09
CA PHE B 18 -17.20 0.82 5.83
C PHE B 18 -16.18 -0.31 6.00
N SER B 19 -16.38 -1.13 7.03
CA SER B 19 -15.48 -2.25 7.29
C SER B 19 -15.90 -3.48 6.49
N GLY A 1 32.17 -7.22 -4.77
CA GLY A 1 30.83 -6.57 -4.72
C GLY A 1 29.71 -7.53 -5.09
N VAL A 2 28.49 -6.99 -5.18
CA VAL A 2 27.33 -7.81 -5.52
C VAL A 2 26.36 -7.03 -6.42
N ARG A 3 25.38 -7.73 -6.95
CA ARG A 3 24.39 -7.11 -7.83
C ARG A 3 23.11 -6.79 -7.08
N LYS A 4 23.24 -6.26 -5.86
CA LYS A 4 22.09 -5.92 -5.06
C LYS A 4 21.23 -7.16 -4.75
N GLY A 5 21.69 -8.36 -5.15
CA GLY A 5 20.90 -9.57 -4.90
C GLY A 5 19.43 -9.23 -4.98
N TRP A 6 19.09 -8.46 -6.00
CA TRP A 6 17.75 -7.96 -6.19
C TRP A 6 16.78 -8.95 -6.82
N HIS A 7 17.04 -9.34 -8.05
CA HIS A 7 16.15 -10.23 -8.77
C HIS A 7 16.23 -11.68 -8.31
N GLU A 8 17.24 -11.98 -7.51
CA GLU A 8 17.46 -13.35 -7.03
C GLU A 8 16.18 -14.05 -6.59
N HIS A 9 15.41 -13.43 -5.69
CA HIS A 9 14.17 -14.06 -5.22
C HIS A 9 12.99 -13.10 -5.12
N VAL A 10 12.90 -12.16 -6.04
CA VAL A 10 11.78 -11.22 -6.06
C VAL A 10 11.01 -11.40 -7.35
N THR A 11 11.73 -11.34 -8.46
CA THR A 11 11.13 -11.52 -9.78
C THR A 11 9.89 -10.64 -9.96
N GLN A 12 9.32 -10.67 -11.17
CA GLN A 12 8.14 -9.88 -11.48
C GLN A 12 6.88 -10.48 -10.84
N ASP A 13 6.77 -11.80 -10.90
CA ASP A 13 5.62 -12.50 -10.34
C ASP A 13 5.44 -12.19 -8.86
N LEU A 14 6.48 -12.45 -8.07
CA LEU A 14 6.43 -12.20 -6.64
C LEU A 14 6.19 -10.72 -6.35
N ARG A 15 6.74 -9.86 -7.21
CA ARG A 15 6.58 -8.42 -7.06
C ARG A 15 5.11 -8.03 -7.10
N SER A 16 4.33 -8.78 -7.87
CA SER A 16 2.90 -8.52 -8.00
C SER A 16 2.16 -8.90 -6.73
N HIS A 17 2.60 -10.00 -6.11
CA HIS A 17 1.98 -10.48 -4.87
C HIS A 17 2.19 -9.47 -3.74
N LEU A 18 3.37 -8.86 -3.72
CA LEU A 18 3.69 -7.88 -2.69
C LEU A 18 2.88 -6.60 -2.88
N VAL A 19 2.57 -6.28 -4.13
CA VAL A 19 1.79 -5.10 -4.44
C VAL A 19 0.38 -5.19 -3.85
N HIS A 20 -0.12 -6.40 -3.73
CA HIS A 20 -1.46 -6.63 -3.18
C HIS A 20 -1.48 -6.32 -1.69
N LYS A 21 -0.35 -6.56 -1.02
CA LYS A 21 -0.26 -6.30 0.42
C LYS A 21 -0.53 -4.83 0.72
N LEU A 22 0.05 -3.95 -0.08
CA LEU A 22 -0.13 -2.51 0.10
C LEU A 22 -1.60 -2.13 -0.02
N VAL A 23 -2.33 -2.87 -0.86
CA VAL A 23 -3.75 -2.62 -1.07
C VAL A 23 -4.58 -3.16 0.10
N GLN A 24 -4.10 -4.24 0.71
CA GLN A 24 -4.78 -4.86 1.83
C GLN A 24 -4.66 -3.99 3.09
N ALA A 25 -3.52 -3.34 3.24
CA ALA A 25 -3.28 -2.49 4.40
C ALA A 25 -4.33 -1.39 4.50
N ILE A 26 -4.59 -0.72 3.38
CA ILE A 26 -5.58 0.35 3.35
C ILE A 26 -7.00 -0.21 3.47
N PHE A 27 -7.20 -1.43 2.97
CA PHE A 27 -8.50 -2.08 3.01
C PHE A 27 -8.36 -3.59 3.14
N PRO A 28 -8.19 -4.10 4.37
CA PRO A 28 -8.04 -5.53 4.62
C PRO A 28 -9.32 -6.31 4.35
N THR A 29 -10.43 -5.79 4.87
CA THR A 29 -11.72 -6.44 4.68
C THR A 29 -12.16 -6.39 3.22
N PRO A 30 -12.88 -7.43 2.75
CA PRO A 30 -13.35 -7.50 1.37
C PRO A 30 -14.50 -6.54 1.09
N ASP A 31 -14.56 -6.01 -0.13
CA ASP A 31 -15.62 -5.09 -0.51
C ASP A 31 -15.89 -5.17 -2.00
N PRO A 32 -16.82 -6.06 -2.41
CA PRO A 32 -17.17 -6.23 -3.82
C PRO A 32 -17.77 -4.97 -4.43
N ALA A 33 -18.36 -4.14 -3.58
CA ALA A 33 -18.97 -2.89 -4.03
C ALA A 33 -17.92 -1.81 -4.23
N ALA A 34 -16.79 -1.95 -3.53
CA ALA A 34 -15.71 -0.98 -3.64
C ALA A 34 -15.00 -1.09 -4.99
N LEU A 35 -14.87 -2.31 -5.48
CA LEU A 35 -14.21 -2.55 -6.76
C LEU A 35 -14.91 -1.77 -7.88
N LYS A 36 -16.21 -1.59 -7.74
CA LYS A 36 -16.99 -0.86 -8.73
C LYS A 36 -16.97 0.64 -8.44
N ASP A 37 -16.75 1.00 -7.18
CA ASP A 37 -16.70 2.39 -6.78
C ASP A 37 -15.45 3.08 -7.31
N ARG A 38 -15.62 4.30 -7.79
CA ARG A 38 -14.49 5.06 -8.34
C ARG A 38 -13.42 5.27 -7.27
N ARG A 39 -13.83 5.29 -6.00
CA ARG A 39 -12.91 5.48 -4.90
C ARG A 39 -11.74 4.50 -4.98
N MET A 40 -12.06 3.22 -5.14
CA MET A 40 -11.03 2.18 -5.24
C MET A 40 -10.07 2.46 -6.38
N GLU A 41 -10.56 3.19 -7.39
CA GLU A 41 -9.73 3.53 -8.55
C GLU A 41 -8.46 4.26 -8.11
N ASN A 42 -8.57 5.05 -7.05
CA ASN A 42 -7.43 5.80 -6.54
C ASN A 42 -6.53 4.90 -5.69
N LEU A 43 -7.13 3.91 -5.04
CA LEU A 43 -6.38 2.99 -4.20
C LEU A 43 -5.33 2.25 -5.02
N VAL A 44 -5.75 1.64 -6.12
CA VAL A 44 -4.85 0.91 -6.99
C VAL A 44 -3.74 1.80 -7.53
N ALA A 45 -4.14 2.86 -8.23
CA ALA A 45 -3.17 3.80 -8.80
C ALA A 45 -2.25 4.37 -7.71
N TYR A 46 -2.81 4.59 -6.53
CA TYR A 46 -2.05 5.12 -5.41
C TYR A 46 -0.92 4.17 -5.02
N ALA A 47 -1.26 2.89 -4.89
CA ALA A 47 -0.28 1.88 -4.52
C ALA A 47 0.68 1.60 -5.67
N LYS A 48 0.20 1.81 -6.90
CA LYS A 48 1.02 1.57 -8.08
C LYS A 48 2.23 2.50 -8.11
N LYS A 49 2.05 3.72 -7.63
CA LYS A 49 3.12 4.70 -7.59
C LYS A 49 4.04 4.47 -6.40
N VAL A 50 3.45 4.06 -5.28
CA VAL A 50 4.22 3.81 -4.05
C VAL A 50 4.99 2.49 -4.16
N GLU A 51 4.31 1.44 -4.62
CA GLU A 51 4.94 0.13 -4.75
C GLU A 51 6.27 0.26 -5.48
N GLY A 52 6.27 1.00 -6.58
CA GLY A 52 7.49 1.22 -7.32
C GLY A 52 8.52 1.94 -6.48
N ASP A 53 8.03 2.80 -5.59
CA ASP A 53 8.89 3.55 -4.69
C ASP A 53 9.34 2.67 -3.54
N MET A 54 8.53 1.66 -3.21
CA MET A 54 8.84 0.74 -2.12
C MET A 54 9.86 -0.29 -2.57
N TYR A 55 9.74 -0.76 -3.80
CA TYR A 55 10.65 -1.76 -4.34
C TYR A 55 12.05 -1.15 -4.54
N GLU A 56 12.12 -0.05 -5.28
CA GLU A 56 13.40 0.61 -5.53
C GLU A 56 14.20 0.83 -4.26
N SER A 57 13.50 1.12 -3.15
CA SER A 57 14.17 1.35 -1.87
C SER A 57 15.13 0.21 -1.52
N ALA A 58 14.60 -1.02 -1.52
CA ALA A 58 15.40 -2.19 -1.21
C ALA A 58 16.50 -2.42 -2.21
N ASN A 59 17.71 -2.58 -1.71
CA ASN A 59 18.84 -2.89 -2.57
C ASN A 59 18.86 -4.39 -2.81
N SER A 60 17.91 -5.08 -2.17
CA SER A 60 17.81 -6.53 -2.29
C SER A 60 16.38 -6.99 -2.04
N ARG A 61 16.18 -8.30 -1.99
CA ARG A 61 14.86 -8.87 -1.76
C ARG A 61 14.42 -8.67 -0.31
N ASP A 62 15.24 -9.13 0.62
CA ASP A 62 14.94 -9.01 2.05
C ASP A 62 14.61 -7.57 2.43
N GLU A 63 15.50 -6.64 2.08
CA GLU A 63 15.31 -5.24 2.39
C GLU A 63 13.96 -4.74 1.87
N TYR A 64 13.44 -5.40 0.85
CA TYR A 64 12.15 -5.01 0.27
C TYR A 64 10.99 -5.53 1.12
N TYR A 65 11.09 -6.79 1.55
CA TYR A 65 10.05 -7.40 2.36
C TYR A 65 9.96 -6.73 3.73
N HIS A 66 11.08 -6.18 4.19
CA HIS A 66 11.12 -5.50 5.48
C HIS A 66 10.40 -4.17 5.45
N LEU A 67 10.82 -3.29 4.54
CA LEU A 67 10.22 -1.97 4.40
C LEU A 67 8.73 -2.09 4.09
N LEU A 68 8.36 -3.16 3.39
CA LEU A 68 6.96 -3.38 3.02
C LEU A 68 6.10 -3.59 4.26
N ALA A 69 6.66 -4.26 5.26
CA ALA A 69 5.94 -4.53 6.50
C ALA A 69 5.58 -3.22 7.21
N GLU A 70 6.51 -2.28 7.23
CA GLU A 70 6.29 -1.00 7.89
C GLU A 70 5.09 -0.28 7.28
N LYS A 71 5.03 -0.26 5.95
CA LYS A 71 3.93 0.40 5.25
C LYS A 71 2.60 -0.27 5.57
N ILE A 72 2.53 -1.57 5.33
CA ILE A 72 1.30 -2.32 5.60
C ILE A 72 0.94 -2.26 7.08
N TYR A 73 1.96 -2.16 7.92
CA TYR A 73 1.75 -2.09 9.36
C TYR A 73 1.24 -0.71 9.77
N LYS A 74 2.00 0.33 9.43
CA LYS A 74 1.62 1.70 9.77
C LYS A 74 0.26 2.05 9.18
N ILE A 75 0.08 1.75 7.90
CA ILE A 75 -1.18 2.03 7.22
C ILE A 75 -2.34 1.25 7.85
N GLN A 76 -2.03 0.08 8.39
CA GLN A 76 -3.04 -0.76 9.02
C GLN A 76 -3.60 -0.09 10.27
N LYS A 77 -2.70 0.34 11.15
CA LYS A 77 -3.09 1.00 12.39
C LYS A 77 -3.52 2.45 12.14
N GLU A 78 -2.90 3.07 11.13
CA GLU A 78 -3.21 4.45 10.78
C GLU A 78 -4.68 4.59 10.38
N LEU A 79 -5.24 3.53 9.80
CA LEU A 79 -6.63 3.54 9.35
C LEU A 79 -7.56 3.82 10.52
N GLU A 80 -7.16 3.38 11.72
CA GLU A 80 -7.97 3.56 12.92
C GLU A 80 -8.07 5.05 13.28
N GLU A 81 -7.03 5.80 12.95
CA GLU A 81 -7.00 7.23 13.24
C GLU A 81 -7.95 7.99 12.32
N LYS A 82 -8.11 7.50 11.10
CA LYS A 82 -8.99 8.13 10.12
C LYS A 82 -10.44 8.06 10.57
N ARG A 83 -10.82 6.92 11.15
CA ARG A 83 -12.19 6.73 11.62
C ARG A 83 -12.54 7.76 12.68
N ARG A 84 -11.62 8.01 13.60
CA ARG A 84 -11.85 8.98 14.66
C ARG A 84 -11.65 10.41 14.17
N SER A 85 -11.24 10.55 12.92
CA SER A 85 -11.04 11.87 12.34
C SER A 85 -12.37 12.61 12.26
N ARG A 86 -13.47 11.90 12.50
CA ARG A 86 -14.80 12.51 12.44
C ARG A 86 -15.73 11.95 13.51
N LEU A 87 -15.32 10.86 14.09
CA LEU A 87 -16.09 10.19 15.14
C LEU A 87 -17.44 9.75 14.61
N GLY B 1 9.33 16.18 6.27
CA GLY B 1 9.54 15.14 5.23
C GLY B 1 8.23 14.55 4.73
N SER B 2 7.23 15.40 4.57
CA SER B 2 5.91 14.96 4.10
C SER B 2 5.04 16.15 3.75
N GLY B 3 4.40 16.09 2.59
CA GLY B 3 3.54 17.17 2.14
C GLY B 3 3.43 17.25 0.64
N THR B 4 2.32 16.75 0.10
CA THR B 4 2.09 16.78 -1.34
C THR B 4 0.61 16.70 -1.66
N ASP B 5 0.03 15.52 -1.50
CA ASP B 5 -1.38 15.30 -1.77
C ASP B 5 -2.10 14.79 -0.53
N LYS B 6 -3.34 15.24 -0.34
CA LYS B 6 -4.14 14.82 0.81
C LYS B 6 -5.12 13.72 0.43
N GLU B 7 -4.74 12.91 -0.55
CA GLU B 7 -5.58 11.81 -1.02
C GLU B 7 -5.50 10.62 -0.08
N LEU B 8 -4.34 10.47 0.57
CA LEU B 8 -4.13 9.37 1.50
C LEU B 8 -5.22 9.34 2.57
N SER B 9 -5.70 10.52 2.95
CA SER B 9 -6.75 10.63 3.95
C SER B 9 -8.11 10.30 3.37
N ASP B 10 -8.31 10.65 2.10
CA ASP B 10 -9.57 10.39 1.41
C ASP B 10 -9.64 8.94 0.96
N LEU B 11 -8.49 8.35 0.66
CA LEU B 11 -8.44 6.96 0.21
C LEU B 11 -8.65 6.01 1.39
N LEU B 12 -8.15 6.40 2.56
CA LEU B 12 -8.28 5.58 3.76
C LEU B 12 -9.66 5.74 4.38
N ASP B 13 -10.26 6.92 4.20
CA ASP B 13 -11.58 7.20 4.74
C ASP B 13 -12.61 6.19 4.24
N PHE B 14 -12.63 5.96 2.93
CA PHE B 14 -13.55 5.02 2.32
C PHE B 14 -13.37 3.62 2.91
N SER B 15 -12.12 3.30 3.28
CA SER B 15 -11.80 2.00 3.84
C SER B 15 -12.16 1.95 5.32
N ALA B 16 -12.06 3.09 6.00
CA ALA B 16 -12.38 3.17 7.42
C ALA B 16 -13.88 3.28 7.64
N MET B 17 -14.57 3.89 6.69
CA MET B 17 -16.01 4.06 6.78
C MET B 17 -16.72 2.71 6.86
N PHE B 18 -16.13 1.70 6.22
CA PHE B 18 -16.69 0.36 6.22
C PHE B 18 -16.02 -0.52 7.27
N SER B 19 -15.70 0.09 8.41
CA SER B 19 -15.05 -0.65 9.49
C SER B 19 -15.34 0.01 10.85
N GLY A 1 25.42 -11.33 -13.42
CA GLY A 1 24.10 -10.69 -13.65
C GLY A 1 24.11 -9.20 -13.36
N VAL A 2 25.13 -8.75 -12.66
CA VAL A 2 25.25 -7.34 -12.32
C VAL A 2 24.14 -6.90 -11.38
N ARG A 3 24.25 -5.68 -10.85
CA ARG A 3 23.24 -5.15 -9.95
C ARG A 3 23.10 -6.02 -8.70
N LYS A 4 22.47 -5.46 -7.67
CA LYS A 4 22.28 -6.19 -6.42
C LYS A 4 21.66 -7.56 -6.67
N GLY A 5 21.80 -8.47 -5.71
CA GLY A 5 21.16 -9.76 -5.83
C GLY A 5 19.68 -9.55 -5.59
N TRP A 6 19.09 -8.79 -6.50
CA TRP A 6 17.71 -8.38 -6.41
C TRP A 6 16.71 -9.38 -6.97
N HIS A 7 16.79 -9.58 -8.27
CA HIS A 7 15.87 -10.46 -8.99
C HIS A 7 15.94 -11.92 -8.54
N GLU A 8 16.97 -12.25 -7.78
CA GLU A 8 17.19 -13.63 -7.33
C GLU A 8 15.91 -14.30 -6.83
N HIS A 9 15.20 -13.68 -5.89
CA HIS A 9 13.99 -14.31 -5.34
C HIS A 9 12.79 -13.37 -5.25
N VAL A 10 12.63 -12.49 -6.23
CA VAL A 10 11.47 -11.58 -6.24
C VAL A 10 10.57 -11.93 -7.41
N THR A 11 11.17 -12.12 -8.57
CA THR A 11 10.42 -12.48 -9.78
C THR A 11 9.20 -11.59 -9.97
N GLN A 12 8.44 -11.87 -11.04
CA GLN A 12 7.24 -11.11 -11.35
C GLN A 12 6.09 -11.45 -10.40
N ASP A 13 5.79 -12.74 -10.29
CA ASP A 13 4.70 -13.21 -9.44
C ASP A 13 4.87 -12.73 -8.00
N LEU A 14 6.00 -13.06 -7.39
CA LEU A 14 6.26 -12.66 -6.01
C LEU A 14 6.22 -11.14 -5.86
N ARG A 15 6.58 -10.43 -6.93
CA ARG A 15 6.59 -8.97 -6.92
C ARG A 15 5.16 -8.43 -6.84
N SER A 16 4.31 -8.89 -7.75
CA SER A 16 2.92 -8.46 -7.79
C SER A 16 2.21 -8.79 -6.48
N HIS A 17 2.52 -9.97 -5.93
CA HIS A 17 1.91 -10.41 -4.68
C HIS A 17 2.20 -9.43 -3.56
N LEU A 18 3.37 -8.79 -3.63
CA LEU A 18 3.77 -7.82 -2.61
C LEU A 18 3.04 -6.51 -2.80
N VAL A 19 2.77 -6.16 -4.06
CA VAL A 19 2.08 -4.92 -4.38
C VAL A 19 0.70 -4.88 -3.73
N HIS A 20 0.09 -6.05 -3.56
CA HIS A 20 -1.23 -6.15 -2.95
C HIS A 20 -1.18 -5.73 -1.48
N LYS A 21 -0.02 -5.92 -0.85
CA LYS A 21 0.15 -5.57 0.55
C LYS A 21 -0.14 -4.08 0.77
N LEU A 22 0.40 -3.25 -0.11
CA LEU A 22 0.20 -1.80 0.00
C LEU A 22 -1.27 -1.46 -0.10
N VAL A 23 -2.02 -2.25 -0.86
CA VAL A 23 -3.45 -2.03 -1.03
C VAL A 23 -4.22 -2.43 0.23
N GLN A 24 -3.70 -3.40 0.96
CA GLN A 24 -4.34 -3.88 2.18
C GLN A 24 -4.21 -2.84 3.29
N ALA A 25 -3.11 -2.08 3.27
CA ALA A 25 -2.86 -1.06 4.27
C ALA A 25 -4.00 -0.04 4.30
N ILE A 26 -4.51 0.30 3.12
CA ILE A 26 -5.60 1.26 3.00
C ILE A 26 -6.96 0.58 3.15
N PHE A 27 -7.03 -0.67 2.68
CA PHE A 27 -8.27 -1.44 2.76
C PHE A 27 -7.98 -2.90 3.10
N PRO A 28 -7.73 -3.18 4.38
CA PRO A 28 -7.43 -4.56 4.85
C PRO A 28 -8.47 -5.57 4.37
N THR A 29 -9.71 -5.37 4.79
CA THR A 29 -10.80 -6.28 4.40
C THR A 29 -11.13 -6.13 2.92
N PRO A 30 -11.33 -7.26 2.21
CA PRO A 30 -11.65 -7.24 0.79
C PRO A 30 -13.10 -6.87 0.52
N ASP A 31 -13.45 -6.74 -0.75
CA ASP A 31 -14.82 -6.39 -1.14
C ASP A 31 -14.97 -6.37 -2.65
N PRO A 32 -16.01 -7.05 -3.19
CA PRO A 32 -16.26 -7.11 -4.63
C PRO A 32 -16.72 -5.76 -5.19
N ALA A 33 -17.35 -4.96 -4.34
CA ALA A 33 -17.86 -3.66 -4.75
C ALA A 33 -16.73 -2.63 -4.77
N ALA A 34 -15.74 -2.82 -3.91
CA ALA A 34 -14.61 -1.91 -3.83
C ALA A 34 -13.88 -1.82 -5.17
N LEU A 35 -13.59 -2.98 -5.76
CA LEU A 35 -12.90 -3.03 -7.04
C LEU A 35 -13.66 -2.24 -8.10
N LYS A 36 -14.97 -2.14 -7.92
CA LYS A 36 -15.82 -1.41 -8.86
C LYS A 36 -16.01 0.03 -8.39
N ASP A 37 -15.82 0.27 -7.09
CA ASP A 37 -15.99 1.60 -6.54
C ASP A 37 -15.07 2.61 -7.23
N ARG A 38 -15.48 3.86 -7.25
CA ARG A 38 -14.70 4.91 -7.89
C ARG A 38 -13.47 5.27 -7.06
N ARG A 39 -13.59 5.11 -5.75
CA ARG A 39 -12.49 5.42 -4.85
C ARG A 39 -11.28 4.53 -5.13
N MET A 40 -11.54 3.29 -5.53
CA MET A 40 -10.48 2.34 -5.83
C MET A 40 -9.60 2.86 -6.97
N GLU A 41 -10.18 3.66 -7.85
CA GLU A 41 -9.45 4.22 -8.97
C GLU A 41 -8.25 5.02 -8.50
N ASN A 42 -8.39 5.67 -7.34
CA ASN A 42 -7.32 6.47 -6.77
C ASN A 42 -6.31 5.57 -6.05
N LEU A 43 -6.80 4.46 -5.50
CA LEU A 43 -5.94 3.52 -4.79
C LEU A 43 -4.90 2.91 -5.73
N VAL A 44 -5.35 2.55 -6.93
CA VAL A 44 -4.46 1.96 -7.92
C VAL A 44 -3.31 2.90 -8.27
N ALA A 45 -3.66 4.09 -8.76
CA ALA A 45 -2.65 5.08 -9.14
C ALA A 45 -1.79 5.45 -7.94
N TYR A 46 -2.39 5.52 -6.76
CA TYR A 46 -1.67 5.86 -5.54
C TYR A 46 -0.68 4.75 -5.17
N ALA A 47 -1.18 3.52 -5.11
CA ALA A 47 -0.34 2.38 -4.76
C ALA A 47 0.65 2.08 -5.88
N LYS A 48 0.25 2.36 -7.11
CA LYS A 48 1.11 2.12 -8.27
C LYS A 48 2.35 2.99 -8.22
N LYS A 49 2.21 4.19 -7.66
CA LYS A 49 3.32 5.12 -7.55
C LYS A 49 4.22 4.77 -6.36
N VAL A 50 3.60 4.40 -5.24
CA VAL A 50 4.33 4.03 -4.04
C VAL A 50 4.96 2.65 -4.18
N GLU A 51 4.18 1.69 -4.68
CA GLU A 51 4.68 0.33 -4.86
C GLU A 51 6.01 0.35 -5.59
N GLY A 52 6.10 1.18 -6.62
CA GLY A 52 7.34 1.29 -7.36
C GLY A 52 8.44 1.87 -6.49
N ASP A 53 8.04 2.74 -5.57
CA ASP A 53 8.98 3.36 -4.64
C ASP A 53 9.34 2.39 -3.53
N MET A 54 8.42 1.48 -3.22
CA MET A 54 8.64 0.49 -2.17
C MET A 54 9.68 -0.54 -2.61
N TYR A 55 9.49 -1.09 -3.80
CA TYR A 55 10.41 -2.09 -4.35
C TYR A 55 11.84 -1.54 -4.40
N GLU A 56 12.00 -0.40 -5.06
CA GLU A 56 13.32 0.22 -5.19
C GLU A 56 14.01 0.40 -3.84
N SER A 57 13.25 0.77 -2.82
CA SER A 57 13.80 0.98 -1.49
C SER A 57 14.71 -0.18 -1.07
N ALA A 58 14.42 -1.36 -1.59
CA ALA A 58 15.21 -2.56 -1.30
C ALA A 58 16.30 -2.77 -2.30
N ASN A 59 17.48 -3.09 -1.81
CA ASN A 59 18.59 -3.40 -2.68
C ASN A 59 18.67 -4.91 -2.79
N SER A 60 17.73 -5.57 -2.11
CA SER A 60 17.67 -7.03 -2.11
C SER A 60 16.23 -7.50 -1.97
N ARG A 61 16.04 -8.82 -1.94
CA ARG A 61 14.71 -9.39 -1.82
C ARG A 61 14.17 -9.24 -0.40
N ASP A 62 14.94 -9.73 0.58
CA ASP A 62 14.54 -9.65 1.97
C ASP A 62 14.27 -8.21 2.39
N GLU A 63 15.13 -7.30 1.94
CA GLU A 63 14.99 -5.88 2.27
C GLU A 63 13.65 -5.34 1.78
N TYR A 64 13.15 -5.91 0.68
CA TYR A 64 11.87 -5.48 0.12
C TYR A 64 10.71 -6.03 0.93
N TYR A 65 10.91 -7.19 1.54
CA TYR A 65 9.87 -7.81 2.35
C TYR A 65 9.75 -7.14 3.71
N HIS A 66 10.85 -6.58 4.18
CA HIS A 66 10.87 -5.89 5.48
C HIS A 66 10.31 -4.48 5.36
N LEU A 67 10.86 -3.71 4.41
CA LEU A 67 10.43 -2.34 4.20
C LEU A 67 8.93 -2.27 3.90
N LEU A 68 8.41 -3.34 3.29
CA LEU A 68 6.99 -3.39 2.95
C LEU A 68 6.13 -3.51 4.20
N ALA A 69 6.45 -4.49 5.04
CA ALA A 69 5.70 -4.70 6.27
C ALA A 69 5.81 -3.49 7.20
N GLU A 70 6.85 -2.70 7.01
CA GLU A 70 7.05 -1.51 7.84
C GLU A 70 6.00 -0.45 7.51
N LYS A 71 5.66 -0.34 6.24
CA LYS A 71 4.67 0.63 5.78
C LYS A 71 3.26 0.08 6.00
N ILE A 72 3.06 -1.19 5.69
CA ILE A 72 1.76 -1.83 5.85
C ILE A 72 1.28 -1.74 7.29
N TYR A 73 2.20 -1.94 8.23
CA TYR A 73 1.88 -1.88 9.65
C TYR A 73 1.69 -0.44 10.10
N LYS A 74 2.43 0.47 9.48
CA LYS A 74 2.34 1.89 9.83
C LYS A 74 1.00 2.48 9.38
N ILE A 75 0.71 2.35 8.09
CA ILE A 75 -0.53 2.86 7.54
C ILE A 75 -1.75 2.17 8.15
N GLN A 76 -1.56 0.91 8.53
CA GLN A 76 -2.64 0.13 9.12
C GLN A 76 -3.16 0.80 10.39
N LYS A 77 -2.27 1.49 11.10
CA LYS A 77 -2.64 2.18 12.33
C LYS A 77 -3.43 3.46 12.03
N GLU A 78 -3.12 4.08 10.90
CA GLU A 78 -3.80 5.30 10.49
C GLU A 78 -5.29 5.06 10.31
N LEU A 79 -5.65 3.86 9.89
CA LEU A 79 -7.05 3.50 9.69
C LEU A 79 -7.85 3.65 10.98
N GLU A 80 -7.18 3.43 12.11
CA GLU A 80 -7.84 3.54 13.42
C GLU A 80 -8.22 4.99 13.70
N GLU A 81 -7.42 5.92 13.20
CA GLU A 81 -7.68 7.34 13.40
C GLU A 81 -8.98 7.76 12.73
N LYS A 82 -9.32 7.11 11.62
CA LYS A 82 -10.54 7.41 10.89
C LYS A 82 -11.77 7.04 11.70
N ARG A 83 -11.78 5.81 12.21
CA ARG A 83 -12.91 5.33 13.01
C ARG A 83 -13.09 6.18 14.26
N ARG A 84 -11.98 6.56 14.89
CA ARG A 84 -12.04 7.37 16.10
C ARG A 84 -12.21 8.85 15.76
N SER A 85 -12.21 9.17 14.47
CA SER A 85 -12.40 10.55 14.04
C SER A 85 -13.80 11.03 14.40
N ARG A 86 -14.66 10.11 14.84
CA ARG A 86 -16.02 10.45 15.21
C ARG A 86 -16.50 9.66 16.43
N LEU A 87 -15.75 8.64 16.75
CA LEU A 87 -16.05 7.77 17.90
C LEU A 87 -17.42 7.10 17.71
N GLY B 1 5.39 12.72 7.41
CA GLY B 1 4.95 12.15 8.71
C GLY B 1 3.53 12.54 9.06
N SER B 2 3.31 13.83 9.33
CA SER B 2 1.99 14.32 9.67
C SER B 2 1.01 14.13 8.52
N GLY B 3 1.48 14.41 7.31
CA GLY B 3 0.63 14.26 6.14
C GLY B 3 0.16 15.60 5.59
N THR B 4 0.32 15.80 4.29
CA THR B 4 -0.09 17.04 3.65
C THR B 4 -1.29 16.80 2.73
N ASP B 5 -1.30 15.65 2.06
CA ASP B 5 -2.38 15.31 1.15
C ASP B 5 -3.71 15.22 1.89
N LYS B 6 -4.81 15.40 1.16
CA LYS B 6 -6.14 15.34 1.75
C LYS B 6 -6.87 14.07 1.31
N GLU B 7 -6.58 13.61 0.10
CA GLU B 7 -7.20 12.41 -0.44
C GLU B 7 -6.90 11.20 0.44
N LEU B 8 -5.76 11.23 1.12
CA LEU B 8 -5.36 10.12 1.99
C LEU B 8 -6.44 9.85 3.04
N SER B 9 -7.10 10.91 3.50
CA SER B 9 -8.16 10.79 4.48
C SER B 9 -9.46 10.31 3.84
N ASP B 10 -9.67 10.68 2.59
CA ASP B 10 -10.86 10.29 1.86
C ASP B 10 -10.86 8.79 1.58
N LEU B 11 -9.71 8.26 1.18
CA LEU B 11 -9.58 6.85 0.87
C LEU B 11 -9.64 6.01 2.16
N LEU B 12 -9.08 6.55 3.23
CA LEU B 12 -9.07 5.86 4.51
C LEU B 12 -10.48 5.79 5.11
N ASP B 13 -11.27 6.83 4.86
CA ASP B 13 -12.64 6.88 5.36
C ASP B 13 -13.50 5.81 4.71
N PHE B 14 -13.25 5.55 3.43
CA PHE B 14 -14.01 4.55 2.69
C PHE B 14 -13.79 3.16 3.27
N SER B 15 -12.53 2.82 3.51
CA SER B 15 -12.17 1.52 4.06
C SER B 15 -12.67 1.39 5.50
N ALA B 16 -12.58 2.49 6.25
CA ALA B 16 -13.02 2.49 7.64
C ALA B 16 -14.55 2.50 7.74
N MET B 17 -15.18 3.28 6.87
CA MET B 17 -16.64 3.37 6.85
C MET B 17 -17.26 2.15 6.19
N PHE B 18 -16.91 1.92 4.93
CA PHE B 18 -17.44 0.78 4.19
C PHE B 18 -16.41 -0.34 4.11
N SER B 19 -16.64 -1.40 4.87
CA SER B 19 -15.73 -2.54 4.90
C SER B 19 -16.50 -3.85 4.74
N GLY A 1 26.14 -2.92 -16.33
CA GLY A 1 27.11 -3.36 -15.30
C GLY A 1 26.56 -4.46 -14.42
N VAL A 2 26.44 -4.17 -13.12
CA VAL A 2 25.93 -5.14 -12.16
C VAL A 2 24.69 -4.61 -11.45
N ARG A 3 24.14 -5.42 -10.55
CA ARG A 3 22.95 -5.03 -9.81
C ARG A 3 22.79 -5.88 -8.55
N LYS A 4 22.15 -5.32 -7.53
CA LYS A 4 21.93 -6.03 -6.28
C LYS A 4 21.26 -7.37 -6.51
N GLY A 5 21.36 -8.27 -5.53
CA GLY A 5 20.69 -9.55 -5.64
C GLY A 5 19.22 -9.30 -5.39
N TRP A 6 18.66 -8.47 -6.26
CA TRP A 6 17.30 -8.01 -6.18
C TRP A 6 16.26 -8.97 -6.73
N HIS A 7 16.34 -9.21 -8.02
CA HIS A 7 15.38 -10.07 -8.70
C HIS A 7 15.62 -11.55 -8.41
N GLU A 8 16.76 -11.86 -7.82
CA GLU A 8 17.12 -13.25 -7.51
C GLU A 8 15.94 -14.03 -6.93
N HIS A 9 15.34 -13.50 -5.87
CA HIS A 9 14.21 -14.19 -5.24
C HIS A 9 12.96 -13.31 -5.18
N VAL A 10 12.92 -12.28 -6.01
CA VAL A 10 11.77 -11.40 -6.06
C VAL A 10 10.92 -11.71 -7.28
N THR A 11 11.57 -11.65 -8.45
CA THR A 11 10.90 -11.97 -9.71
C THR A 11 9.62 -11.14 -9.88
N GLN A 12 9.11 -11.10 -11.11
CA GLN A 12 7.91 -10.34 -11.42
C GLN A 12 6.65 -11.04 -10.91
N ASP A 13 6.54 -12.34 -11.20
CA ASP A 13 5.37 -13.12 -10.79
C ASP A 13 5.14 -13.04 -9.28
N LEU A 14 6.16 -13.41 -8.51
CA LEU A 14 6.05 -13.38 -7.06
C LEU A 14 5.83 -11.96 -6.55
N ARG A 15 6.35 -10.98 -7.27
CA ARG A 15 6.21 -9.58 -6.89
C ARG A 15 4.74 -9.15 -6.96
N SER A 16 4.01 -9.72 -7.91
CA SER A 16 2.59 -9.40 -8.09
C SER A 16 1.82 -9.71 -6.81
N HIS A 17 2.25 -10.72 -6.08
CA HIS A 17 1.59 -11.12 -4.85
C HIS A 17 1.84 -10.10 -3.74
N LEU A 18 3.01 -9.46 -3.78
CA LEU A 18 3.37 -8.46 -2.79
C LEU A 18 2.70 -7.13 -3.09
N VAL A 19 2.46 -6.86 -4.37
CA VAL A 19 1.82 -5.62 -4.79
C VAL A 19 0.44 -5.48 -4.15
N HIS A 20 -0.20 -6.61 -3.89
CA HIS A 20 -1.53 -6.62 -3.28
C HIS A 20 -1.46 -6.21 -1.81
N LYS A 21 -0.32 -6.47 -1.18
CA LYS A 21 -0.12 -6.14 0.22
C LYS A 21 -0.33 -4.65 0.46
N LEU A 22 0.26 -3.82 -0.41
CA LEU A 22 0.14 -2.38 -0.30
C LEU A 22 -1.31 -1.95 -0.39
N VAL A 23 -2.10 -2.71 -1.15
CA VAL A 23 -3.52 -2.40 -1.33
C VAL A 23 -4.31 -2.77 -0.08
N GLN A 24 -3.84 -3.78 0.64
CA GLN A 24 -4.50 -4.24 1.85
C GLN A 24 -4.35 -3.21 2.98
N ALA A 25 -3.28 -2.43 2.92
CA ALA A 25 -3.02 -1.42 3.93
C ALA A 25 -4.18 -0.44 4.05
N ILE A 26 -4.42 0.31 2.98
CA ILE A 26 -5.51 1.28 2.96
C ILE A 26 -6.86 0.59 3.12
N PHE A 27 -6.96 -0.64 2.63
CA PHE A 27 -8.19 -1.40 2.71
C PHE A 27 -7.91 -2.86 3.08
N PRO A 28 -7.77 -3.16 4.39
CA PRO A 28 -7.50 -4.52 4.86
C PRO A 28 -8.69 -5.45 4.66
N THR A 29 -9.87 -4.99 5.03
CA THR A 29 -11.09 -5.78 4.89
C THR A 29 -11.52 -5.86 3.43
N PRO A 30 -12.15 -6.97 3.03
CA PRO A 30 -12.61 -7.17 1.65
C PRO A 30 -13.81 -6.30 1.32
N ASP A 31 -13.89 -5.86 0.07
CA ASP A 31 -14.99 -5.01 -0.38
C ASP A 31 -15.23 -5.19 -1.88
N PRO A 32 -16.11 -6.15 -2.26
CA PRO A 32 -16.42 -6.41 -3.67
C PRO A 32 -17.06 -5.21 -4.35
N ALA A 33 -17.72 -4.37 -3.55
CA ALA A 33 -18.36 -3.17 -4.07
C ALA A 33 -17.36 -2.05 -4.31
N ALA A 34 -16.27 -2.08 -3.56
CA ALA A 34 -15.22 -1.07 -3.69
C ALA A 34 -14.57 -1.12 -5.06
N LEU A 35 -14.46 -2.33 -5.61
CA LEU A 35 -13.86 -2.51 -6.94
C LEU A 35 -14.60 -1.69 -7.99
N LYS A 36 -15.90 -1.53 -7.78
CA LYS A 36 -16.73 -0.76 -8.71
C LYS A 36 -16.68 0.73 -8.39
N ASP A 37 -16.36 1.05 -7.14
CA ASP A 37 -16.27 2.44 -6.71
C ASP A 37 -15.18 3.18 -7.46
N ARG A 38 -15.41 4.46 -7.74
CA ARG A 38 -14.45 5.27 -8.46
C ARG A 38 -13.22 5.57 -7.60
N ARG A 39 -13.43 5.63 -6.29
CA ARG A 39 -12.35 5.90 -5.35
C ARG A 39 -11.25 4.85 -5.45
N MET A 40 -11.67 3.59 -5.65
CA MET A 40 -10.72 2.49 -5.76
C MET A 40 -9.74 2.73 -6.91
N GLU A 41 -10.19 3.45 -7.93
CA GLU A 41 -9.35 3.75 -9.07
C GLU A 41 -8.09 4.48 -8.64
N ASN A 42 -8.21 5.29 -7.60
CA ASN A 42 -7.07 6.04 -7.08
C ASN A 42 -6.19 5.16 -6.21
N LEU A 43 -6.81 4.18 -5.54
CA LEU A 43 -6.07 3.27 -4.67
C LEU A 43 -5.01 2.51 -5.46
N VAL A 44 -5.39 1.97 -6.61
CA VAL A 44 -4.47 1.23 -7.45
C VAL A 44 -3.29 2.10 -7.88
N ALA A 45 -3.58 3.20 -8.56
CA ALA A 45 -2.54 4.12 -9.02
C ALA A 45 -1.69 4.61 -7.85
N TYR A 46 -2.32 4.76 -6.68
CA TYR A 46 -1.62 5.22 -5.49
C TYR A 46 -0.63 4.16 -5.00
N ALA A 47 -1.15 2.97 -4.74
CA ALA A 47 -0.31 1.87 -4.26
C ALA A 47 0.77 1.52 -5.28
N LYS A 48 0.43 1.67 -6.56
CA LYS A 48 1.37 1.37 -7.63
C LYS A 48 2.62 2.25 -7.52
N LYS A 49 2.44 3.46 -7.00
CA LYS A 49 3.55 4.39 -6.85
C LYS A 49 4.44 3.99 -5.69
N VAL A 50 3.83 3.59 -4.59
CA VAL A 50 4.57 3.18 -3.40
C VAL A 50 5.27 1.85 -3.63
N GLU A 51 4.51 0.83 -4.05
CA GLU A 51 5.08 -0.48 -4.31
C GLU A 51 6.32 -0.35 -5.20
N GLY A 52 6.20 0.44 -6.27
CA GLY A 52 7.31 0.66 -7.16
C GLY A 52 8.47 1.32 -6.42
N ASP A 53 8.11 2.12 -5.41
CA ASP A 53 9.10 2.81 -4.60
C ASP A 53 9.76 1.83 -3.63
N MET A 54 9.00 0.81 -3.23
CA MET A 54 9.50 -0.20 -2.30
C MET A 54 10.63 -1.00 -2.94
N TYR A 55 10.55 -1.17 -4.25
CA TYR A 55 11.57 -1.92 -4.99
C TYR A 55 12.82 -1.07 -5.22
N GLU A 56 12.65 0.23 -5.18
CA GLU A 56 13.78 1.14 -5.38
C GLU A 56 14.46 1.49 -4.06
N SER A 57 13.71 1.40 -2.97
CA SER A 57 14.25 1.69 -1.64
C SER A 57 15.06 0.51 -1.13
N ALA A 58 14.61 -0.70 -1.48
CA ALA A 58 15.28 -1.93 -1.09
C ALA A 58 16.36 -2.28 -2.07
N ASN A 59 17.54 -2.52 -1.56
CA ASN A 59 18.63 -2.94 -2.42
C ASN A 59 18.74 -4.45 -2.33
N SER A 60 17.78 -5.05 -1.61
CA SER A 60 17.75 -6.49 -1.43
C SER A 60 16.33 -6.98 -1.21
N ARG A 61 16.08 -8.24 -1.49
CA ARG A 61 14.76 -8.83 -1.32
C ARG A 61 14.30 -8.68 0.13
N ASP A 62 15.15 -9.11 1.06
CA ASP A 62 14.83 -9.03 2.49
C ASP A 62 14.34 -7.63 2.86
N GLU A 63 15.08 -6.62 2.44
CA GLU A 63 14.72 -5.24 2.73
C GLU A 63 13.40 -4.89 2.06
N TYR A 64 13.19 -5.41 0.85
CA TYR A 64 11.96 -5.16 0.10
C TYR A 64 10.74 -5.66 0.88
N TYR A 65 10.88 -6.84 1.48
CA TYR A 65 9.79 -7.44 2.25
C TYR A 65 9.66 -6.77 3.62
N HIS A 66 10.77 -6.28 4.14
CA HIS A 66 10.77 -5.62 5.44
C HIS A 66 10.29 -4.19 5.34
N LEU A 67 10.96 -3.40 4.51
CA LEU A 67 10.61 -2.00 4.31
C LEU A 67 9.16 -1.85 3.85
N LEU A 68 8.65 -2.88 3.17
CA LEU A 68 7.28 -2.87 2.69
C LEU A 68 6.29 -3.08 3.83
N ALA A 69 6.71 -3.83 4.84
CA ALA A 69 5.87 -4.11 6.00
C ALA A 69 5.65 -2.85 6.83
N GLU A 70 6.70 -2.06 6.98
CA GLU A 70 6.61 -0.81 7.75
C GLU A 70 5.56 0.12 7.17
N LYS A 71 5.49 0.19 5.85
CA LYS A 71 4.52 1.05 5.18
C LYS A 71 3.10 0.55 5.44
N ILE A 72 2.85 -0.72 5.10
CA ILE A 72 1.54 -1.32 5.30
C ILE A 72 1.19 -1.38 6.78
N TYR A 73 2.21 -1.54 7.61
CA TYR A 73 2.02 -1.62 9.06
C TYR A 73 1.66 -0.25 9.63
N LYS A 74 2.43 0.76 9.25
CA LYS A 74 2.20 2.12 9.73
C LYS A 74 0.84 2.64 9.26
N ILE A 75 0.54 2.41 7.99
CA ILE A 75 -0.74 2.86 7.42
C ILE A 75 -1.90 2.08 8.02
N GLN A 76 -1.67 0.81 8.32
CA GLN A 76 -2.71 -0.04 8.90
C GLN A 76 -3.18 0.52 10.23
N LYS A 77 -2.26 1.10 10.99
CA LYS A 77 -2.59 1.68 12.29
C LYS A 77 -3.36 2.99 12.13
N GLU A 78 -3.07 3.71 11.06
CA GLU A 78 -3.73 4.98 10.78
C GLU A 78 -5.21 4.78 10.49
N LEU A 79 -5.54 3.62 9.91
CA LEU A 79 -6.92 3.30 9.59
C LEU A 79 -7.79 3.29 10.85
N GLU A 80 -7.19 2.91 11.97
CA GLU A 80 -7.91 2.87 13.25
C GLU A 80 -8.40 4.26 13.64
N GLU A 81 -7.63 5.28 13.28
CA GLU A 81 -7.98 6.65 13.61
C GLU A 81 -9.24 7.08 12.84
N LYS A 82 -9.41 6.53 11.64
CA LYS A 82 -10.56 6.85 10.82
C LYS A 82 -11.83 6.23 11.38
N ARG A 83 -11.68 5.09 12.03
CA ARG A 83 -12.82 4.39 12.63
C ARG A 83 -13.45 5.21 13.75
N ARG A 84 -12.62 6.00 14.43
CA ARG A 84 -13.09 6.83 15.53
C ARG A 84 -13.62 8.17 15.03
N SER A 85 -13.51 8.39 13.72
CA SER A 85 -14.01 9.63 13.14
C SER A 85 -15.53 9.72 13.31
N ARG A 86 -16.15 8.61 13.72
CA ARG A 86 -17.59 8.58 13.92
C ARG A 86 -17.99 7.73 15.12
N LEU A 87 -17.04 6.96 15.58
CA LEU A 87 -17.26 6.07 16.73
C LEU A 87 -18.36 5.07 16.43
N GLY B 1 4.38 17.81 -5.73
CA GLY B 1 5.06 17.51 -4.45
C GLY B 1 4.56 18.36 -3.30
N SER B 2 5.30 19.42 -2.98
CA SER B 2 4.92 20.32 -1.91
C SER B 2 3.62 21.04 -2.22
N GLY B 3 2.50 20.36 -2.00
CA GLY B 3 1.20 20.95 -2.26
C GLY B 3 0.21 20.70 -1.16
N THR B 4 -0.39 19.51 -1.15
CA THR B 4 -1.37 19.15 -0.12
C THR B 4 -1.70 17.67 -0.19
N ASP B 5 -2.02 17.09 0.97
CA ASP B 5 -2.35 15.67 1.04
C ASP B 5 -3.67 15.46 1.77
N LYS B 6 -4.78 15.50 1.04
CA LYS B 6 -6.10 15.32 1.62
C LYS B 6 -6.71 13.99 1.19
N GLU B 7 -6.36 13.55 -0.01
CA GLU B 7 -6.87 12.30 -0.55
C GLU B 7 -6.49 11.12 0.34
N LEU B 8 -5.35 11.26 1.02
CA LEU B 8 -4.87 10.20 1.92
C LEU B 8 -5.93 9.86 2.96
N SER B 9 -6.65 10.89 3.43
CA SER B 9 -7.69 10.70 4.42
C SER B 9 -8.96 10.14 3.79
N ASP B 10 -9.19 10.50 2.53
CA ASP B 10 -10.37 10.03 1.81
C ASP B 10 -10.26 8.53 1.51
N LEU B 11 -9.09 8.11 1.05
CA LEU B 11 -8.87 6.71 0.73
C LEU B 11 -9.05 5.83 1.96
N LEU B 12 -8.64 6.33 3.11
CA LEU B 12 -8.77 5.59 4.36
C LEU B 12 -10.19 5.70 4.92
N ASP B 13 -10.83 6.83 4.67
CA ASP B 13 -12.19 7.06 5.15
C ASP B 13 -13.15 6.03 4.56
N PHE B 14 -13.02 5.80 3.25
CA PHE B 14 -13.88 4.84 2.56
C PHE B 14 -13.73 3.44 3.16
N SER B 15 -12.51 3.13 3.59
CA SER B 15 -12.23 1.82 4.18
C SER B 15 -12.76 1.74 5.61
N ALA B 16 -12.76 2.88 6.29
CA ALA B 16 -13.24 2.94 7.66
C ALA B 16 -14.70 2.50 7.76
N MET B 17 -15.46 2.75 6.69
CA MET B 17 -16.86 2.38 6.66
C MET B 17 -17.05 0.88 6.83
N PHE B 18 -16.06 0.11 6.35
CA PHE B 18 -16.12 -1.34 6.46
C PHE B 18 -14.81 -1.89 7.01
N SER B 19 -14.79 -2.19 8.31
CA SER B 19 -13.60 -2.72 8.96
C SER B 19 -13.98 -3.71 10.04
N GLY A 1 30.58 -7.68 -10.05
CA GLY A 1 30.31 -7.39 -8.61
C GLY A 1 28.97 -7.92 -8.17
N VAL A 2 28.09 -7.02 -7.73
CA VAL A 2 26.76 -7.40 -7.28
C VAL A 2 25.68 -6.70 -8.10
N ARG A 3 24.43 -7.12 -7.90
CA ARG A 3 23.31 -6.52 -8.63
C ARG A 3 22.11 -6.32 -7.71
N LYS A 4 22.38 -5.93 -6.46
CA LYS A 4 21.31 -5.71 -5.51
C LYS A 4 20.51 -6.98 -5.24
N GLY A 5 20.93 -8.13 -5.79
CA GLY A 5 20.18 -9.36 -5.59
C GLY A 5 18.70 -9.05 -5.49
N TRP A 6 18.27 -8.20 -6.42
CA TRP A 6 16.91 -7.67 -6.44
C TRP A 6 15.89 -8.62 -7.07
N HIS A 7 16.04 -8.88 -8.35
CA HIS A 7 15.09 -9.71 -9.07
C HIS A 7 15.24 -11.18 -8.74
N GLU A 8 16.34 -11.54 -8.12
CA GLU A 8 16.62 -12.93 -7.77
C GLU A 8 15.39 -13.64 -7.19
N HIS A 9 14.78 -13.05 -6.16
CA HIS A 9 13.61 -13.65 -5.54
C HIS A 9 12.42 -12.69 -5.45
N VAL A 10 12.24 -11.88 -6.48
CA VAL A 10 11.12 -10.96 -6.54
C VAL A 10 10.28 -11.26 -7.77
N THR A 11 10.92 -11.22 -8.93
CA THR A 11 10.27 -11.52 -10.19
C THR A 11 8.90 -10.85 -10.30
N GLN A 12 8.18 -11.16 -11.37
CA GLN A 12 6.85 -10.60 -11.60
C GLN A 12 5.80 -11.23 -10.68
N ASP A 13 5.80 -12.56 -10.61
CA ASP A 13 4.85 -13.29 -9.78
C ASP A 13 4.93 -12.89 -8.32
N LEU A 14 6.12 -13.01 -7.73
CA LEU A 14 6.31 -12.67 -6.33
C LEU A 14 6.04 -11.19 -6.08
N ARG A 15 6.28 -10.37 -7.10
CA ARG A 15 6.05 -8.94 -7.00
C ARG A 15 4.56 -8.63 -6.92
N SER A 16 3.81 -9.14 -7.89
CA SER A 16 2.37 -8.93 -7.92
C SER A 16 1.71 -9.40 -6.64
N HIS A 17 2.21 -10.51 -6.10
CA HIS A 17 1.67 -11.07 -4.87
C HIS A 17 1.84 -10.09 -3.71
N LEU A 18 2.89 -9.27 -3.78
CA LEU A 18 3.17 -8.29 -2.75
C LEU A 18 2.31 -7.04 -2.93
N VAL A 19 1.96 -6.75 -4.19
CA VAL A 19 1.14 -5.58 -4.49
C VAL A 19 -0.17 -5.62 -3.72
N HIS A 20 -0.76 -6.81 -3.64
CA HIS A 20 -2.03 -6.98 -2.92
C HIS A 20 -1.87 -6.60 -1.46
N LYS A 21 -0.82 -7.12 -0.82
CA LYS A 21 -0.56 -6.82 0.59
C LYS A 21 -0.37 -5.33 0.78
N LEU A 22 0.20 -4.67 -0.22
CA LEU A 22 0.43 -3.23 -0.16
C LEU A 22 -0.89 -2.48 -0.19
N VAL A 23 -1.87 -3.02 -0.91
CA VAL A 23 -3.18 -2.41 -1.02
C VAL A 23 -4.01 -2.66 0.25
N GLN A 24 -3.73 -3.79 0.90
CA GLN A 24 -4.45 -4.17 2.12
C GLN A 24 -4.24 -3.12 3.20
N ALA A 25 -3.12 -2.41 3.13
CA ALA A 25 -2.80 -1.37 4.12
C ALA A 25 -3.96 -0.39 4.29
N ILE A 26 -4.52 0.06 3.16
CA ILE A 26 -5.63 0.99 3.18
C ILE A 26 -6.97 0.25 3.28
N PHE A 27 -7.01 -0.95 2.71
CA PHE A 27 -8.22 -1.76 2.73
C PHE A 27 -7.89 -3.21 3.08
N PRO A 28 -7.63 -3.49 4.37
CA PRO A 28 -7.30 -4.83 4.84
C PRO A 28 -8.36 -5.86 4.46
N THR A 29 -9.56 -5.69 4.99
CA THR A 29 -10.66 -6.61 4.71
C THR A 29 -11.12 -6.49 3.26
N PRO A 30 -11.68 -7.57 2.69
CA PRO A 30 -12.16 -7.58 1.30
C PRO A 30 -13.34 -6.64 1.10
N ASP A 31 -13.59 -6.28 -0.16
CA ASP A 31 -14.70 -5.38 -0.49
C ASP A 31 -15.01 -5.45 -1.99
N PRO A 32 -15.89 -6.38 -2.39
CA PRO A 32 -16.29 -6.54 -3.79
C PRO A 32 -16.94 -5.29 -4.36
N ALA A 33 -17.54 -4.50 -3.48
CA ALA A 33 -18.21 -3.27 -3.89
C ALA A 33 -17.19 -2.14 -4.10
N ALA A 34 -16.04 -2.25 -3.45
CA ALA A 34 -14.99 -1.24 -3.56
C ALA A 34 -14.39 -1.25 -4.97
N LEU A 35 -14.26 -2.43 -5.55
CA LEU A 35 -13.70 -2.57 -6.89
C LEU A 35 -14.49 -1.73 -7.89
N LYS A 36 -15.78 -1.57 -7.63
CA LYS A 36 -16.64 -0.78 -8.51
C LYS A 36 -16.57 0.70 -8.15
N ASP A 37 -16.23 0.99 -6.90
CA ASP A 37 -16.12 2.36 -6.44
C ASP A 37 -15.02 3.11 -7.17
N ARG A 38 -15.32 4.32 -7.62
CA ARG A 38 -14.35 5.14 -8.35
C ARG A 38 -13.13 5.43 -7.48
N ARG A 39 -13.34 5.47 -6.16
CA ARG A 39 -12.26 5.73 -5.22
C ARG A 39 -11.15 4.69 -5.36
N MET A 40 -11.54 3.45 -5.59
CA MET A 40 -10.58 2.36 -5.73
C MET A 40 -9.62 2.64 -6.88
N GLU A 41 -10.09 3.37 -7.88
CA GLU A 41 -9.27 3.71 -9.04
C GLU A 41 -8.00 4.43 -8.60
N ASN A 42 -8.13 5.26 -7.57
CA ASN A 42 -7.01 6.03 -7.05
C ASN A 42 -6.14 5.15 -6.16
N LEU A 43 -6.76 4.18 -5.49
CA LEU A 43 -6.03 3.28 -4.60
C LEU A 43 -4.94 2.53 -5.36
N VAL A 44 -5.30 2.01 -6.53
CA VAL A 44 -4.34 1.27 -7.36
C VAL A 44 -3.14 2.14 -7.71
N ALA A 45 -3.42 3.27 -8.36
CA ALA A 45 -2.36 4.19 -8.77
C ALA A 45 -1.48 4.58 -7.58
N TYR A 46 -2.09 4.64 -6.40
CA TYR A 46 -1.35 4.99 -5.18
C TYR A 46 -0.36 3.90 -4.83
N ALA A 47 -0.85 2.67 -4.70
CA ALA A 47 -0.01 1.53 -4.37
C ALA A 47 1.07 1.32 -5.43
N LYS A 48 0.74 1.68 -6.67
CA LYS A 48 1.68 1.53 -7.78
C LYS A 48 2.85 2.50 -7.63
N LYS A 49 2.57 3.67 -7.08
CA LYS A 49 3.59 4.69 -6.89
C LYS A 49 4.52 4.32 -5.73
N VAL A 50 3.93 3.78 -4.66
CA VAL A 50 4.71 3.39 -3.48
C VAL A 50 5.50 2.12 -3.76
N GLU A 51 4.82 1.08 -4.26
CA GLU A 51 5.49 -0.18 -4.56
C GLU A 51 6.73 0.08 -5.40
N GLY A 52 6.59 0.95 -6.39
CA GLY A 52 7.72 1.29 -7.23
C GLY A 52 8.81 1.95 -6.42
N ASP A 53 8.39 2.69 -5.39
CA ASP A 53 9.32 3.37 -4.50
C ASP A 53 9.94 2.38 -3.53
N MET A 54 9.18 1.36 -3.18
CA MET A 54 9.65 0.32 -2.27
C MET A 54 10.70 -0.55 -2.95
N TYR A 55 10.56 -0.72 -4.26
CA TYR A 55 11.49 -1.52 -5.04
C TYR A 55 12.83 -0.80 -5.22
N GLU A 56 12.81 0.53 -5.08
CA GLU A 56 14.02 1.31 -5.24
C GLU A 56 14.75 1.50 -3.91
N SER A 57 14.03 1.34 -2.80
CA SER A 57 14.62 1.49 -1.47
C SER A 57 15.40 0.23 -1.07
N ALA A 58 14.81 -0.93 -1.36
CA ALA A 58 15.43 -2.21 -1.03
C ALA A 58 16.55 -2.53 -1.98
N ASN A 59 17.72 -2.80 -1.43
CA ASN A 59 18.85 -3.19 -2.24
C ASN A 59 18.88 -4.71 -2.34
N SER A 60 17.83 -5.32 -1.80
CA SER A 60 17.71 -6.78 -1.81
C SER A 60 16.27 -7.22 -1.54
N ARG A 61 15.96 -8.47 -1.83
CA ARG A 61 14.62 -8.99 -1.63
C ARG A 61 14.20 -8.83 -0.16
N ASP A 62 15.03 -9.33 0.74
CA ASP A 62 14.75 -9.26 2.18
C ASP A 62 14.31 -7.86 2.58
N GLU A 63 15.09 -6.86 2.21
CA GLU A 63 14.78 -5.47 2.55
C GLU A 63 13.41 -5.08 2.00
N TYR A 64 13.16 -5.44 0.74
CA TYR A 64 11.89 -5.12 0.11
C TYR A 64 10.72 -5.75 0.87
N TYR A 65 10.94 -6.92 1.44
CA TYR A 65 9.92 -7.61 2.20
C TYR A 65 9.76 -7.01 3.59
N HIS A 66 10.84 -6.47 4.13
CA HIS A 66 10.83 -5.88 5.46
C HIS A 66 10.26 -4.45 5.43
N LEU A 67 10.87 -3.58 4.63
CA LEU A 67 10.43 -2.20 4.52
C LEU A 67 8.98 -2.12 4.04
N LEU A 68 8.58 -3.08 3.22
CA LEU A 68 7.22 -3.11 2.68
C LEU A 68 6.21 -3.36 3.79
N ALA A 69 6.61 -4.15 4.79
CA ALA A 69 5.73 -4.47 5.91
C ALA A 69 5.63 -3.31 6.89
N GLU A 70 6.69 -2.50 6.95
CA GLU A 70 6.73 -1.36 7.85
C GLU A 70 5.68 -0.31 7.47
N LYS A 71 5.72 0.12 6.22
CA LYS A 71 4.77 1.12 5.73
C LYS A 71 3.33 0.65 5.91
N ILE A 72 3.07 -0.61 5.55
CA ILE A 72 1.73 -1.16 5.68
C ILE A 72 1.32 -1.28 7.14
N TYR A 73 2.30 -1.51 8.00
CA TYR A 73 2.05 -1.64 9.44
C TYR A 73 1.69 -0.29 10.04
N LYS A 74 2.51 0.73 9.75
CA LYS A 74 2.28 2.06 10.27
C LYS A 74 0.98 2.65 9.72
N ILE A 75 0.79 2.54 8.41
CA ILE A 75 -0.41 3.05 7.76
C ILE A 75 -1.64 2.27 8.18
N GLN A 76 -1.45 0.99 8.51
CA GLN A 76 -2.55 0.14 8.93
C GLN A 76 -3.24 0.71 10.17
N LYS A 77 -2.47 1.39 11.00
CA LYS A 77 -3.01 1.99 12.22
C LYS A 77 -3.78 3.27 11.91
N GLU A 78 -3.35 3.97 10.86
CA GLU A 78 -4.00 5.20 10.45
C GLU A 78 -5.47 4.97 10.10
N LEU A 79 -5.76 3.77 9.61
CA LEU A 79 -7.13 3.41 9.23
C LEU A 79 -8.08 3.57 10.41
N GLU A 80 -7.58 3.29 11.62
CA GLU A 80 -8.39 3.40 12.82
C GLU A 80 -8.71 4.85 13.12
N GLU A 81 -7.81 5.75 12.76
CA GLU A 81 -8.00 7.18 12.99
C GLU A 81 -9.24 7.69 12.27
N LYS A 82 -9.54 7.08 11.12
CA LYS A 82 -10.70 7.46 10.33
C LYS A 82 -12.00 7.18 11.08
N ARG A 83 -12.03 6.07 11.81
CA ARG A 83 -13.20 5.68 12.58
C ARG A 83 -13.50 6.70 13.67
N ARG A 84 -12.45 7.16 14.35
CA ARG A 84 -12.59 8.14 15.42
C ARG A 84 -12.64 9.56 14.86
N SER A 85 -12.48 9.70 13.56
CA SER A 85 -12.54 11.00 12.93
C SER A 85 -13.93 11.60 13.07
N ARG A 86 -14.88 10.79 13.52
CA ARG A 86 -16.26 11.25 13.70
C ARG A 86 -16.92 10.63 14.92
N LEU A 87 -16.29 9.61 15.44
CA LEU A 87 -16.78 8.90 16.62
C LEU A 87 -18.15 8.29 16.34
N GLY B 1 4.44 23.04 5.92
CA GLY B 1 5.74 22.34 5.77
C GLY B 1 5.58 20.90 5.31
N SER B 2 4.57 20.22 5.85
CA SER B 2 4.31 18.83 5.50
C SER B 2 2.84 18.62 5.21
N GLY B 3 2.55 17.80 4.20
CA GLY B 3 1.17 17.52 3.84
C GLY B 3 0.75 18.24 2.58
N THR B 4 1.24 17.77 1.44
CA THR B 4 0.91 18.38 0.15
C THR B 4 -0.51 18.00 -0.28
N ASP B 5 -0.75 16.70 -0.40
CA ASP B 5 -2.06 16.20 -0.81
C ASP B 5 -2.79 15.57 0.38
N LYS B 6 -4.12 15.63 0.33
CA LYS B 6 -4.94 15.06 1.40
C LYS B 6 -5.85 13.96 0.86
N GLU B 7 -5.38 13.26 -0.16
CA GLU B 7 -6.14 12.17 -0.76
C GLU B 7 -6.05 10.90 0.07
N LEU B 8 -4.94 10.74 0.79
CA LEU B 8 -4.73 9.57 1.63
C LEU B 8 -5.87 9.41 2.62
N SER B 9 -6.36 10.53 3.13
CA SER B 9 -7.45 10.52 4.10
C SER B 9 -8.80 10.30 3.40
N ASP B 10 -8.89 10.77 2.16
CA ASP B 10 -10.11 10.61 1.38
C ASP B 10 -10.38 9.15 1.06
N LEU B 11 -9.32 8.42 0.76
CA LEU B 11 -9.44 6.99 0.44
C LEU B 11 -9.57 6.15 1.70
N LEU B 12 -8.95 6.61 2.78
CA LEU B 12 -9.01 5.90 4.05
C LEU B 12 -10.41 5.91 4.63
N ASP B 13 -11.17 6.97 4.32
CA ASP B 13 -12.54 7.11 4.80
C ASP B 13 -13.40 5.92 4.34
N PHE B 14 -13.39 5.67 3.04
CA PHE B 14 -14.16 4.58 2.46
C PHE B 14 -13.74 3.25 3.06
N SER B 15 -12.47 3.14 3.43
CA SER B 15 -11.94 1.91 4.02
C SER B 15 -12.39 1.76 5.46
N ALA B 16 -12.66 2.89 6.12
CA ALA B 16 -13.10 2.88 7.51
C ALA B 16 -14.32 2.00 7.70
N MET B 17 -15.12 1.85 6.64
CA MET B 17 -16.31 1.02 6.69
C MET B 17 -15.97 -0.45 6.58
N PHE B 18 -14.94 -0.75 5.79
CA PHE B 18 -14.50 -2.13 5.58
C PHE B 18 -15.68 -3.07 5.34
N SER B 19 -16.74 -2.54 4.74
CA SER B 19 -17.93 -3.34 4.48
C SER B 19 -18.96 -2.51 3.71
N GLY A 1 26.85 0.07 -14.35
CA GLY A 1 27.98 -0.89 -14.24
C GLY A 1 27.56 -2.21 -13.60
N VAL A 2 27.13 -2.14 -12.35
CA VAL A 2 26.69 -3.34 -11.63
C VAL A 2 25.30 -3.13 -11.03
N ARG A 3 24.76 -4.21 -10.47
CA ARG A 3 23.43 -4.15 -9.86
C ARG A 3 23.39 -4.95 -8.56
N LYS A 4 22.65 -4.44 -7.58
CA LYS A 4 22.52 -5.11 -6.28
C LYS A 4 22.06 -6.55 -6.47
N GLY A 5 22.30 -7.38 -5.45
CA GLY A 5 21.79 -8.74 -5.51
C GLY A 5 20.31 -8.68 -5.28
N TRP A 6 19.64 -8.03 -6.22
CA TRP A 6 18.21 -7.76 -6.14
C TRP A 6 17.33 -8.88 -6.65
N HIS A 7 17.44 -9.15 -7.94
CA HIS A 7 16.62 -10.17 -8.59
C HIS A 7 16.87 -11.57 -8.06
N GLU A 8 17.93 -11.73 -7.30
CA GLU A 8 18.31 -13.03 -6.76
C GLU A 8 17.14 -13.84 -6.21
N HIS A 9 16.35 -13.26 -5.31
CA HIS A 9 15.22 -14.00 -4.72
C HIS A 9 13.92 -13.22 -4.66
N VAL A 10 13.69 -12.33 -5.62
CA VAL A 10 12.42 -11.58 -5.65
C VAL A 10 11.54 -12.10 -6.77
N THR A 11 12.13 -12.22 -7.96
CA THR A 11 11.40 -12.73 -9.12
C THR A 11 10.11 -11.95 -9.36
N GLN A 12 9.49 -12.18 -10.52
CA GLN A 12 8.26 -11.50 -10.87
C GLN A 12 7.07 -12.06 -10.08
N ASP A 13 7.14 -13.35 -9.75
CA ASP A 13 6.07 -14.00 -9.00
C ASP A 13 5.98 -13.46 -7.59
N LEU A 14 7.08 -13.53 -6.86
CA LEU A 14 7.12 -13.05 -5.48
C LEU A 14 6.82 -11.56 -5.42
N ARG A 15 7.29 -10.82 -6.42
CA ARG A 15 7.08 -9.38 -6.47
C ARG A 15 5.59 -9.05 -6.54
N SER A 16 4.86 -9.80 -7.36
CA SER A 16 3.42 -9.58 -7.50
C SER A 16 2.71 -9.80 -6.16
N HIS A 17 3.05 -10.87 -5.47
CA HIS A 17 2.44 -11.17 -4.18
C HIS A 17 2.69 -10.05 -3.18
N LEU A 18 3.82 -9.37 -3.33
CA LEU A 18 4.17 -8.27 -2.44
C LEU A 18 3.39 -7.01 -2.80
N VAL A 19 3.04 -6.87 -4.06
CA VAL A 19 2.29 -5.71 -4.53
C VAL A 19 0.88 -5.71 -3.96
N HIS A 20 0.34 -6.90 -3.69
CA HIS A 20 -1.00 -7.04 -3.14
C HIS A 20 -1.06 -6.51 -1.71
N LYS A 21 0.07 -6.59 -1.01
CA LYS A 21 0.14 -6.12 0.37
C LYS A 21 -0.24 -4.65 0.46
N LEU A 22 0.30 -3.84 -0.44
CA LEU A 22 0.01 -2.41 -0.46
C LEU A 22 -1.48 -2.16 -0.64
N VAL A 23 -2.14 -3.05 -1.38
CA VAL A 23 -3.57 -2.93 -1.63
C VAL A 23 -4.38 -3.37 -0.43
N GLN A 24 -3.83 -4.31 0.34
CA GLN A 24 -4.50 -4.81 1.53
C GLN A 24 -4.32 -3.87 2.71
N ALA A 25 -3.18 -3.19 2.74
CA ALA A 25 -2.88 -2.24 3.82
C ALA A 25 -3.95 -1.16 3.93
N ILE A 26 -4.29 -0.56 2.79
CA ILE A 26 -5.31 0.48 2.75
C ILE A 26 -6.70 -0.09 2.98
N PHE A 27 -7.03 -1.13 2.22
CA PHE A 27 -8.34 -1.78 2.34
C PHE A 27 -8.19 -3.29 2.49
N PRO A 28 -7.83 -3.77 3.69
CA PRO A 28 -7.66 -5.20 3.95
C PRO A 28 -8.88 -6.02 3.56
N THR A 29 -10.01 -5.74 4.21
CA THR A 29 -11.25 -6.45 3.93
C THR A 29 -11.73 -6.17 2.50
N PRO A 30 -12.48 -7.12 1.91
CA PRO A 30 -13.00 -6.96 0.54
C PRO A 30 -14.11 -5.92 0.46
N ASP A 31 -14.19 -5.24 -0.68
CA ASP A 31 -15.21 -4.22 -0.89
C ASP A 31 -15.76 -4.29 -2.31
N PRO A 32 -16.78 -5.13 -2.54
CA PRO A 32 -17.39 -5.28 -3.86
C PRO A 32 -18.02 -3.98 -4.36
N ALA A 33 -18.42 -3.12 -3.42
CA ALA A 33 -19.01 -1.84 -3.75
C ALA A 33 -17.95 -0.82 -4.13
N ALA A 34 -16.74 -1.01 -3.63
CA ALA A 34 -15.63 -0.10 -3.92
C ALA A 34 -15.28 -0.13 -5.40
N LEU A 35 -15.46 -1.28 -6.03
CA LEU A 35 -15.16 -1.44 -7.45
C LEU A 35 -16.00 -0.47 -8.29
N LYS A 36 -17.19 -0.17 -7.80
CA LYS A 36 -18.09 0.75 -8.51
C LYS A 36 -17.81 2.19 -8.11
N ASP A 37 -17.28 2.38 -6.90
CA ASP A 37 -16.96 3.72 -6.41
C ASP A 37 -15.77 4.30 -7.16
N ARG A 38 -15.78 5.62 -7.34
CA ARG A 38 -14.70 6.32 -8.03
C ARG A 38 -13.45 6.38 -7.16
N ARG A 39 -13.64 6.37 -5.85
CA ARG A 39 -12.52 6.44 -4.92
C ARG A 39 -11.54 5.28 -5.16
N MET A 40 -12.08 4.08 -5.29
CA MET A 40 -11.25 2.90 -5.52
C MET A 40 -10.41 3.05 -6.79
N GLU A 41 -10.96 3.79 -7.76
CA GLU A 41 -10.26 4.03 -9.02
C GLU A 41 -8.90 4.67 -8.77
N ASN A 42 -8.82 5.46 -7.71
CA ASN A 42 -7.57 6.13 -7.35
C ASN A 42 -6.62 5.18 -6.64
N LEU A 43 -7.19 4.24 -5.89
CA LEU A 43 -6.40 3.26 -5.15
C LEU A 43 -5.49 2.47 -6.10
N VAL A 44 -6.04 2.09 -7.24
CA VAL A 44 -5.29 1.31 -8.22
C VAL A 44 -4.06 2.10 -8.70
N ALA A 45 -4.31 3.28 -9.26
CA ALA A 45 -3.22 4.13 -9.75
C ALA A 45 -2.25 4.48 -8.63
N TYR A 46 -2.79 4.80 -7.46
CA TYR A 46 -1.98 5.16 -6.30
C TYR A 46 -1.05 4.01 -5.92
N ALA A 47 -1.63 2.83 -5.72
CA ALA A 47 -0.86 1.66 -5.35
C ALA A 47 0.15 1.29 -6.44
N LYS A 48 -0.19 1.63 -7.68
CA LYS A 48 0.69 1.33 -8.81
C LYS A 48 1.94 2.20 -8.78
N LYS A 49 1.79 3.45 -8.34
CA LYS A 49 2.91 4.37 -8.28
C LYS A 49 3.74 4.14 -7.01
N VAL A 50 3.07 3.75 -5.94
CA VAL A 50 3.74 3.50 -4.66
C VAL A 50 4.48 2.16 -4.70
N GLU A 51 3.80 1.11 -5.16
CA GLU A 51 4.42 -0.21 -5.24
C GLU A 51 5.78 -0.12 -5.92
N GLY A 52 5.83 0.60 -7.03
CA GLY A 52 7.10 0.78 -7.74
C GLY A 52 8.09 1.51 -6.87
N ASP A 53 7.58 2.39 -6.01
CA ASP A 53 8.42 3.15 -5.10
C ASP A 53 8.84 2.29 -3.91
N MET A 54 7.99 1.32 -3.57
CA MET A 54 8.26 0.41 -2.46
C MET A 54 9.39 -0.55 -2.80
N TYR A 55 9.29 -1.17 -3.98
CA TYR A 55 10.30 -2.11 -4.43
C TYR A 55 11.67 -1.44 -4.53
N GLU A 56 11.74 -0.34 -5.27
CA GLU A 56 12.99 0.40 -5.45
C GLU A 56 13.66 0.74 -4.11
N SER A 57 12.85 1.10 -3.12
CA SER A 57 13.38 1.45 -1.79
C SER A 57 14.40 0.41 -1.31
N ALA A 58 14.21 -0.82 -1.75
CA ALA A 58 15.10 -1.92 -1.38
C ALA A 58 16.22 -2.09 -2.37
N ASN A 59 17.42 -2.28 -1.87
CA ASN A 59 18.56 -2.54 -2.72
C ASN A 59 18.72 -4.05 -2.81
N SER A 60 17.82 -4.74 -2.10
CA SER A 60 17.83 -6.20 -2.08
C SER A 60 16.41 -6.74 -1.87
N ARG A 61 16.26 -8.05 -1.92
CA ARG A 61 14.95 -8.67 -1.74
C ARG A 61 14.51 -8.59 -0.28
N ASP A 62 15.44 -8.90 0.62
CA ASP A 62 15.16 -8.88 2.06
C ASP A 62 14.68 -7.49 2.49
N GLU A 63 15.42 -6.47 2.10
CA GLU A 63 15.08 -5.10 2.45
C GLU A 63 13.69 -4.73 1.93
N TYR A 64 13.32 -5.33 0.80
CA TYR A 64 12.01 -5.06 0.19
C TYR A 64 10.89 -5.67 1.03
N TYR A 65 11.18 -6.79 1.68
CA TYR A 65 10.19 -7.46 2.51
C TYR A 65 10.03 -6.75 3.85
N HIS A 66 11.10 -6.11 4.32
CA HIS A 66 11.07 -5.40 5.59
C HIS A 66 10.31 -4.08 5.46
N LEU A 67 10.72 -3.27 4.48
CA LEU A 67 10.08 -1.98 4.24
C LEU A 67 8.59 -2.14 3.97
N LEU A 68 8.22 -3.29 3.40
CA LEU A 68 6.82 -3.57 3.08
C LEU A 68 5.99 -3.69 4.36
N ALA A 69 6.52 -4.39 5.34
CA ALA A 69 5.83 -4.59 6.61
C ALA A 69 5.65 -3.26 7.35
N GLU A 70 6.70 -2.45 7.37
CA GLU A 70 6.65 -1.16 8.04
C GLU A 70 5.56 -0.28 7.44
N LYS A 71 5.43 -0.30 6.12
CA LYS A 71 4.43 0.48 5.43
C LYS A 71 3.03 -0.01 5.77
N ILE A 72 2.78 -1.30 5.54
CA ILE A 72 1.48 -1.90 5.82
C ILE A 72 1.18 -1.84 7.32
N TYR A 73 2.23 -1.90 8.13
CA TYR A 73 2.08 -1.86 9.57
C TYR A 73 1.70 -0.45 10.04
N LYS A 74 2.46 0.55 9.58
CA LYS A 74 2.20 1.94 9.95
C LYS A 74 0.85 2.39 9.41
N ILE A 75 0.58 2.09 8.15
CA ILE A 75 -0.68 2.47 7.52
C ILE A 75 -1.86 1.72 8.15
N GLN A 76 -1.60 0.50 8.59
CA GLN A 76 -2.63 -0.32 9.21
C GLN A 76 -3.21 0.37 10.46
N LYS A 77 -2.33 0.79 11.36
CA LYS A 77 -2.75 1.46 12.57
C LYS A 77 -3.42 2.79 12.26
N GLU A 78 -2.99 3.42 11.18
CA GLU A 78 -3.55 4.70 10.76
C GLU A 78 -5.03 4.57 10.43
N LEU A 79 -5.42 3.39 9.95
CA LEU A 79 -6.81 3.13 9.59
C LEU A 79 -7.73 3.30 10.80
N GLU A 80 -7.30 2.77 11.94
CA GLU A 80 -8.08 2.88 13.17
C GLU A 80 -8.29 4.33 13.56
N GLU A 81 -7.32 5.17 13.23
CA GLU A 81 -7.40 6.59 13.55
C GLU A 81 -8.57 7.24 12.84
N LYS A 82 -8.90 6.73 11.66
CA LYS A 82 -10.01 7.27 10.87
C LYS A 82 -11.35 6.79 11.41
N ARG A 83 -11.34 5.61 12.03
CA ARG A 83 -12.56 5.03 12.58
C ARG A 83 -12.97 5.74 13.86
N ARG A 84 -11.99 6.29 14.57
CA ARG A 84 -12.26 7.01 15.82
C ARG A 84 -12.78 8.42 15.56
N SER A 85 -12.84 8.81 14.29
CA SER A 85 -13.34 10.12 13.92
C SER A 85 -14.80 10.27 14.37
N ARG A 86 -15.42 9.16 14.75
CA ARG A 86 -16.81 9.19 15.19
C ARG A 86 -17.08 8.18 16.29
N LEU A 87 -16.15 7.28 16.47
CA LEU A 87 -16.24 6.24 17.50
C LEU A 87 -14.93 5.48 17.62
N GLY B 1 -1.07 23.58 -2.43
CA GLY B 1 -0.73 22.16 -2.13
C GLY B 1 0.76 21.89 -2.21
N SER B 2 1.45 22.07 -1.08
CA SER B 2 2.89 21.85 -1.03
C SER B 2 3.20 20.55 -0.27
N GLY B 3 2.32 19.58 -0.38
CA GLY B 3 2.52 18.31 0.30
C GLY B 3 2.19 17.13 -0.59
N THR B 4 2.36 17.30 -1.90
CA THR B 4 2.09 16.24 -2.86
C THR B 4 0.59 15.94 -2.93
N ASP B 5 0.05 15.38 -1.85
CA ASP B 5 -1.37 15.05 -1.79
C ASP B 5 -1.74 14.49 -0.42
N LYS B 6 -3.02 14.23 -0.21
CA LYS B 6 -3.51 13.70 1.06
C LYS B 6 -4.65 12.71 0.83
N GLU B 7 -4.55 11.94 -0.24
CA GLU B 7 -5.58 10.96 -0.58
C GLU B 7 -5.47 9.73 0.33
N LEU B 8 -4.26 9.46 0.81
CA LEU B 8 -4.03 8.31 1.68
C LEU B 8 -4.94 8.37 2.91
N SER B 9 -5.21 9.59 3.38
CA SER B 9 -6.06 9.78 4.54
C SER B 9 -7.54 9.64 4.16
N ASP B 10 -7.87 10.06 2.93
CA ASP B 10 -9.24 9.98 2.45
C ASP B 10 -9.58 8.56 2.00
N LEU B 11 -8.57 7.85 1.51
CA LEU B 11 -8.76 6.48 1.04
C LEU B 11 -9.06 5.55 2.20
N LEU B 12 -8.52 5.86 3.37
CA LEU B 12 -8.74 5.05 4.56
C LEU B 12 -10.11 5.33 5.17
N ASP B 13 -10.58 6.56 5.02
CA ASP B 13 -11.88 6.95 5.56
C ASP B 13 -12.99 6.10 4.98
N PHE B 14 -12.83 5.68 3.73
CA PHE B 14 -13.82 4.85 3.06
C PHE B 14 -14.03 3.55 3.80
N SER B 15 -12.94 2.88 4.15
CA SER B 15 -13.00 1.61 4.87
C SER B 15 -13.57 1.82 6.27
N ALA B 16 -13.21 2.94 6.89
CA ALA B 16 -13.69 3.25 8.24
C ALA B 16 -15.21 3.34 8.28
N MET B 17 -15.79 3.96 7.25
CA MET B 17 -17.23 4.11 7.17
C MET B 17 -17.87 2.89 6.52
N PHE B 18 -17.22 2.38 5.48
CA PHE B 18 -17.72 1.20 4.77
C PHE B 18 -16.94 -0.05 5.16
N SER B 19 -17.64 -1.01 5.76
CA SER B 19 -17.01 -2.26 6.18
C SER B 19 -17.42 -3.40 5.25
N GLY A 1 29.73 -1.25 -9.20
CA GLY A 1 29.70 -2.24 -10.29
C GLY A 1 28.66 -3.32 -10.09
N VAL A 2 28.03 -3.76 -11.17
CA VAL A 2 27.01 -4.80 -11.10
C VAL A 2 25.79 -4.30 -10.31
N ARG A 3 24.71 -5.09 -10.34
CA ARG A 3 23.49 -4.72 -9.63
C ARG A 3 23.35 -5.54 -8.35
N LYS A 4 22.66 -4.97 -7.36
CA LYS A 4 22.45 -5.63 -6.09
C LYS A 4 21.85 -7.02 -6.30
N GLY A 5 21.99 -7.88 -5.30
CA GLY A 5 21.38 -9.19 -5.37
C GLY A 5 19.89 -9.00 -5.16
N TRP A 6 19.29 -8.29 -6.11
CA TRP A 6 17.90 -7.91 -6.05
C TRP A 6 16.93 -8.94 -6.58
N HIS A 7 17.04 -9.20 -7.87
CA HIS A 7 16.13 -10.13 -8.56
C HIS A 7 16.22 -11.56 -8.03
N GLU A 8 17.23 -11.84 -7.25
CA GLU A 8 17.45 -13.20 -6.73
C GLU A 8 16.15 -13.85 -6.21
N HIS A 9 15.40 -13.16 -5.35
CA HIS A 9 14.18 -13.75 -4.80
C HIS A 9 12.96 -12.84 -4.89
N VAL A 10 12.86 -12.04 -5.94
CA VAL A 10 11.70 -11.16 -6.12
C VAL A 10 10.94 -11.57 -7.37
N THR A 11 11.70 -11.89 -8.43
CA THR A 11 11.12 -12.33 -9.69
C THR A 11 9.94 -11.46 -10.12
N GLN A 12 9.35 -11.79 -11.27
CA GLN A 12 8.22 -11.04 -11.79
C GLN A 12 6.93 -11.35 -11.02
N ASP A 13 6.68 -12.64 -10.80
CA ASP A 13 5.47 -13.08 -10.11
C ASP A 13 5.55 -12.79 -8.61
N LEU A 14 6.58 -13.29 -7.95
CA LEU A 14 6.74 -13.08 -6.51
C LEU A 14 6.73 -11.59 -6.17
N ARG A 15 7.19 -10.76 -7.11
CA ARG A 15 7.22 -9.32 -6.92
C ARG A 15 5.80 -8.74 -6.90
N SER A 16 4.93 -9.32 -7.72
CA SER A 16 3.54 -8.86 -7.80
C SER A 16 2.78 -9.21 -6.52
N HIS A 17 3.13 -10.34 -5.92
CA HIS A 17 2.47 -10.79 -4.70
C HIS A 17 2.61 -9.74 -3.60
N LEU A 18 3.71 -8.99 -3.63
CA LEU A 18 3.96 -7.96 -2.65
C LEU A 18 3.19 -6.68 -2.97
N VAL A 19 2.89 -6.50 -4.26
CA VAL A 19 2.15 -5.31 -4.70
C VAL A 19 0.74 -5.31 -4.13
N HIS A 20 0.20 -6.50 -3.87
CA HIS A 20 -1.15 -6.63 -3.33
C HIS A 20 -1.19 -6.22 -1.86
N LYS A 21 -0.07 -6.40 -1.17
CA LYS A 21 0.02 -6.05 0.25
C LYS A 21 -0.31 -4.57 0.45
N LEU A 22 0.23 -3.72 -0.42
CA LEU A 22 0.00 -2.29 -0.34
C LEU A 22 -1.49 -1.97 -0.48
N VAL A 23 -2.17 -2.77 -1.29
CA VAL A 23 -3.60 -2.58 -1.51
C VAL A 23 -4.42 -3.10 -0.33
N GLN A 24 -3.88 -4.11 0.35
CA GLN A 24 -4.57 -4.70 1.49
C GLN A 24 -4.45 -3.80 2.73
N ALA A 25 -3.28 -3.17 2.87
CA ALA A 25 -3.04 -2.29 4.01
C ALA A 25 -4.06 -1.15 4.04
N ILE A 26 -4.37 -0.60 2.88
CA ILE A 26 -5.32 0.49 2.78
C ILE A 26 -6.75 0.00 3.01
N PHE A 27 -7.10 -1.10 2.34
CA PHE A 27 -8.43 -1.68 2.47
C PHE A 27 -8.35 -3.18 2.71
N PRO A 28 -7.94 -3.59 3.92
CA PRO A 28 -7.81 -5.01 4.28
C PRO A 28 -9.12 -5.77 4.10
N THR A 29 -10.14 -5.38 4.86
CA THR A 29 -11.45 -6.03 4.79
C THR A 29 -12.04 -5.91 3.38
N PRO A 30 -12.68 -6.97 2.88
CA PRO A 30 -13.29 -6.97 1.54
C PRO A 30 -14.27 -5.82 1.36
N ASP A 31 -14.48 -5.43 0.10
CA ASP A 31 -15.41 -4.34 -0.21
C ASP A 31 -15.92 -4.47 -1.64
N PRO A 32 -16.86 -5.41 -1.87
CA PRO A 32 -17.43 -5.63 -3.21
C PRO A 32 -18.09 -4.37 -3.76
N ALA A 33 -18.50 -3.49 -2.86
CA ALA A 33 -19.14 -2.23 -3.26
C ALA A 33 -18.10 -1.20 -3.68
N ALA A 34 -16.88 -1.36 -3.19
CA ALA A 34 -15.80 -0.45 -3.52
C ALA A 34 -15.35 -0.62 -4.97
N LEU A 35 -15.36 -1.87 -5.43
CA LEU A 35 -14.95 -2.17 -6.80
C LEU A 35 -15.79 -1.38 -7.80
N LYS A 36 -17.02 -1.08 -7.42
CA LYS A 36 -17.93 -0.33 -8.27
C LYS A 36 -17.70 1.17 -8.12
N ASP A 37 -17.17 1.57 -6.97
CA ASP A 37 -16.91 2.99 -6.71
C ASP A 37 -15.76 3.49 -7.58
N ARG A 38 -15.94 4.68 -8.15
CA ARG A 38 -14.92 5.27 -9.02
C ARG A 38 -13.71 5.71 -8.21
N ARG A 39 -13.95 6.14 -6.97
CA ARG A 39 -12.87 6.58 -6.09
C ARG A 39 -11.80 5.50 -5.93
N MET A 40 -12.22 4.24 -6.01
CA MET A 40 -11.31 3.11 -5.88
C MET A 40 -10.17 3.20 -6.89
N GLU A 41 -10.40 3.92 -7.99
CA GLU A 41 -9.39 4.09 -9.02
C GLU A 41 -8.11 4.66 -8.43
N ASN A 42 -8.23 5.42 -7.36
CA ASN A 42 -7.08 6.03 -6.71
C ASN A 42 -6.36 5.01 -5.83
N LEU A 43 -7.12 4.09 -5.24
CA LEU A 43 -6.56 3.07 -4.38
C LEU A 43 -5.57 2.19 -5.16
N VAL A 44 -5.89 1.92 -6.41
CA VAL A 44 -5.04 1.10 -7.26
C VAL A 44 -3.87 1.92 -7.81
N ALA A 45 -4.19 2.99 -8.51
CA ALA A 45 -3.16 3.86 -9.10
C ALA A 45 -2.15 4.31 -8.05
N TYR A 46 -2.64 4.48 -6.82
CA TYR A 46 -1.78 4.91 -5.72
C TYR A 46 -0.69 3.86 -5.44
N ALA A 47 -1.13 2.62 -5.24
CA ALA A 47 -0.20 1.53 -4.97
C ALA A 47 0.79 1.35 -6.12
N LYS A 48 0.38 1.73 -7.32
CA LYS A 48 1.23 1.61 -8.50
C LYS A 48 2.41 2.56 -8.42
N LYS A 49 2.16 3.77 -7.91
CA LYS A 49 3.21 4.78 -7.78
C LYS A 49 4.05 4.54 -6.53
N VAL A 50 3.41 4.07 -5.47
CA VAL A 50 4.10 3.81 -4.21
C VAL A 50 4.91 2.52 -4.29
N GLU A 51 4.30 1.46 -4.82
CA GLU A 51 4.99 0.18 -4.95
C GLU A 51 6.36 0.38 -5.58
N GLY A 52 6.40 1.14 -6.66
CA GLY A 52 7.67 1.41 -7.32
C GLY A 52 8.61 2.13 -6.38
N ASP A 53 8.04 2.93 -5.49
CA ASP A 53 8.81 3.69 -4.51
C ASP A 53 9.22 2.77 -3.37
N MET A 54 8.40 1.75 -3.11
CA MET A 54 8.67 0.80 -2.04
C MET A 54 9.74 -0.21 -2.47
N TYR A 55 9.61 -0.72 -3.68
CA TYR A 55 10.56 -1.70 -4.21
C TYR A 55 11.96 -1.10 -4.27
N GLU A 56 12.10 0.05 -4.93
CA GLU A 56 13.39 0.72 -5.05
C GLU A 56 14.08 0.90 -3.70
N SER A 57 13.31 1.28 -2.68
CA SER A 57 13.85 1.50 -1.34
C SER A 57 14.76 0.34 -0.92
N ALA A 58 14.49 -0.84 -1.44
CA ALA A 58 15.26 -2.04 -1.14
C ALA A 58 16.37 -2.26 -2.14
N ASN A 59 17.55 -2.56 -1.64
CA ASN A 59 18.67 -2.87 -2.51
C ASN A 59 18.73 -4.39 -2.63
N SER A 60 17.80 -5.05 -1.94
CA SER A 60 17.74 -6.51 -1.96
C SER A 60 16.31 -6.99 -1.78
N ARG A 61 16.13 -8.30 -1.75
CA ARG A 61 14.80 -8.89 -1.58
C ARG A 61 14.32 -8.74 -0.13
N ASP A 62 15.17 -9.15 0.80
CA ASP A 62 14.83 -9.07 2.22
C ASP A 62 14.46 -7.64 2.62
N GLU A 63 15.29 -6.68 2.20
CA GLU A 63 15.05 -5.28 2.51
C GLU A 63 13.68 -4.83 2.00
N TYR A 64 13.24 -5.44 0.91
CA TYR A 64 11.95 -5.11 0.31
C TYR A 64 10.80 -5.65 1.16
N TYR A 65 11.00 -6.85 1.72
CA TYR A 65 10.00 -7.49 2.54
C TYR A 65 9.92 -6.83 3.91
N HIS A 66 11.04 -6.27 4.36
CA HIS A 66 11.10 -5.61 5.66
C HIS A 66 10.38 -4.26 5.63
N LEU A 67 10.80 -3.39 4.72
CA LEU A 67 10.20 -2.07 4.59
C LEU A 67 8.70 -2.18 4.31
N LEU A 68 8.32 -3.18 3.53
CA LEU A 68 6.92 -3.40 3.18
C LEU A 68 6.08 -3.62 4.44
N ALA A 69 6.66 -4.30 5.42
CA ALA A 69 5.97 -4.59 6.68
C ALA A 69 5.64 -3.29 7.42
N GLU A 70 6.62 -2.42 7.54
CA GLU A 70 6.44 -1.14 8.23
C GLU A 70 5.33 -0.33 7.56
N LYS A 71 5.26 -0.39 6.24
CA LYS A 71 4.24 0.33 5.49
C LYS A 71 2.86 -0.26 5.75
N ILE A 72 2.73 -1.56 5.51
CA ILE A 72 1.46 -2.26 5.72
C ILE A 72 1.07 -2.22 7.19
N TYR A 73 2.07 -2.24 8.06
CA TYR A 73 1.84 -2.21 9.50
C TYR A 73 1.43 -0.80 9.95
N LYS A 74 2.16 0.20 9.47
CA LYS A 74 1.88 1.59 9.82
C LYS A 74 0.54 2.03 9.24
N ILE A 75 0.33 1.74 7.97
CA ILE A 75 -0.91 2.11 7.29
C ILE A 75 -2.10 1.35 7.87
N GLN A 76 -1.85 0.13 8.32
CA GLN A 76 -2.90 -0.69 8.89
C GLN A 76 -3.53 -0.02 10.11
N LYS A 77 -2.69 0.45 11.02
CA LYS A 77 -3.15 1.12 12.22
C LYS A 77 -3.58 2.55 11.92
N GLU A 78 -2.99 3.14 10.89
CA GLU A 78 -3.30 4.50 10.49
C GLU A 78 -4.79 4.68 10.24
N LEU A 79 -5.41 3.69 9.60
CA LEU A 79 -6.84 3.74 9.31
C LEU A 79 -7.66 3.91 10.59
N GLU A 80 -7.14 3.37 11.69
CA GLU A 80 -7.82 3.46 12.97
C GLU A 80 -8.03 4.91 13.38
N GLU A 81 -7.10 5.77 12.98
CA GLU A 81 -7.17 7.19 13.30
C GLU A 81 -8.12 7.92 12.36
N LYS A 82 -8.19 7.43 11.12
CA LYS A 82 -9.07 8.03 10.11
C LYS A 82 -10.53 7.97 10.55
N ARG A 83 -10.87 6.93 11.30
CA ARG A 83 -12.23 6.75 11.78
C ARG A 83 -12.64 7.88 12.73
N ARG A 84 -11.79 8.13 13.72
CA ARG A 84 -12.07 9.18 14.69
C ARG A 84 -11.72 10.55 14.14
N SER A 85 -11.18 10.58 12.92
CA SER A 85 -10.83 11.85 12.29
C SER A 85 -12.09 12.68 12.05
N ARG A 86 -13.25 12.05 12.21
CA ARG A 86 -14.52 12.74 12.02
C ARG A 86 -15.58 12.30 13.03
N LEU A 87 -15.28 11.22 13.71
CA LEU A 87 -16.17 10.68 14.73
C LEU A 87 -15.56 9.44 15.38
N GLY B 1 2.15 14.75 -10.46
CA GLY B 1 1.01 15.17 -9.60
C GLY B 1 1.44 15.42 -8.17
N SER B 2 2.39 16.35 -7.98
CA SER B 2 2.88 16.67 -6.64
C SER B 2 2.24 17.96 -6.13
N GLY B 3 2.25 18.13 -4.81
CA GLY B 3 1.67 19.32 -4.22
C GLY B 3 0.85 19.01 -2.98
N THR B 4 -0.47 18.94 -3.15
CA THR B 4 -1.37 18.65 -2.03
C THR B 4 -1.33 17.16 -1.69
N ASP B 5 -1.96 16.36 -2.53
CA ASP B 5 -2.01 14.91 -2.31
C ASP B 5 -2.68 14.58 -0.99
N LYS B 6 -4.00 14.48 -1.00
CA LYS B 6 -4.77 14.17 0.20
C LYS B 6 -5.73 13.02 -0.05
N GLU B 7 -5.35 12.12 -0.96
CA GLU B 7 -6.18 10.97 -1.29
C GLU B 7 -6.05 9.87 -0.25
N LEU B 8 -4.88 9.81 0.40
CA LEU B 8 -4.62 8.81 1.43
C LEU B 8 -5.69 8.86 2.51
N SER B 9 -6.15 10.06 2.83
CA SER B 9 -7.17 10.25 3.85
C SER B 9 -8.56 9.89 3.30
N ASP B 10 -8.75 10.11 2.00
CA ASP B 10 -10.02 9.82 1.35
C ASP B 10 -10.16 8.32 1.08
N LEU B 11 -9.03 7.67 0.83
CA LEU B 11 -9.02 6.24 0.55
C LEU B 11 -9.12 5.43 1.83
N LEU B 12 -8.26 5.74 2.80
CA LEU B 12 -8.26 5.05 4.08
C LEU B 12 -9.60 5.19 4.79
N ASP B 13 -10.16 6.40 4.73
CA ASP B 13 -11.45 6.68 5.37
C ASP B 13 -12.54 5.77 4.80
N PHE B 14 -12.40 5.42 3.53
CA PHE B 14 -13.38 4.57 2.86
C PHE B 14 -13.40 3.17 3.49
N SER B 15 -12.22 2.67 3.83
CA SER B 15 -12.11 1.35 4.44
C SER B 15 -12.57 1.38 5.90
N ALA B 16 -12.11 2.39 6.63
CA ALA B 16 -12.48 2.53 8.04
C ALA B 16 -13.99 2.65 8.20
N MET B 17 -14.65 3.23 7.20
CA MET B 17 -16.09 3.41 7.24
C MET B 17 -16.81 2.07 7.07
N PHE B 18 -16.22 1.19 6.26
CA PHE B 18 -16.81 -0.13 6.02
C PHE B 18 -16.44 -1.11 7.14
N SER B 19 -17.20 -2.18 7.25
CA SER B 19 -16.96 -3.19 8.28
C SER B 19 -17.06 -2.58 9.67
N GLY A 1 26.44 -8.21 -15.34
CA GLY A 1 25.54 -8.02 -14.17
C GLY A 1 25.95 -6.83 -13.33
N VAL A 2 24.95 -6.18 -12.71
CA VAL A 2 25.22 -5.02 -11.87
C VAL A 2 24.10 -4.82 -10.85
N ARG A 3 24.22 -3.76 -10.05
CA ARG A 3 23.22 -3.45 -9.04
C ARG A 3 23.12 -4.58 -8.01
N LYS A 4 22.50 -4.28 -6.87
CA LYS A 4 22.33 -5.26 -5.81
C LYS A 4 21.75 -6.57 -6.34
N GLY A 5 21.91 -7.65 -5.58
CA GLY A 5 21.32 -8.91 -5.97
C GLY A 5 19.83 -8.80 -5.73
N TRP A 6 19.22 -7.90 -6.48
CA TRP A 6 17.82 -7.55 -6.32
C TRP A 6 16.87 -8.45 -7.08
N HIS A 7 16.97 -8.40 -8.39
CA HIS A 7 16.09 -9.17 -9.27
C HIS A 7 16.25 -10.68 -9.11
N GLU A 8 17.32 -11.08 -8.45
CA GLU A 8 17.62 -12.50 -8.27
C GLU A 8 16.40 -13.36 -7.89
N HIS A 9 15.68 -12.98 -6.85
CA HIS A 9 14.54 -13.79 -6.42
C HIS A 9 13.28 -12.97 -6.13
N VAL A 10 13.01 -11.97 -6.95
CA VAL A 10 11.80 -11.17 -6.77
C VAL A 10 10.74 -11.57 -7.80
N THR A 11 11.13 -11.53 -9.07
CA THR A 11 10.23 -11.91 -10.16
C THR A 11 8.94 -11.10 -10.11
N GLN A 12 8.16 -11.17 -11.19
CA GLN A 12 6.91 -10.46 -11.28
C GLN A 12 5.84 -11.12 -10.41
N ASP A 13 5.90 -12.45 -10.30
CA ASP A 13 4.95 -13.20 -9.51
C ASP A 13 5.00 -12.78 -8.04
N LEU A 14 6.19 -12.87 -7.45
CA LEU A 14 6.37 -12.49 -6.06
C LEU A 14 6.09 -11.00 -5.85
N ARG A 15 6.54 -10.18 -6.80
CA ARG A 15 6.33 -8.74 -6.72
C ARG A 15 4.84 -8.41 -6.74
N SER A 16 4.14 -8.92 -7.74
CA SER A 16 2.70 -8.68 -7.86
C SER A 16 1.95 -9.14 -6.62
N HIS A 17 2.49 -10.15 -5.96
CA HIS A 17 1.87 -10.69 -4.75
C HIS A 17 2.04 -9.72 -3.58
N LEU A 18 3.13 -8.96 -3.59
CA LEU A 18 3.41 -8.00 -2.54
C LEU A 18 2.63 -6.71 -2.76
N VAL A 19 2.38 -6.38 -4.03
CA VAL A 19 1.65 -5.17 -4.38
C VAL A 19 0.27 -5.16 -3.72
N HIS A 20 -0.39 -6.31 -3.71
CA HIS A 20 -1.71 -6.42 -3.11
C HIS A 20 -1.67 -6.08 -1.61
N LYS A 21 -0.51 -6.31 -1.00
CA LYS A 21 -0.33 -6.01 0.41
C LYS A 21 -0.65 -4.56 0.72
N LEU A 22 -0.17 -3.66 -0.13
CA LEU A 22 -0.42 -2.23 0.04
C LEU A 22 -1.91 -1.93 0.01
N VAL A 23 -2.61 -2.62 -0.89
CA VAL A 23 -4.05 -2.43 -1.03
C VAL A 23 -4.80 -2.88 0.22
N GLN A 24 -4.21 -3.85 0.92
CA GLN A 24 -4.82 -4.37 2.14
C GLN A 24 -4.67 -3.39 3.29
N ALA A 25 -3.55 -2.66 3.30
CA ALA A 25 -3.29 -1.68 4.35
C ALA A 25 -4.37 -0.61 4.38
N ILE A 26 -4.79 -0.16 3.20
CA ILE A 26 -5.82 0.86 3.09
C ILE A 26 -7.21 0.26 3.24
N PHE A 27 -7.36 -0.99 2.83
CA PHE A 27 -8.65 -1.68 2.92
C PHE A 27 -8.45 -3.16 3.27
N PRO A 28 -8.17 -3.46 4.55
CA PRO A 28 -7.95 -4.83 5.01
C PRO A 28 -9.11 -5.76 4.64
N THR A 29 -10.30 -5.46 5.15
CA THR A 29 -11.48 -6.26 4.86
C THR A 29 -11.82 -6.21 3.38
N PRO A 30 -12.39 -7.31 2.84
CA PRO A 30 -12.77 -7.39 1.43
C PRO A 30 -13.99 -6.54 1.11
N ASP A 31 -14.03 -5.98 -0.11
CA ASP A 31 -15.15 -5.16 -0.53
C ASP A 31 -15.35 -5.27 -2.04
N PRO A 32 -16.03 -6.34 -2.50
CA PRO A 32 -16.29 -6.55 -3.92
C PRO A 32 -17.08 -5.41 -4.55
N ALA A 33 -17.73 -4.61 -3.71
CA ALA A 33 -18.51 -3.47 -4.18
C ALA A 33 -17.60 -2.29 -4.50
N ALA A 34 -16.45 -2.24 -3.84
CA ALA A 34 -15.49 -1.16 -4.05
C ALA A 34 -14.76 -1.33 -5.37
N LEU A 35 -14.65 -2.58 -5.83
CA LEU A 35 -13.97 -2.88 -7.08
C LEU A 35 -14.54 -2.06 -8.23
N LYS A 36 -15.82 -1.72 -8.13
CA LYS A 36 -16.49 -0.94 -9.16
C LYS A 36 -16.50 0.55 -8.80
N ASP A 37 -16.51 0.83 -7.50
CA ASP A 37 -16.52 2.21 -7.02
C ASP A 37 -15.32 2.98 -7.55
N ARG A 38 -15.55 4.24 -7.93
CA ARG A 38 -14.48 5.09 -8.45
C ARG A 38 -13.37 5.25 -7.42
N ARG A 39 -13.73 5.20 -6.13
CA ARG A 39 -12.77 5.35 -5.05
C ARG A 39 -11.59 4.40 -5.24
N MET A 40 -11.89 3.12 -5.43
CA MET A 40 -10.85 2.11 -5.62
C MET A 40 -10.00 2.44 -6.84
N GLU A 41 -10.59 3.12 -7.82
CA GLU A 41 -9.88 3.50 -9.03
C GLU A 41 -8.63 4.30 -8.70
N ASN A 42 -8.70 5.08 -7.62
CA ASN A 42 -7.57 5.90 -7.20
C ASN A 42 -6.55 5.06 -6.43
N LEU A 43 -7.04 4.05 -5.73
CA LEU A 43 -6.18 3.16 -4.95
C LEU A 43 -5.23 2.40 -5.87
N VAL A 44 -5.75 1.89 -6.98
CA VAL A 44 -4.94 1.14 -7.94
C VAL A 44 -3.78 1.98 -8.45
N ALA A 45 -4.11 3.12 -9.05
CA ALA A 45 -3.09 4.02 -9.58
C ALA A 45 -2.13 4.48 -8.49
N TYR A 46 -2.67 4.65 -7.28
CA TYR A 46 -1.87 5.08 -6.15
C TYR A 46 -0.81 4.03 -5.80
N ALA A 47 -1.26 2.80 -5.58
CA ALA A 47 -0.35 1.70 -5.25
C ALA A 47 0.71 1.52 -6.33
N LYS A 48 0.35 1.85 -7.56
CA LYS A 48 1.28 1.72 -8.68
C LYS A 48 2.46 2.67 -8.52
N LYS A 49 2.20 3.84 -7.94
CA LYS A 49 3.24 4.84 -7.73
C LYS A 49 4.06 4.51 -6.48
N VAL A 50 3.38 4.04 -5.45
CA VAL A 50 4.05 3.69 -4.19
C VAL A 50 4.80 2.36 -4.31
N GLU A 51 4.17 1.38 -4.94
CA GLU A 51 4.81 0.07 -5.12
C GLU A 51 6.22 0.25 -5.69
N GLY A 52 6.34 1.12 -6.68
CA GLY A 52 7.63 1.39 -7.27
C GLY A 52 8.58 1.99 -6.24
N ASP A 53 8.00 2.76 -5.33
CA ASP A 53 8.78 3.39 -4.26
C ASP A 53 9.08 2.38 -3.16
N MET A 54 8.19 1.40 -3.02
CA MET A 54 8.35 0.35 -2.01
C MET A 54 9.33 -0.72 -2.50
N TYR A 55 9.35 -0.94 -3.80
CA TYR A 55 10.24 -1.94 -4.39
C TYR A 55 11.68 -1.42 -4.46
N GLU A 56 11.83 -0.10 -4.49
CA GLU A 56 13.17 0.51 -4.56
C GLU A 56 13.75 0.73 -3.17
N SER A 57 12.88 0.98 -2.19
CA SER A 57 13.34 1.20 -0.82
C SER A 57 14.29 0.10 -0.37
N ALA A 58 14.13 -1.09 -0.96
CA ALA A 58 14.98 -2.23 -0.65
C ALA A 58 16.19 -2.27 -1.55
N ASN A 59 17.34 -2.51 -0.97
CA ASN A 59 18.55 -2.65 -1.74
C ASN A 59 18.88 -4.14 -1.78
N SER A 60 17.96 -4.92 -1.21
CA SER A 60 18.13 -6.37 -1.15
C SER A 60 16.78 -7.07 -1.16
N ARG A 61 16.80 -8.40 -1.25
CA ARG A 61 15.58 -9.19 -1.27
C ARG A 61 14.86 -9.12 0.07
N ASP A 62 15.53 -9.57 1.12
CA ASP A 62 14.96 -9.57 2.46
C ASP A 62 14.38 -8.20 2.84
N GLU A 63 15.12 -7.15 2.50
CA GLU A 63 14.68 -5.79 2.80
C GLU A 63 13.25 -5.55 2.28
N TYR A 64 13.01 -5.91 1.03
CA TYR A 64 11.70 -5.72 0.41
C TYR A 64 10.61 -6.41 1.24
N TYR A 65 10.99 -7.48 1.93
CA TYR A 65 10.04 -8.23 2.74
C TYR A 65 9.77 -7.51 4.06
N HIS A 66 10.83 -7.23 4.82
CA HIS A 66 10.71 -6.55 6.10
C HIS A 66 10.28 -5.11 5.92
N LEU A 67 10.97 -4.39 5.04
CA LEU A 67 10.67 -2.98 4.77
C LEU A 67 9.20 -2.79 4.42
N LEU A 68 8.75 -3.48 3.37
CA LEU A 68 7.37 -3.37 2.92
C LEU A 68 6.39 -3.63 4.08
N ALA A 69 6.83 -4.41 5.06
CA ALA A 69 6.00 -4.72 6.21
C ALA A 69 5.85 -3.51 7.13
N GLU A 70 6.94 -2.78 7.32
CA GLU A 70 6.93 -1.60 8.17
C GLU A 70 5.95 -0.57 7.66
N LYS A 71 6.00 -0.30 6.35
CA LYS A 71 5.11 0.67 5.72
C LYS A 71 3.65 0.27 5.93
N ILE A 72 3.32 -0.95 5.51
CA ILE A 72 1.96 -1.45 5.65
C ILE A 72 1.57 -1.57 7.12
N TYR A 73 2.56 -1.86 7.96
CA TYR A 73 2.34 -1.99 9.39
C TYR A 73 1.96 -0.64 10.01
N LYS A 74 2.73 0.38 9.69
CA LYS A 74 2.48 1.72 10.22
C LYS A 74 1.18 2.29 9.66
N ILE A 75 0.98 2.15 8.35
CA ILE A 75 -0.22 2.64 7.69
C ILE A 75 -1.46 1.92 8.21
N GLN A 76 -1.33 0.63 8.47
CA GLN A 76 -2.43 -0.19 8.97
C GLN A 76 -2.93 0.35 10.31
N LYS A 77 -2.00 0.86 11.11
CA LYS A 77 -2.34 1.40 12.43
C LYS A 77 -2.97 2.78 12.30
N GLU A 78 -2.58 3.52 11.27
CA GLU A 78 -3.11 4.87 11.05
C GLU A 78 -4.59 4.80 10.69
N LEU A 79 -4.98 3.76 9.96
CA LEU A 79 -6.36 3.59 9.56
C LEU A 79 -7.29 3.53 10.78
N GLU A 80 -6.76 3.00 11.88
CA GLU A 80 -7.54 2.89 13.12
C GLU A 80 -7.78 4.26 13.73
N GLU A 81 -6.84 5.17 13.52
CA GLU A 81 -6.95 6.53 14.05
C GLU A 81 -8.08 7.29 13.37
N LYS A 82 -8.30 6.99 12.10
CA LYS A 82 -9.36 7.65 11.33
C LYS A 82 -10.73 7.31 11.88
N ARG A 83 -10.87 6.08 12.40
CA ARG A 83 -12.14 5.64 12.96
C ARG A 83 -12.56 6.52 14.12
N ARG A 84 -11.65 6.75 15.05
CA ARG A 84 -11.93 7.57 16.22
C ARG A 84 -11.85 9.06 15.87
N SER A 85 -11.47 9.36 14.64
CA SER A 85 -11.39 10.74 14.19
C SER A 85 -12.78 11.39 14.26
N ARG A 86 -13.81 10.56 14.41
CA ARG A 86 -15.18 11.05 14.49
C ARG A 86 -15.98 10.31 15.55
N LEU A 87 -15.43 9.21 16.00
CA LEU A 87 -16.06 8.38 17.02
C LEU A 87 -17.39 7.82 16.52
N GLY B 1 5.76 15.95 -1.05
CA GLY B 1 6.67 17.11 -1.29
C GLY B 1 6.05 18.42 -0.89
N SER B 2 6.64 19.07 0.13
CA SER B 2 6.15 20.36 0.61
C SER B 2 4.79 20.20 1.29
N GLY B 3 3.77 19.88 0.51
CA GLY B 3 2.44 19.71 1.06
C GLY B 3 2.21 18.31 1.60
N THR B 4 1.07 18.10 2.24
CA THR B 4 0.73 16.80 2.80
C THR B 4 -0.26 16.06 1.90
N ASP B 5 -0.23 14.74 1.96
CA ASP B 5 -1.12 13.91 1.16
C ASP B 5 -2.58 14.22 1.48
N LYS B 6 -3.35 14.53 0.44
CA LYS B 6 -4.77 14.84 0.61
C LYS B 6 -5.65 13.65 0.22
N GLU B 7 -5.21 12.91 -0.79
CA GLU B 7 -5.95 11.75 -1.26
C GLU B 7 -5.72 10.55 -0.34
N LEU B 8 -4.56 10.51 0.30
CA LEU B 8 -4.22 9.43 1.21
C LEU B 8 -5.28 9.27 2.30
N SER B 9 -5.78 10.41 2.78
CA SER B 9 -6.80 10.41 3.82
C SER B 9 -8.18 10.10 3.23
N ASP B 10 -8.38 10.49 1.98
CA ASP B 10 -9.65 10.24 1.30
C ASP B 10 -9.81 8.77 0.96
N LEU B 11 -8.69 8.10 0.72
CA LEU B 11 -8.72 6.68 0.38
C LEU B 11 -8.96 5.82 1.62
N LEU B 12 -8.40 6.25 2.74
CA LEU B 12 -8.58 5.53 4.00
C LEU B 12 -9.99 5.71 4.55
N ASP B 13 -10.52 6.91 4.39
CA ASP B 13 -11.88 7.21 4.87
C ASP B 13 -12.90 6.29 4.23
N PHE B 14 -12.64 5.89 2.99
CA PHE B 14 -13.55 4.99 2.27
C PHE B 14 -13.72 3.68 3.01
N SER B 15 -12.63 3.18 3.58
CA SER B 15 -12.66 1.92 4.32
C SER B 15 -13.28 2.12 5.70
N ALA B 16 -13.08 3.30 6.27
CA ALA B 16 -13.61 3.61 7.59
C ALA B 16 -15.09 3.97 7.51
N MET B 17 -15.49 4.57 6.39
CA MET B 17 -16.88 4.98 6.19
C MET B 17 -17.76 3.76 5.90
N PHE B 18 -17.44 3.04 4.83
CA PHE B 18 -18.20 1.86 4.46
C PHE B 18 -17.40 0.59 4.73
N SER B 19 -18.11 -0.49 5.06
CA SER B 19 -17.47 -1.77 5.35
C SER B 19 -18.50 -2.88 5.45
N GLY A 1 32.28 -9.03 -6.08
CA GLY A 1 31.23 -7.99 -6.25
C GLY A 1 29.83 -8.56 -6.05
N VAL A 2 28.85 -7.67 -5.87
CA VAL A 2 27.47 -8.09 -5.68
C VAL A 2 26.55 -7.42 -6.69
N ARG A 3 25.30 -7.86 -6.72
CA ARG A 3 24.32 -7.30 -7.65
C ARG A 3 23.05 -6.90 -6.91
N LYS A 4 23.19 -6.44 -5.68
CA LYS A 4 22.03 -6.03 -4.91
C LYS A 4 21.06 -7.20 -4.67
N GLY A 5 21.44 -8.42 -5.12
CA GLY A 5 20.54 -9.57 -4.94
C GLY A 5 19.10 -9.11 -5.05
N TRP A 6 18.87 -8.25 -6.04
CA TRP A 6 17.58 -7.63 -6.25
C TRP A 6 16.56 -8.50 -6.96
N HIS A 7 16.83 -8.84 -8.21
CA HIS A 7 15.89 -9.62 -9.00
C HIS A 7 15.92 -11.11 -8.70
N GLU A 8 16.95 -11.54 -7.98
CA GLU A 8 17.11 -12.95 -7.65
C GLU A 8 15.79 -13.59 -7.20
N HIS A 9 15.01 -12.85 -6.42
CA HIS A 9 13.73 -13.38 -5.95
C HIS A 9 12.59 -12.37 -6.09
N VAL A 10 12.78 -11.38 -6.95
CA VAL A 10 11.73 -10.39 -7.20
C VAL A 10 11.25 -10.52 -8.63
N THR A 11 10.19 -11.31 -8.80
CA THR A 11 9.62 -11.56 -10.11
C THR A 11 8.13 -11.25 -10.13
N GLN A 12 7.49 -11.58 -11.25
CA GLN A 12 6.06 -11.34 -11.40
C GLN A 12 5.24 -12.16 -10.40
N ASP A 13 5.63 -13.42 -10.23
CA ASP A 13 4.94 -14.32 -9.30
C ASP A 13 5.15 -13.87 -7.86
N LEU A 14 6.37 -13.49 -7.53
CA LEU A 14 6.70 -13.05 -6.18
C LEU A 14 6.21 -11.62 -5.93
N ARG A 15 6.18 -10.81 -6.99
CA ARG A 15 5.73 -9.43 -6.89
C ARG A 15 4.21 -9.37 -6.69
N SER A 16 3.51 -10.34 -7.23
CA SER A 16 2.05 -10.40 -7.13
C SER A 16 1.62 -10.44 -5.66
N HIS A 17 2.47 -11.03 -4.82
CA HIS A 17 2.17 -11.14 -3.40
C HIS A 17 2.39 -9.80 -2.70
N LEU A 18 3.34 -9.02 -3.21
CA LEU A 18 3.66 -7.71 -2.62
C LEU A 18 2.63 -6.67 -3.06
N VAL A 19 2.17 -6.77 -4.30
CA VAL A 19 1.20 -5.83 -4.84
C VAL A 19 -0.09 -5.87 -4.03
N HIS A 20 -0.61 -7.08 -3.80
CA HIS A 20 -1.84 -7.25 -3.04
C HIS A 20 -1.65 -6.82 -1.59
N LYS A 21 -0.44 -7.00 -1.07
CA LYS A 21 -0.13 -6.63 0.30
C LYS A 21 -0.27 -5.13 0.50
N LEU A 22 0.25 -4.36 -0.44
CA LEU A 22 0.18 -2.90 -0.38
C LEU A 22 -1.26 -2.42 -0.38
N VAL A 23 -2.13 -3.18 -1.05
CA VAL A 23 -3.55 -2.83 -1.13
C VAL A 23 -4.27 -3.18 0.18
N GLN A 24 -3.79 -4.23 0.85
CA GLN A 24 -4.38 -4.66 2.11
C GLN A 24 -4.27 -3.57 3.17
N ALA A 25 -3.23 -2.75 3.06
CA ALA A 25 -3.02 -1.66 4.02
C ALA A 25 -4.22 -0.72 4.07
N ILE A 26 -4.49 -0.07 2.95
CA ILE A 26 -5.61 0.86 2.86
C ILE A 26 -6.95 0.14 2.95
N PHE A 27 -6.98 -1.08 2.44
CA PHE A 27 -8.21 -1.88 2.47
C PHE A 27 -7.89 -3.33 2.82
N PRO A 28 -7.69 -3.64 4.12
CA PRO A 28 -7.38 -4.99 4.58
C PRO A 28 -8.48 -5.99 4.23
N THR A 29 -9.66 -5.80 4.81
CA THR A 29 -10.79 -6.69 4.55
C THR A 29 -11.27 -6.57 3.11
N PRO A 30 -11.95 -7.60 2.59
CA PRO A 30 -12.47 -7.62 1.22
C PRO A 30 -13.60 -6.61 1.02
N ASP A 31 -13.86 -6.26 -0.23
CA ASP A 31 -14.92 -5.31 -0.56
C ASP A 31 -15.24 -5.35 -2.05
N PRO A 32 -16.13 -6.26 -2.47
CA PRO A 32 -16.52 -6.40 -3.88
C PRO A 32 -17.16 -5.13 -4.43
N ALA A 33 -17.72 -4.32 -3.52
CA ALA A 33 -18.35 -3.07 -3.92
C ALA A 33 -17.33 -1.97 -4.13
N ALA A 34 -16.16 -2.12 -3.49
CA ALA A 34 -15.09 -1.14 -3.61
C ALA A 34 -14.49 -1.15 -5.02
N LEU A 35 -14.41 -2.35 -5.61
CA LEU A 35 -13.86 -2.49 -6.95
C LEU A 35 -14.64 -1.63 -7.95
N LYS A 36 -15.93 -1.45 -7.68
CA LYS A 36 -16.78 -0.65 -8.55
C LYS A 36 -16.71 0.83 -8.18
N ASP A 37 -16.34 1.11 -6.92
CA ASP A 37 -16.23 2.48 -6.45
C ASP A 37 -15.14 3.24 -7.21
N ARG A 38 -15.46 4.46 -7.61
CA ARG A 38 -14.50 5.28 -8.35
C ARG A 38 -13.26 5.57 -7.51
N ARG A 39 -13.43 5.61 -6.20
CA ARG A 39 -12.32 5.86 -5.29
C ARG A 39 -11.23 4.82 -5.45
N MET A 40 -11.64 3.56 -5.63
CA MET A 40 -10.69 2.46 -5.81
C MET A 40 -9.77 2.72 -7.00
N GLU A 41 -10.27 3.44 -7.98
CA GLU A 41 -9.49 3.75 -9.18
C GLU A 41 -8.21 4.47 -8.80
N ASN A 42 -8.27 5.27 -7.75
CA ASN A 42 -7.11 6.02 -7.29
C ASN A 42 -6.19 5.13 -6.45
N LEU A 43 -6.78 4.16 -5.76
CA LEU A 43 -6.02 3.24 -4.92
C LEU A 43 -5.00 2.47 -5.76
N VAL A 44 -5.43 2.00 -6.92
CA VAL A 44 -4.57 1.24 -7.82
C VAL A 44 -3.36 2.08 -8.24
N ALA A 45 -3.62 3.22 -8.86
CA ALA A 45 -2.55 4.11 -9.31
C ALA A 45 -1.64 4.49 -8.16
N TYR A 46 -2.22 4.61 -6.97
CA TYR A 46 -1.45 4.97 -5.78
C TYR A 46 -0.43 3.90 -5.44
N ALA A 47 -0.89 2.65 -5.36
CA ALA A 47 -0.02 1.53 -5.05
C ALA A 47 1.02 1.32 -6.14
N LYS A 48 0.66 1.71 -7.37
CA LYS A 48 1.58 1.56 -8.51
C LYS A 48 2.71 2.57 -8.44
N LYS A 49 2.42 3.75 -7.92
CA LYS A 49 3.42 4.81 -7.81
C LYS A 49 4.30 4.59 -6.58
N VAL A 50 3.69 4.14 -5.49
CA VAL A 50 4.42 3.88 -4.25
C VAL A 50 5.25 2.61 -4.34
N GLU A 51 4.65 1.55 -4.86
CA GLU A 51 5.35 0.27 -5.00
C GLU A 51 6.71 0.49 -5.67
N GLY A 52 6.72 1.31 -6.72
CA GLY A 52 7.96 1.61 -7.39
C GLY A 52 8.92 2.33 -6.47
N ASP A 53 8.35 3.13 -5.57
CA ASP A 53 9.14 3.88 -4.60
C ASP A 53 9.58 2.96 -3.47
N MET A 54 8.79 1.93 -3.20
CA MET A 54 9.09 0.97 -2.15
C MET A 54 10.21 0.02 -2.58
N TYR A 55 10.25 -0.28 -3.87
CA TYR A 55 11.27 -1.17 -4.43
C TYR A 55 12.63 -0.49 -4.40
N GLU A 56 12.72 0.69 -5.00
CA GLU A 56 13.98 1.44 -5.04
C GLU A 56 14.59 1.61 -3.65
N SER A 57 13.76 1.52 -2.62
CA SER A 57 14.24 1.69 -1.24
C SER A 57 15.06 0.48 -0.78
N ALA A 58 14.87 -0.66 -1.44
CA ALA A 58 15.59 -1.88 -1.09
C ALA A 58 16.70 -2.19 -2.05
N ASN A 59 17.89 -2.43 -1.51
CA ASN A 59 19.01 -2.82 -2.35
C ASN A 59 18.89 -4.29 -2.66
N SER A 60 17.88 -4.92 -2.07
CA SER A 60 17.64 -6.34 -2.27
C SER A 60 16.16 -6.67 -2.09
N ARG A 61 15.81 -7.94 -2.24
CA ARG A 61 14.43 -8.38 -2.09
C ARG A 61 14.03 -8.40 -0.62
N ASP A 62 14.91 -8.92 0.23
CA ASP A 62 14.64 -9.00 1.66
C ASP A 62 14.29 -7.64 2.23
N GLU A 63 15.16 -6.66 2.02
CA GLU A 63 14.94 -5.31 2.52
C GLU A 63 13.66 -4.73 1.94
N TYR A 64 13.29 -5.17 0.74
CA TYR A 64 12.08 -4.70 0.08
C TYR A 64 10.84 -5.23 0.79
N TYR A 65 10.94 -6.44 1.33
CA TYR A 65 9.82 -7.06 2.03
C TYR A 65 9.66 -6.46 3.43
N HIS A 66 10.78 -6.06 4.03
CA HIS A 66 10.77 -5.48 5.37
C HIS A 66 10.18 -4.08 5.34
N LEU A 67 10.69 -3.23 4.45
CA LEU A 67 10.21 -1.86 4.34
C LEU A 67 8.73 -1.83 3.97
N LEU A 68 8.27 -2.86 3.27
CA LEU A 68 6.87 -2.95 2.87
C LEU A 68 5.97 -3.21 4.07
N ALA A 69 6.45 -4.02 5.00
CA ALA A 69 5.69 -4.35 6.20
C ALA A 69 5.47 -3.11 7.06
N GLU A 70 6.50 -2.30 7.21
CA GLU A 70 6.42 -1.08 8.01
C GLU A 70 5.33 -0.15 7.47
N LYS A 71 5.26 -0.05 6.14
CA LYS A 71 4.26 0.79 5.50
C LYS A 71 2.85 0.26 5.75
N ILE A 72 2.63 -0.99 5.39
CA ILE A 72 1.33 -1.62 5.57
C ILE A 72 0.98 -1.72 7.06
N TYR A 73 2.01 -1.88 7.89
CA TYR A 73 1.83 -1.99 9.33
C TYR A 73 1.43 -0.64 9.92
N LYS A 74 2.22 0.38 9.65
CA LYS A 74 1.94 1.72 10.16
C LYS A 74 0.59 2.22 9.69
N ILE A 75 0.31 2.04 8.41
CA ILE A 75 -0.96 2.47 7.83
C ILE A 75 -2.12 1.63 8.37
N GLN A 76 -1.84 0.38 8.70
CA GLN A 76 -2.86 -0.53 9.22
C GLN A 76 -3.46 0.03 10.50
N LYS A 77 -2.61 0.56 11.38
CA LYS A 77 -3.08 1.13 12.64
C LYS A 77 -3.68 2.52 12.42
N GLU A 78 -3.18 3.23 11.42
CA GLU A 78 -3.68 4.56 11.11
C GLU A 78 -5.17 4.53 10.78
N LEU A 79 -5.62 3.40 10.25
CA LEU A 79 -7.03 3.24 9.88
C LEU A 79 -7.93 3.47 11.08
N GLU A 80 -7.44 3.11 12.26
CA GLU A 80 -8.21 3.27 13.50
C GLU A 80 -8.54 4.73 13.74
N GLU A 81 -7.66 5.62 13.29
CA GLU A 81 -7.85 7.05 13.46
C GLU A 81 -8.98 7.55 12.57
N LYS A 82 -9.15 6.92 11.42
CA LYS A 82 -10.20 7.29 10.47
C LYS A 82 -11.57 7.09 11.08
N ARG A 83 -11.69 6.10 11.96
CA ARG A 83 -12.96 5.79 12.61
C ARG A 83 -13.26 6.80 13.71
N ARG A 84 -12.25 7.12 14.51
CA ARG A 84 -12.41 8.08 15.60
C ARG A 84 -12.36 9.52 15.09
N SER A 85 -12.12 9.68 13.79
CA SER A 85 -12.08 11.00 13.20
C SER A 85 -13.47 11.65 13.24
N ARG A 86 -14.48 10.85 13.62
CA ARG A 86 -15.85 11.35 13.69
C ARG A 86 -16.60 10.77 14.88
N LEU A 87 -16.04 9.74 15.44
CA LEU A 87 -16.63 9.05 16.59
C LEU A 87 -18.00 8.49 16.23
N GLY B 1 2.41 26.60 0.04
CA GLY B 1 3.84 26.61 -0.36
C GLY B 1 4.27 25.30 -1.00
N SER B 2 3.97 24.20 -0.33
CA SER B 2 4.33 22.88 -0.84
C SER B 2 3.14 21.92 -0.78
N GLY B 3 3.29 20.76 -1.39
CA GLY B 3 2.22 19.77 -1.38
C GLY B 3 2.48 18.63 -0.43
N THR B 4 1.42 18.02 0.07
CA THR B 4 1.55 16.90 1.01
C THR B 4 0.56 15.79 0.66
N ASP B 5 0.83 14.58 1.15
CA ASP B 5 -0.03 13.45 0.89
C ASP B 5 -1.31 13.52 1.73
N LYS B 6 -2.38 14.02 1.12
CA LYS B 6 -3.65 14.15 1.81
C LYS B 6 -4.65 13.10 1.32
N GLU B 7 -4.51 12.72 0.05
CA GLU B 7 -5.41 11.73 -0.54
C GLU B 7 -5.33 10.41 0.22
N LEU B 8 -4.17 10.13 0.82
CA LEU B 8 -3.98 8.91 1.57
C LEU B 8 -5.03 8.75 2.65
N SER B 9 -5.43 9.88 3.25
CA SER B 9 -6.43 9.87 4.30
C SER B 9 -7.84 9.73 3.70
N ASP B 10 -8.02 10.27 2.50
CA ASP B 10 -9.31 10.20 1.82
C ASP B 10 -9.63 8.78 1.41
N LEU B 11 -8.60 8.02 1.03
CA LEU B 11 -8.78 6.64 0.60
C LEU B 11 -9.02 5.73 1.80
N LEU B 12 -8.43 6.08 2.94
CA LEU B 12 -8.58 5.30 4.16
C LEU B 12 -9.96 5.53 4.78
N ASP B 13 -10.50 6.73 4.61
CA ASP B 13 -11.81 7.06 5.15
C ASP B 13 -12.89 6.16 4.57
N PHE B 14 -12.71 5.77 3.30
CA PHE B 14 -13.67 4.90 2.63
C PHE B 14 -13.80 3.56 3.35
N SER B 15 -12.67 3.03 3.81
CA SER B 15 -12.67 1.76 4.52
C SER B 15 -13.23 1.92 5.93
N ALA B 16 -13.03 3.09 6.51
CA ALA B 16 -13.51 3.36 7.85
C ALA B 16 -15.03 3.55 7.86
N MET B 17 -15.55 4.18 6.82
CA MET B 17 -16.98 4.42 6.70
C MET B 17 -17.71 3.16 6.27
N PHE B 18 -17.15 2.46 5.28
CA PHE B 18 -17.75 1.23 4.78
C PHE B 18 -16.99 0.01 5.29
N SER B 19 -17.59 -0.70 6.23
CA SER B 19 -16.97 -1.89 6.80
C SER B 19 -17.61 -3.16 6.25
N GLY A 1 29.87 -2.67 -8.52
CA GLY A 1 29.91 -3.43 -7.24
C GLY A 1 28.58 -4.07 -6.90
N VAL A 2 28.49 -5.39 -7.07
CA VAL A 2 27.26 -6.11 -6.78
C VAL A 2 26.11 -5.61 -7.65
N ARG A 3 25.00 -6.34 -7.61
CA ARG A 3 23.83 -5.97 -8.40
C ARG A 3 22.60 -5.79 -7.51
N LYS A 4 22.81 -5.27 -6.30
CA LYS A 4 21.72 -5.05 -5.37
C LYS A 4 21.02 -6.37 -5.02
N GLY A 5 21.57 -7.52 -5.45
CA GLY A 5 20.92 -8.79 -5.16
C GLY A 5 19.41 -8.61 -5.10
N TRP A 6 18.92 -7.88 -6.09
CA TRP A 6 17.52 -7.50 -6.16
C TRP A 6 16.60 -8.56 -6.73
N HIS A 7 16.77 -8.90 -7.99
CA HIS A 7 15.89 -9.86 -8.64
C HIS A 7 16.25 -11.31 -8.31
N GLU A 8 17.43 -11.50 -7.75
CA GLU A 8 17.90 -12.85 -7.42
C GLU A 8 16.82 -13.69 -6.75
N HIS A 9 16.12 -13.12 -5.78
CA HIS A 9 15.06 -13.85 -5.08
C HIS A 9 13.76 -13.06 -4.98
N VAL A 10 13.56 -12.10 -5.89
CA VAL A 10 12.35 -11.32 -5.90
C VAL A 10 11.45 -11.76 -7.04
N THR A 11 12.02 -11.81 -8.24
CA THR A 11 11.30 -12.26 -9.42
C THR A 11 10.00 -11.47 -9.62
N GLN A 12 9.39 -11.63 -10.78
CA GLN A 12 8.14 -10.92 -11.09
C GLN A 12 6.97 -11.54 -10.35
N ASP A 13 6.98 -12.87 -10.23
CA ASP A 13 5.90 -13.58 -9.54
C ASP A 13 5.77 -13.12 -8.10
N LEU A 14 6.87 -13.21 -7.34
CA LEU A 14 6.87 -12.80 -5.94
C LEU A 14 6.51 -11.33 -5.80
N ARG A 15 6.89 -10.54 -6.80
CA ARG A 15 6.61 -9.11 -6.79
C ARG A 15 5.11 -8.85 -6.84
N SER A 16 4.40 -9.63 -7.66
CA SER A 16 2.95 -9.49 -7.79
C SER A 16 2.23 -9.94 -6.53
N HIS A 17 2.82 -10.92 -5.84
CA HIS A 17 2.24 -11.45 -4.62
C HIS A 17 2.37 -10.45 -3.48
N LEU A 18 3.44 -9.64 -3.52
CA LEU A 18 3.67 -8.64 -2.48
C LEU A 18 2.81 -7.40 -2.72
N VAL A 19 2.53 -7.10 -3.98
CA VAL A 19 1.72 -5.95 -4.34
C VAL A 19 0.33 -6.05 -3.72
N HIS A 20 -0.17 -7.27 -3.59
CA HIS A 20 -1.49 -7.50 -3.02
C HIS A 20 -1.55 -6.99 -1.57
N LYS A 21 -0.43 -7.07 -0.88
CA LYS A 21 -0.34 -6.61 0.51
C LYS A 21 -0.60 -5.12 0.60
N LEU A 22 0.03 -4.35 -0.28
CA LEU A 22 -0.13 -2.90 -0.30
C LEU A 22 -1.59 -2.52 -0.52
N VAL A 23 -2.25 -3.24 -1.40
CA VAL A 23 -3.65 -2.99 -1.70
C VAL A 23 -4.56 -3.41 -0.55
N GLN A 24 -4.12 -4.41 0.20
CA GLN A 24 -4.89 -4.92 1.34
C GLN A 24 -4.70 -4.02 2.55
N ALA A 25 -3.56 -3.34 2.63
CA ALA A 25 -3.27 -2.46 3.75
C ALA A 25 -4.32 -1.38 3.88
N ILE A 26 -4.52 -0.61 2.81
CA ILE A 26 -5.50 0.47 2.82
C ILE A 26 -6.92 -0.08 2.94
N PHE A 27 -7.13 -1.28 2.42
CA PHE A 27 -8.44 -1.92 2.48
C PHE A 27 -8.30 -3.44 2.59
N PRO A 28 -8.13 -3.95 3.82
CA PRO A 28 -7.98 -5.39 4.07
C PRO A 28 -9.29 -6.15 3.92
N THR A 29 -10.36 -5.61 4.51
CA THR A 29 -11.67 -6.24 4.45
C THR A 29 -12.28 -6.12 3.04
N PRO A 30 -12.95 -7.17 2.57
CA PRO A 30 -13.58 -7.17 1.24
C PRO A 30 -14.52 -5.99 1.04
N ASP A 31 -14.68 -5.56 -0.21
CA ASP A 31 -15.55 -4.44 -0.53
C ASP A 31 -15.97 -4.48 -1.99
N PRO A 32 -16.90 -5.38 -2.34
CA PRO A 32 -17.38 -5.52 -3.73
C PRO A 32 -17.96 -4.22 -4.26
N ALA A 33 -18.46 -3.38 -3.34
CA ALA A 33 -19.04 -2.10 -3.72
C ALA A 33 -17.95 -1.06 -3.97
N ALA A 34 -16.78 -1.28 -3.39
CA ALA A 34 -15.66 -0.35 -3.56
C ALA A 34 -15.09 -0.43 -4.98
N LEU A 35 -15.07 -1.64 -5.54
CA LEU A 35 -14.56 -1.84 -6.88
C LEU A 35 -15.30 -0.96 -7.88
N LYS A 36 -16.56 -0.68 -7.59
CA LYS A 36 -17.38 0.16 -8.46
C LYS A 36 -17.16 1.64 -8.16
N ASP A 37 -16.70 1.93 -6.94
CA ASP A 37 -16.45 3.31 -6.53
C ASP A 37 -15.39 3.96 -7.43
N ARG A 38 -15.57 5.24 -7.71
CA ARG A 38 -14.64 5.97 -8.57
C ARG A 38 -13.35 6.25 -7.83
N ARG A 39 -13.42 6.39 -6.51
CA ARG A 39 -12.25 6.67 -5.71
C ARG A 39 -11.30 5.46 -5.69
N MET A 40 -11.88 4.27 -5.77
CA MET A 40 -11.09 3.03 -5.77
C MET A 40 -10.11 3.02 -6.94
N GLU A 41 -10.51 3.66 -8.04
CA GLU A 41 -9.66 3.71 -9.23
C GLU A 41 -8.30 4.31 -8.90
N ASN A 42 -8.28 5.22 -7.93
CA ASN A 42 -7.04 5.87 -7.51
C ASN A 42 -6.24 4.96 -6.59
N LEU A 43 -6.95 4.12 -5.83
CA LEU A 43 -6.30 3.20 -4.89
C LEU A 43 -5.34 2.28 -5.63
N VAL A 44 -5.76 1.77 -6.78
CA VAL A 44 -4.94 0.88 -7.58
C VAL A 44 -3.69 1.59 -8.09
N ALA A 45 -3.90 2.67 -8.83
CA ALA A 45 -2.79 3.45 -9.38
C ALA A 45 -1.84 3.90 -8.28
N TYR A 46 -2.40 4.24 -7.13
CA TYR A 46 -1.60 4.69 -5.99
C TYR A 46 -0.63 3.61 -5.56
N ALA A 47 -1.16 2.42 -5.31
CA ALA A 47 -0.33 1.29 -4.89
C ALA A 47 0.72 0.95 -5.93
N LYS A 48 0.39 1.19 -7.20
CA LYS A 48 1.30 0.91 -8.30
C LYS A 48 2.48 1.89 -8.29
N LYS A 49 2.23 3.11 -7.82
CA LYS A 49 3.26 4.13 -7.76
C LYS A 49 4.21 3.88 -6.59
N VAL A 50 3.65 3.44 -5.46
CA VAL A 50 4.44 3.17 -4.27
C VAL A 50 5.20 1.86 -4.41
N GLU A 51 4.51 0.79 -4.77
CA GLU A 51 5.14 -0.51 -4.95
C GLU A 51 6.39 -0.38 -5.82
N GLY A 52 6.26 0.37 -6.91
CA GLY A 52 7.40 0.60 -7.77
C GLY A 52 8.51 1.32 -7.05
N ASP A 53 8.12 2.14 -6.08
CA ASP A 53 9.07 2.90 -5.27
C ASP A 53 9.71 1.99 -4.24
N MET A 54 8.96 0.98 -3.80
CA MET A 54 9.45 0.03 -2.80
C MET A 54 10.59 -0.82 -3.39
N TYR A 55 10.53 -1.04 -4.69
CA TYR A 55 11.54 -1.85 -5.38
C TYR A 55 12.81 -1.03 -5.62
N GLU A 56 12.68 0.28 -5.63
CA GLU A 56 13.83 1.15 -5.87
C GLU A 56 14.53 1.54 -4.56
N SER A 57 13.79 1.53 -3.46
CA SER A 57 14.34 1.87 -2.16
C SER A 57 15.24 0.75 -1.62
N ALA A 58 14.74 -0.48 -1.72
CA ALA A 58 15.48 -1.65 -1.24
C ALA A 58 16.63 -1.98 -2.16
N ASN A 59 17.81 -2.09 -1.57
CA ASN A 59 18.98 -2.48 -2.34
C ASN A 59 19.09 -3.99 -2.31
N SER A 60 18.10 -4.63 -1.70
CA SER A 60 18.06 -6.08 -1.59
C SER A 60 16.64 -6.56 -1.29
N ARG A 61 16.35 -7.81 -1.63
CA ARG A 61 15.03 -8.38 -1.40
C ARG A 61 14.65 -8.27 0.08
N ASP A 62 15.62 -8.51 0.95
CA ASP A 62 15.39 -8.46 2.39
C ASP A 62 14.77 -7.13 2.80
N GLU A 63 15.43 -6.04 2.42
CA GLU A 63 14.94 -4.70 2.74
C GLU A 63 13.58 -4.46 2.09
N TYR A 64 13.43 -4.96 0.86
CA TYR A 64 12.19 -4.81 0.12
C TYR A 64 11.02 -5.41 0.90
N TYR A 65 11.28 -6.53 1.56
CA TYR A 65 10.25 -7.21 2.35
C TYR A 65 10.02 -6.51 3.68
N HIS A 66 11.06 -5.86 4.19
CA HIS A 66 10.98 -5.15 5.46
C HIS A 66 10.24 -3.83 5.31
N LEU A 67 10.67 -3.02 4.35
CA LEU A 67 10.04 -1.73 4.10
C LEU A 67 8.56 -1.90 3.76
N LEU A 68 8.22 -3.03 3.15
CA LEU A 68 6.85 -3.31 2.78
C LEU A 68 5.97 -3.51 4.01
N ALA A 69 6.46 -4.30 4.96
CA ALA A 69 5.73 -4.58 6.18
C ALA A 69 5.44 -3.29 6.94
N GLU A 70 6.44 -2.42 7.03
CA GLU A 70 6.29 -1.14 7.73
C GLU A 70 5.15 -0.32 7.13
N LYS A 71 5.07 -0.31 5.80
CA LYS A 71 4.03 0.43 5.10
C LYS A 71 2.66 -0.15 5.41
N ILE A 72 2.49 -1.45 5.16
CA ILE A 72 1.22 -2.13 5.42
C ILE A 72 0.90 -2.11 6.90
N TYR A 73 1.93 -2.13 7.73
CA TYR A 73 1.77 -2.12 9.18
C TYR A 73 1.31 -0.75 9.66
N LYS A 74 2.09 0.29 9.35
CA LYS A 74 1.76 1.65 9.75
C LYS A 74 0.40 2.07 9.21
N ILE A 75 0.17 1.82 7.93
CA ILE A 75 -1.10 2.17 7.30
C ILE A 75 -2.24 1.36 7.90
N GLN A 76 -1.95 0.15 8.35
CA GLN A 76 -2.95 -0.71 8.95
C GLN A 76 -3.47 -0.13 10.26
N LYS A 77 -2.56 0.49 11.01
CA LYS A 77 -2.92 1.09 12.30
C LYS A 77 -3.63 2.42 12.10
N GLU A 78 -3.32 3.11 10.99
CA GLU A 78 -3.93 4.39 10.69
C GLU A 78 -5.45 4.27 10.60
N LEU A 79 -5.91 3.10 10.19
CA LEU A 79 -7.35 2.85 10.06
C LEU A 79 -8.06 3.05 11.40
N GLU A 80 -7.39 2.65 12.48
CA GLU A 80 -7.95 2.79 13.82
C GLU A 80 -7.83 4.23 14.32
N GLU A 81 -6.76 4.89 13.89
CA GLU A 81 -6.52 6.28 14.30
C GLU A 81 -7.51 7.22 13.63
N LYS A 82 -7.96 6.86 12.43
CA LYS A 82 -8.91 7.68 11.70
C LYS A 82 -10.20 7.87 12.49
N ARG A 83 -10.55 6.88 13.30
CA ARG A 83 -11.76 6.93 14.10
C ARG A 83 -11.59 7.94 15.24
N ARG A 84 -10.48 7.85 15.95
CA ARG A 84 -10.21 8.75 17.07
C ARG A 84 -9.70 10.10 16.58
N SER A 85 -9.50 10.22 15.27
CA SER A 85 -9.05 11.48 14.69
C SER A 85 -10.09 12.57 14.92
N ARG A 86 -11.28 12.18 15.36
CA ARG A 86 -12.35 13.14 15.61
C ARG A 86 -13.15 12.77 16.85
N LEU A 87 -12.97 11.55 17.30
CA LEU A 87 -13.67 11.04 18.47
C LEU A 87 -13.22 9.63 18.80
N GLY B 1 2.94 26.60 -1.20
CA GLY B 1 2.07 27.01 -0.06
C GLY B 1 2.06 25.98 1.06
N SER B 2 1.08 25.09 1.03
CA SER B 2 0.96 24.05 2.06
C SER B 2 1.40 22.70 1.51
N GLY B 3 1.38 21.69 2.38
CA GLY B 3 1.77 20.36 1.96
C GLY B 3 0.87 19.27 2.52
N THR B 4 1.46 18.25 3.12
CA THR B 4 0.70 17.15 3.70
C THR B 4 -0.13 16.45 2.63
N ASP B 5 -0.70 15.30 3.00
CA ASP B 5 -1.52 14.53 2.08
C ASP B 5 -2.99 14.89 2.22
N LYS B 6 -3.78 14.58 1.20
CA LYS B 6 -5.21 14.87 1.22
C LYS B 6 -6.02 13.65 0.81
N GLU B 7 -5.63 13.04 -0.32
CA GLU B 7 -6.33 11.86 -0.83
C GLU B 7 -6.07 10.65 0.07
N LEU B 8 -4.92 10.63 0.72
CA LEU B 8 -4.56 9.53 1.61
C LEU B 8 -5.62 9.33 2.67
N SER B 9 -6.21 10.43 3.13
CA SER B 9 -7.25 10.37 4.15
C SER B 9 -8.58 9.95 3.55
N ASP B 10 -8.80 10.32 2.29
CA ASP B 10 -10.03 9.98 1.60
C ASP B 10 -10.13 8.48 1.35
N LEU B 11 -8.99 7.86 1.03
CA LEU B 11 -8.94 6.44 0.76
C LEU B 11 -9.03 5.64 2.07
N LEU B 12 -8.48 6.22 3.14
CA LEU B 12 -8.48 5.57 4.44
C LEU B 12 -9.85 5.70 5.12
N ASP B 13 -10.42 6.90 5.04
CA ASP B 13 -11.72 7.16 5.64
C ASP B 13 -12.80 6.25 5.03
N PHE B 14 -12.60 5.88 3.77
CA PHE B 14 -13.55 5.02 3.07
C PHE B 14 -13.71 3.69 3.80
N SER B 15 -12.63 3.22 4.42
CA SER B 15 -12.66 1.96 5.15
C SER B 15 -13.28 2.15 6.52
N ALA B 16 -13.09 3.33 7.10
CA ALA B 16 -13.63 3.63 8.41
C ALA B 16 -15.14 3.86 8.35
N MET B 17 -15.57 4.67 7.39
CA MET B 17 -16.99 4.97 7.22
C MET B 17 -17.77 3.70 6.88
N PHE B 18 -17.13 2.78 6.18
CA PHE B 18 -17.76 1.53 5.79
C PHE B 18 -16.97 0.34 6.33
N SER B 19 -17.45 -0.24 7.42
CA SER B 19 -16.81 -1.40 8.04
C SER B 19 -17.83 -2.40 8.55
N GLY A 1 27.15 -0.98 -14.88
CA GLY A 1 27.88 -1.50 -13.70
C GLY A 1 27.30 -2.79 -13.18
N VAL A 2 26.89 -2.80 -11.92
CA VAL A 2 26.31 -3.99 -11.31
C VAL A 2 24.94 -3.69 -10.71
N ARG A 3 24.26 -4.74 -10.25
CA ARG A 3 22.93 -4.59 -9.65
C ARG A 3 22.79 -5.48 -8.42
N LYS A 4 22.12 -4.95 -7.40
CA LYS A 4 21.90 -5.68 -6.15
C LYS A 4 21.28 -7.04 -6.43
N GLY A 5 21.36 -7.95 -5.46
CA GLY A 5 20.71 -9.24 -5.60
C GLY A 5 19.23 -9.02 -5.39
N TRP A 6 18.69 -8.19 -6.27
CA TRP A 6 17.31 -7.75 -6.20
C TRP A 6 16.30 -8.73 -6.77
N HIS A 7 16.42 -8.96 -8.06
CA HIS A 7 15.50 -9.83 -8.77
C HIS A 7 15.77 -11.30 -8.52
N GLU A 8 16.93 -11.59 -7.94
CA GLU A 8 17.33 -12.97 -7.66
C GLU A 8 16.19 -13.77 -7.05
N HIS A 9 15.60 -13.26 -5.97
CA HIS A 9 14.51 -13.96 -5.31
C HIS A 9 13.26 -13.10 -5.19
N VAL A 10 13.16 -12.07 -6.04
CA VAL A 10 11.99 -11.20 -6.03
C VAL A 10 11.10 -11.53 -7.22
N THR A 11 11.70 -11.51 -8.41
CA THR A 11 10.97 -11.84 -9.64
C THR A 11 9.71 -10.99 -9.78
N GLN A 12 9.15 -10.98 -10.99
CA GLN A 12 7.95 -10.22 -11.27
C GLN A 12 6.70 -10.90 -10.70
N ASP A 13 6.56 -12.19 -10.97
CA ASP A 13 5.41 -12.95 -10.49
C ASP A 13 5.23 -12.85 -8.97
N LEU A 14 6.28 -13.21 -8.23
CA LEU A 14 6.23 -13.15 -6.77
C LEU A 14 6.03 -11.71 -6.29
N ARG A 15 6.52 -10.76 -7.06
CA ARG A 15 6.39 -9.35 -6.72
C ARG A 15 4.92 -8.93 -6.72
N SER A 16 4.14 -9.55 -7.59
CA SER A 16 2.71 -9.25 -7.69
C SER A 16 2.01 -9.49 -6.36
N HIS A 17 2.46 -10.51 -5.63
CA HIS A 17 1.87 -10.84 -4.34
C HIS A 17 2.08 -9.72 -3.34
N LEU A 18 3.25 -9.09 -3.39
CA LEU A 18 3.58 -7.99 -2.50
C LEU A 18 2.77 -6.75 -2.84
N VAL A 19 2.42 -6.61 -4.11
CA VAL A 19 1.64 -5.46 -4.57
C VAL A 19 0.25 -5.44 -3.93
N HIS A 20 -0.25 -6.62 -3.57
CA HIS A 20 -1.55 -6.74 -2.95
C HIS A 20 -1.53 -6.22 -1.51
N LYS A 21 -0.38 -6.34 -0.87
CA LYS A 21 -0.23 -5.88 0.51
C LYS A 21 -0.56 -4.39 0.63
N LEU A 22 -0.06 -3.61 -0.32
CA LEU A 22 -0.31 -2.17 -0.33
C LEU A 22 -1.80 -1.88 -0.42
N VAL A 23 -2.52 -2.74 -1.13
CA VAL A 23 -3.96 -2.59 -1.30
C VAL A 23 -4.71 -3.02 -0.05
N GLN A 24 -4.13 -3.96 0.69
CA GLN A 24 -4.74 -4.46 1.91
C GLN A 24 -4.67 -3.42 3.02
N ALA A 25 -3.62 -2.62 3.01
CA ALA A 25 -3.45 -1.58 4.02
C ALA A 25 -4.59 -0.59 4.00
N ILE A 26 -4.81 0.05 2.85
CA ILE A 26 -5.89 1.01 2.70
C ILE A 26 -7.26 0.35 2.80
N PHE A 27 -7.37 -0.84 2.21
CA PHE A 27 -8.62 -1.59 2.24
C PHE A 27 -8.38 -3.05 2.58
N PRO A 28 -8.15 -3.36 3.87
CA PRO A 28 -7.90 -4.73 4.32
C PRO A 28 -9.15 -5.61 4.26
N THR A 29 -10.25 -5.08 4.78
CA THR A 29 -11.52 -5.81 4.78
C THR A 29 -12.04 -6.01 3.37
N PRO A 30 -12.77 -7.13 3.13
CA PRO A 30 -13.33 -7.43 1.81
C PRO A 30 -14.43 -6.46 1.40
N ASP A 31 -14.52 -6.19 0.11
CA ASP A 31 -15.52 -5.27 -0.41
C ASP A 31 -15.61 -5.37 -1.94
N PRO A 32 -16.48 -6.26 -2.45
CA PRO A 32 -16.65 -6.45 -3.89
C PRO A 32 -17.14 -5.18 -4.58
N ALA A 33 -17.77 -4.29 -3.81
CA ALA A 33 -18.29 -3.03 -4.34
C ALA A 33 -17.17 -2.01 -4.49
N ALA A 34 -16.12 -2.15 -3.68
CA ALA A 34 -14.98 -1.24 -3.74
C ALA A 34 -14.29 -1.28 -5.09
N LEU A 35 -14.08 -2.49 -5.60
CA LEU A 35 -13.43 -2.67 -6.90
C LEU A 35 -14.22 -1.95 -7.99
N LYS A 36 -15.53 -1.79 -7.77
CA LYS A 36 -16.39 -1.11 -8.72
C LYS A 36 -16.47 0.39 -8.42
N ASP A 37 -16.18 0.76 -7.18
CA ASP A 37 -16.23 2.16 -6.77
C ASP A 37 -15.28 3.00 -7.62
N ARG A 38 -15.74 4.17 -8.03
CA ARG A 38 -14.93 5.07 -8.86
C ARG A 38 -13.68 5.51 -8.11
N ARG A 39 -13.85 5.87 -6.83
CA ARG A 39 -12.73 6.32 -6.02
C ARG A 39 -11.62 5.28 -5.98
N MET A 40 -11.99 4.01 -6.12
CA MET A 40 -11.03 2.92 -6.10
C MET A 40 -10.00 3.09 -7.21
N GLU A 41 -10.38 3.79 -8.28
CA GLU A 41 -9.48 4.01 -9.40
C GLU A 41 -8.18 4.69 -8.94
N ASN A 42 -8.28 5.48 -7.88
CA ASN A 42 -7.13 6.18 -7.34
C ASN A 42 -6.28 5.26 -6.47
N LEU A 43 -6.94 4.29 -5.83
CA LEU A 43 -6.24 3.34 -4.97
C LEU A 43 -5.21 2.55 -5.77
N VAL A 44 -5.57 2.15 -6.97
CA VAL A 44 -4.67 1.39 -7.83
C VAL A 44 -3.45 2.21 -8.20
N ALA A 45 -3.67 3.36 -8.83
CA ALA A 45 -2.58 4.24 -9.23
C ALA A 45 -1.72 4.62 -8.04
N TYR A 46 -2.36 4.80 -6.89
CA TYR A 46 -1.65 5.18 -5.67
C TYR A 46 -0.65 4.09 -5.28
N ALA A 47 -1.13 2.85 -5.21
CA ALA A 47 -0.27 1.72 -4.84
C ALA A 47 0.83 1.53 -5.86
N LYS A 48 0.54 1.84 -7.12
CA LYS A 48 1.50 1.69 -8.20
C LYS A 48 2.71 2.60 -7.97
N LYS A 49 2.48 3.74 -7.33
CA LYS A 49 3.54 4.69 -7.04
C LYS A 49 4.43 4.19 -5.90
N VAL A 50 3.79 3.67 -4.85
CA VAL A 50 4.52 3.16 -3.70
C VAL A 50 5.23 1.86 -4.03
N GLU A 51 4.48 0.89 -4.57
CA GLU A 51 5.06 -0.40 -4.93
C GLU A 51 6.31 -0.19 -5.77
N GLY A 52 6.24 0.73 -6.72
CA GLY A 52 7.39 1.03 -7.54
C GLY A 52 8.50 1.62 -6.73
N ASP A 53 8.12 2.35 -5.67
CA ASP A 53 9.09 2.97 -4.78
C ASP A 53 9.67 1.93 -3.82
N MET A 54 8.87 0.90 -3.53
CA MET A 54 9.30 -0.17 -2.64
C MET A 54 10.42 -0.98 -3.25
N TYR A 55 10.40 -1.11 -4.58
CA TYR A 55 11.42 -1.85 -5.30
C TYR A 55 12.71 -1.05 -5.44
N GLU A 56 12.60 0.27 -5.34
CA GLU A 56 13.76 1.13 -5.47
C GLU A 56 14.42 1.39 -4.11
N SER A 57 13.59 1.44 -3.06
CA SER A 57 14.09 1.67 -1.71
C SER A 57 14.94 0.49 -1.25
N ALA A 58 14.38 -0.71 -1.38
CA ALA A 58 15.07 -1.93 -1.00
C ALA A 58 16.18 -2.25 -1.97
N ASN A 59 17.36 -2.50 -1.44
CA ASN A 59 18.47 -2.88 -2.28
C ASN A 59 18.56 -4.39 -2.27
N SER A 60 17.59 -5.01 -1.61
CA SER A 60 17.54 -6.47 -1.50
C SER A 60 16.11 -6.97 -1.35
N ARG A 61 15.90 -8.25 -1.62
CA ARG A 61 14.57 -8.85 -1.51
C ARG A 61 14.05 -8.73 -0.08
N ASP A 62 14.87 -9.15 0.88
CA ASP A 62 14.48 -9.10 2.29
C ASP A 62 14.01 -7.70 2.67
N GLU A 63 14.82 -6.70 2.33
CA GLU A 63 14.47 -5.31 2.63
C GLU A 63 13.17 -4.93 1.94
N TYR A 64 12.98 -5.42 0.72
CA TYR A 64 11.79 -5.12 -0.05
C TYR A 64 10.54 -5.62 0.68
N TYR A 65 10.63 -6.83 1.23
CA TYR A 65 9.52 -7.42 1.96
C TYR A 65 9.39 -6.83 3.35
N HIS A 66 10.52 -6.38 3.91
CA HIS A 66 10.52 -5.79 5.25
C HIS A 66 10.07 -4.34 5.22
N LEU A 67 10.76 -3.51 4.43
CA LEU A 67 10.44 -2.10 4.32
C LEU A 67 8.97 -1.90 3.97
N LEU A 68 8.38 -2.88 3.28
CA LEU A 68 6.99 -2.80 2.87
C LEU A 68 6.07 -3.00 4.08
N ALA A 69 6.52 -3.80 5.04
CA ALA A 69 5.73 -4.06 6.24
C ALA A 69 5.59 -2.80 7.09
N GLU A 70 6.65 -2.01 7.16
CA GLU A 70 6.65 -0.78 7.93
C GLU A 70 5.55 0.16 7.45
N LYS A 71 5.36 0.21 6.13
CA LYS A 71 4.33 1.06 5.54
C LYS A 71 2.94 0.55 5.89
N ILE A 72 2.67 -0.71 5.55
CA ILE A 72 1.38 -1.31 5.84
C ILE A 72 1.12 -1.38 7.34
N TYR A 73 2.20 -1.54 8.10
CA TYR A 73 2.10 -1.62 9.56
C TYR A 73 1.64 -0.29 10.14
N LYS A 74 2.36 0.78 9.82
CA LYS A 74 2.03 2.11 10.31
C LYS A 74 0.64 2.53 9.83
N ILE A 75 0.36 2.30 8.54
CA ILE A 75 -0.92 2.66 7.96
C ILE A 75 -2.04 1.78 8.51
N GLN A 76 -1.70 0.54 8.86
CA GLN A 76 -2.68 -0.39 9.40
C GLN A 76 -3.29 0.15 10.69
N LYS A 77 -2.44 0.73 11.54
CA LYS A 77 -2.90 1.28 12.81
C LYS A 77 -3.57 2.64 12.61
N GLU A 78 -3.16 3.34 11.55
CA GLU A 78 -3.72 4.65 11.24
C GLU A 78 -5.24 4.56 11.04
N LEU A 79 -5.70 3.40 10.61
CA LEU A 79 -7.13 3.19 10.38
C LEU A 79 -7.94 3.47 11.65
N GLU A 80 -7.33 3.24 12.80
CA GLU A 80 -7.99 3.47 14.08
C GLU A 80 -8.27 4.96 14.26
N GLU A 81 -7.44 5.80 13.67
CA GLU A 81 -7.61 7.25 13.79
C GLU A 81 -8.63 7.75 12.78
N LYS A 82 -8.78 7.03 11.68
CA LYS A 82 -9.73 7.42 10.63
C LYS A 82 -11.15 7.51 11.19
N ARG A 83 -11.54 6.49 11.96
CA ARG A 83 -12.87 6.46 12.55
C ARG A 83 -13.05 7.60 13.55
N ARG A 84 -12.06 7.80 14.40
CA ARG A 84 -12.13 8.86 15.40
C ARG A 84 -11.75 10.21 14.80
N SER A 85 -11.36 10.21 13.52
CA SER A 85 -11.02 11.45 12.85
C SER A 85 -12.25 12.33 12.69
N ARG A 86 -13.43 11.77 13.01
CA ARG A 86 -14.67 12.52 12.91
C ARG A 86 -15.61 12.22 14.07
N LEU A 87 -15.30 11.17 14.79
CA LEU A 87 -16.08 10.75 15.94
C LEU A 87 -15.46 9.53 16.61
N GLY B 1 9.16 22.32 -1.15
CA GLY B 1 7.71 22.59 -0.97
C GLY B 1 7.00 21.50 -0.19
N SER B 2 5.91 20.98 -0.75
CA SER B 2 5.14 19.93 -0.11
C SER B 2 4.72 18.87 -1.11
N GLY B 3 3.98 17.88 -0.64
CA GLY B 3 3.52 16.81 -1.52
C GLY B 3 2.11 16.37 -1.21
N THR B 4 1.30 17.29 -0.70
CA THR B 4 -0.09 17.01 -0.35
C THR B 4 -0.20 15.79 0.57
N ASP B 5 -0.26 14.60 -0.03
CA ASP B 5 -0.37 13.36 0.73
C ASP B 5 -1.64 13.36 1.57
N LYS B 6 -2.71 13.92 1.02
CA LYS B 6 -3.99 13.98 1.72
C LYS B 6 -4.91 12.85 1.26
N GLU B 7 -4.75 12.42 0.01
CA GLU B 7 -5.56 11.36 -0.56
C GLU B 7 -5.41 10.07 0.26
N LEU B 8 -4.26 9.91 0.90
CA LEU B 8 -3.99 8.72 1.71
C LEU B 8 -5.07 8.55 2.78
N SER B 9 -5.54 9.68 3.32
CA SER B 9 -6.57 9.65 4.34
C SER B 9 -7.94 9.40 3.73
N ASP B 10 -8.13 9.87 2.51
CA ASP B 10 -9.40 9.71 1.80
C ASP B 10 -9.66 8.24 1.49
N LEU B 11 -8.69 7.59 0.85
CA LEU B 11 -8.82 6.18 0.50
C LEU B 11 -9.00 5.32 1.75
N LEU B 12 -8.34 5.70 2.83
CA LEU B 12 -8.43 4.97 4.08
C LEU B 12 -9.80 5.17 4.74
N ASP B 13 -10.39 6.34 4.50
CA ASP B 13 -11.70 6.66 5.06
C ASP B 13 -12.78 5.77 4.47
N PHE B 14 -12.59 5.37 3.21
CA PHE B 14 -13.55 4.51 2.53
C PHE B 14 -13.70 3.18 3.26
N SER B 15 -12.59 2.59 3.65
CA SER B 15 -12.60 1.31 4.35
C SER B 15 -12.83 1.52 5.85
N ALA B 16 -12.25 2.60 6.39
CA ALA B 16 -12.38 2.91 7.80
C ALA B 16 -13.84 3.17 8.17
N MET B 17 -14.57 3.80 7.27
CA MET B 17 -15.98 4.10 7.48
C MET B 17 -16.81 2.82 7.57
N PHE B 18 -16.77 2.04 6.49
CA PHE B 18 -17.52 0.79 6.44
C PHE B 18 -16.59 -0.41 6.59
N SER B 19 -16.94 -1.32 7.51
CA SER B 19 -16.13 -2.50 7.75
C SER B 19 -14.73 -2.12 8.19
N GLY A 1 27.67 -2.66 -15.15
CA GLY A 1 28.43 -2.93 -13.90
C GLY A 1 27.84 -4.08 -13.10
N VAL A 2 27.41 -3.79 -11.88
CA VAL A 2 26.83 -4.81 -11.02
C VAL A 2 25.52 -4.32 -10.40
N ARG A 3 24.86 -5.20 -9.65
CA ARG A 3 23.61 -4.86 -9.00
C ARG A 3 23.40 -5.67 -7.73
N LYS A 4 22.64 -5.12 -6.80
CA LYS A 4 22.37 -5.79 -5.53
C LYS A 4 21.81 -7.19 -5.77
N GLY A 5 21.90 -8.06 -4.77
CA GLY A 5 21.31 -9.37 -4.87
C GLY A 5 19.81 -9.20 -4.75
N TRP A 6 19.26 -8.50 -5.72
CA TRP A 6 17.86 -8.13 -5.74
C TRP A 6 16.93 -9.18 -6.33
N HIS A 7 17.11 -9.43 -7.62
CA HIS A 7 16.26 -10.35 -8.36
C HIS A 7 16.32 -11.79 -7.85
N GLU A 8 17.28 -12.08 -6.99
CA GLU A 8 17.47 -13.44 -6.48
C GLU A 8 16.16 -14.11 -6.07
N HIS A 9 15.32 -13.45 -5.27
CA HIS A 9 14.07 -14.08 -4.83
C HIS A 9 12.86 -13.16 -4.94
N VAL A 10 12.83 -12.33 -5.97
CA VAL A 10 11.68 -11.45 -6.17
C VAL A 10 10.96 -11.82 -7.46
N THR A 11 11.75 -12.09 -8.50
CA THR A 11 11.22 -12.50 -9.80
C THR A 11 10.10 -11.57 -10.27
N GLN A 12 9.62 -11.81 -11.48
CA GLN A 12 8.56 -11.00 -12.06
C GLN A 12 7.19 -11.33 -11.45
N ASP A 13 6.87 -12.61 -11.38
CA ASP A 13 5.59 -13.06 -10.84
C ASP A 13 5.52 -12.88 -9.32
N LEU A 14 6.46 -13.49 -8.61
CA LEU A 14 6.50 -13.42 -7.16
C LEU A 14 6.47 -11.97 -6.68
N ARG A 15 7.01 -11.07 -7.50
CA ARG A 15 7.04 -9.65 -7.16
C ARG A 15 5.63 -9.08 -7.10
N SER A 16 4.74 -9.62 -7.93
CA SER A 16 3.36 -9.16 -7.98
C SER A 16 2.62 -9.51 -6.68
N HIS A 17 3.02 -10.62 -6.07
CA HIS A 17 2.41 -11.08 -4.83
C HIS A 17 2.60 -10.04 -3.72
N LEU A 18 3.71 -9.32 -3.79
CA LEU A 18 4.02 -8.31 -2.78
C LEU A 18 3.23 -7.02 -3.06
N VAL A 19 2.97 -6.75 -4.33
CA VAL A 19 2.22 -5.56 -4.71
C VAL A 19 0.82 -5.56 -4.10
N HIS A 20 0.24 -6.76 -3.97
CA HIS A 20 -1.09 -6.89 -3.40
C HIS A 20 -1.11 -6.42 -1.95
N LYS A 21 0.04 -6.51 -1.29
CA LYS A 21 0.15 -6.09 0.11
C LYS A 21 -0.27 -4.63 0.27
N LEU A 22 0.19 -3.78 -0.64
CA LEU A 22 -0.15 -2.36 -0.60
C LEU A 22 -1.65 -2.16 -0.71
N VAL A 23 -2.28 -2.93 -1.59
CA VAL A 23 -3.72 -2.84 -1.80
C VAL A 23 -4.48 -3.30 -0.55
N GLN A 24 -3.88 -4.21 0.21
CA GLN A 24 -4.50 -4.74 1.41
C GLN A 24 -4.34 -3.75 2.57
N ALA A 25 -3.29 -2.93 2.51
CA ALA A 25 -3.04 -1.94 3.56
C ALA A 25 -4.22 -1.01 3.74
N ILE A 26 -4.56 -0.27 2.68
CA ILE A 26 -5.68 0.66 2.73
C ILE A 26 -7.00 -0.07 2.88
N PHE A 27 -7.07 -1.28 2.35
CA PHE A 27 -8.29 -2.09 2.44
C PHE A 27 -7.95 -3.56 2.67
N PRO A 28 -7.70 -3.94 3.93
CA PRO A 28 -7.36 -5.33 4.29
C PRO A 28 -8.43 -6.31 3.85
N THR A 29 -9.62 -6.17 4.42
CA THR A 29 -10.74 -7.05 4.08
C THR A 29 -11.19 -6.85 2.64
N PRO A 30 -11.70 -7.92 1.99
CA PRO A 30 -12.16 -7.85 0.61
C PRO A 30 -13.47 -7.06 0.47
N ASP A 31 -13.62 -6.37 -0.65
CA ASP A 31 -14.82 -5.57 -0.90
C ASP A 31 -15.05 -5.41 -2.40
N PRO A 32 -15.73 -6.37 -3.04
CA PRO A 32 -16.02 -6.33 -4.47
C PRO A 32 -16.85 -5.10 -4.85
N ALA A 33 -17.50 -4.49 -3.87
CA ALA A 33 -18.32 -3.32 -4.11
C ALA A 33 -17.45 -2.08 -4.23
N ALA A 34 -16.29 -2.10 -3.57
CA ALA A 34 -15.37 -0.98 -3.60
C ALA A 34 -14.69 -0.87 -4.96
N LEU A 35 -14.58 -2.00 -5.66
CA LEU A 35 -13.96 -2.03 -6.98
C LEU A 35 -14.63 -1.05 -7.93
N LYS A 36 -15.94 -0.90 -7.79
CA LYS A 36 -16.70 0.01 -8.63
C LYS A 36 -16.64 1.44 -8.10
N ASP A 37 -16.49 1.56 -6.78
CA ASP A 37 -16.42 2.87 -6.15
C ASP A 37 -15.27 3.69 -6.72
N ARG A 38 -15.50 5.00 -6.86
CA ARG A 38 -14.50 5.90 -7.40
C ARG A 38 -13.22 5.88 -6.56
N ARG A 39 -13.37 5.56 -5.27
CA ARG A 39 -12.24 5.50 -4.35
C ARG A 39 -11.14 4.59 -4.90
N MET A 40 -11.54 3.40 -5.34
CA MET A 40 -10.59 2.43 -5.88
C MET A 40 -9.81 3.02 -7.06
N GLU A 41 -10.45 3.94 -7.77
CA GLU A 41 -9.82 4.59 -8.92
C GLU A 41 -8.49 5.23 -8.51
N ASN A 42 -8.48 5.88 -7.35
CA ASN A 42 -7.28 6.53 -6.84
C ASN A 42 -6.36 5.51 -6.19
N LEU A 43 -6.95 4.48 -5.59
CA LEU A 43 -6.18 3.44 -4.92
C LEU A 43 -5.25 2.74 -5.90
N VAL A 44 -5.78 2.41 -7.08
CA VAL A 44 -5.00 1.74 -8.10
C VAL A 44 -3.79 2.58 -8.52
N ALA A 45 -4.07 3.78 -9.02
CA ALA A 45 -3.01 4.69 -9.45
C ALA A 45 -2.05 5.01 -8.31
N TYR A 46 -2.59 5.03 -7.08
CA TYR A 46 -1.78 5.31 -5.91
C TYR A 46 -0.82 4.16 -5.62
N ALA A 47 -1.38 2.96 -5.49
CA ALA A 47 -0.57 1.78 -5.21
C ALA A 47 0.42 1.50 -6.34
N LYS A 48 0.06 1.92 -7.55
CA LYS A 48 0.92 1.71 -8.71
C LYS A 48 2.15 2.62 -8.65
N LYS A 49 1.96 3.83 -8.14
CA LYS A 49 3.06 4.78 -8.03
C LYS A 49 3.93 4.48 -6.80
N VAL A 50 3.29 4.09 -5.71
CA VAL A 50 4.00 3.79 -4.47
C VAL A 50 4.71 2.44 -4.56
N GLU A 51 4.02 1.43 -5.07
CA GLU A 51 4.61 0.10 -5.21
C GLU A 51 5.97 0.19 -5.87
N GLY A 52 6.07 1.01 -6.91
CA GLY A 52 7.34 1.19 -7.59
C GLY A 52 8.36 1.84 -6.68
N ASP A 53 7.85 2.70 -5.79
CA ASP A 53 8.71 3.39 -4.83
C ASP A 53 9.06 2.46 -3.67
N MET A 54 8.18 1.51 -3.40
CA MET A 54 8.38 0.55 -2.32
C MET A 54 9.48 -0.45 -2.69
N TYR A 55 9.40 -0.98 -3.91
CA TYR A 55 10.39 -1.95 -4.38
C TYR A 55 11.79 -1.34 -4.38
N GLU A 56 11.96 -0.20 -5.04
CA GLU A 56 13.25 0.47 -5.12
C GLU A 56 13.86 0.69 -3.73
N SER A 57 13.02 1.08 -2.77
CA SER A 57 13.48 1.33 -1.41
C SER A 57 14.38 0.19 -0.91
N ALA A 58 14.13 -1.01 -1.43
CA ALA A 58 14.90 -2.19 -1.04
C ALA A 58 16.07 -2.42 -1.97
N ASN A 59 17.22 -2.69 -1.39
CA ASN A 59 18.39 -3.00 -2.18
C ASN A 59 18.48 -4.52 -2.26
N SER A 60 17.51 -5.18 -1.62
CA SER A 60 17.45 -6.63 -1.61
C SER A 60 16.01 -7.12 -1.51
N ARG A 61 15.82 -8.43 -1.57
CA ARG A 61 14.49 -9.02 -1.48
C ARG A 61 13.96 -8.97 -0.05
N ASP A 62 14.78 -9.43 0.89
CA ASP A 62 14.39 -9.44 2.29
C ASP A 62 13.99 -8.05 2.76
N GLU A 63 14.79 -7.06 2.41
CA GLU A 63 14.52 -5.67 2.79
C GLU A 63 13.19 -5.20 2.22
N TYR A 64 12.91 -5.58 0.98
CA TYR A 64 11.67 -5.20 0.32
C TYR A 64 10.46 -5.72 1.08
N TYR A 65 10.62 -6.87 1.72
CA TYR A 65 9.55 -7.48 2.48
C TYR A 65 9.32 -6.74 3.80
N HIS A 66 10.38 -6.62 4.59
CA HIS A 66 10.31 -5.93 5.87
C HIS A 66 10.01 -4.44 5.68
N LEU A 67 10.72 -3.83 4.74
CA LEU A 67 10.54 -2.42 4.45
C LEU A 67 9.11 -2.12 4.00
N LEU A 68 8.67 -2.82 2.97
CA LEU A 68 7.31 -2.64 2.44
C LEU A 68 6.27 -2.88 3.52
N ALA A 69 6.61 -3.73 4.49
CA ALA A 69 5.69 -4.03 5.59
C ALA A 69 5.47 -2.81 6.47
N GLU A 70 6.47 -1.94 6.55
CA GLU A 70 6.38 -0.73 7.35
C GLU A 70 5.18 0.11 6.94
N LYS A 71 4.99 0.26 5.63
CA LYS A 71 3.88 1.05 5.11
C LYS A 71 2.55 0.45 5.53
N ILE A 72 2.35 -0.83 5.21
CA ILE A 72 1.12 -1.53 5.55
C ILE A 72 0.93 -1.56 7.07
N TYR A 73 2.04 -1.61 7.79
CA TYR A 73 2.01 -1.64 9.25
C TYR A 73 1.67 -0.26 9.82
N LYS A 74 2.29 0.77 9.25
CA LYS A 74 2.06 2.15 9.70
C LYS A 74 0.68 2.63 9.27
N ILE A 75 0.33 2.38 8.01
CA ILE A 75 -0.97 2.80 7.49
C ILE A 75 -2.11 2.07 8.19
N GLN A 76 -1.85 0.83 8.60
CA GLN A 76 -2.85 0.03 9.29
C GLN A 76 -3.31 0.72 10.58
N LYS A 77 -2.35 1.18 11.36
CA LYS A 77 -2.65 1.85 12.62
C LYS A 77 -3.28 3.22 12.37
N GLU A 78 -2.93 3.84 11.24
CA GLU A 78 -3.44 5.15 10.89
C GLU A 78 -4.97 5.12 10.79
N LEU A 79 -5.53 3.94 10.53
CA LEU A 79 -6.97 3.79 10.42
C LEU A 79 -7.69 4.28 11.67
N GLU A 80 -6.98 4.24 12.81
CA GLU A 80 -7.55 4.67 14.07
C GLU A 80 -7.79 6.18 14.07
N GLU A 81 -6.92 6.91 13.36
CA GLU A 81 -7.04 8.37 13.28
C GLU A 81 -8.35 8.76 12.59
N LYS A 82 -8.86 7.89 11.73
CA LYS A 82 -10.11 8.16 11.01
C LYS A 82 -11.24 8.46 11.99
N ARG A 83 -11.17 7.88 13.18
CA ARG A 83 -12.19 8.09 14.19
C ARG A 83 -12.23 9.55 14.63
N ARG A 84 -11.06 10.09 14.97
CA ARG A 84 -10.97 11.48 15.41
C ARG A 84 -10.90 12.43 14.22
N SER A 85 -10.88 11.88 13.01
CA SER A 85 -10.85 12.70 11.82
C SER A 85 -12.17 13.46 11.65
N ARG A 86 -13.15 13.12 12.50
CA ARG A 86 -14.45 13.78 12.44
C ARG A 86 -15.04 13.99 13.82
N LEU A 87 -14.47 13.32 14.79
CA LEU A 87 -14.90 13.42 16.17
C LEU A 87 -14.00 12.60 17.09
N GLY B 1 0.56 17.41 -13.26
CA GLY B 1 -0.67 16.59 -13.40
C GLY B 1 -0.84 15.61 -12.25
N SER B 2 -0.38 16.00 -11.07
CA SER B 2 -0.48 15.15 -9.89
C SER B 2 -0.54 15.99 -8.62
N GLY B 3 -0.42 15.33 -7.47
CA GLY B 3 -0.46 16.04 -6.21
C GLY B 3 -0.05 15.16 -5.04
N THR B 4 -0.49 13.91 -5.05
CA THR B 4 -0.16 12.97 -3.99
C THR B 4 -0.59 13.51 -2.63
N ASP B 5 -0.55 12.64 -1.62
CA ASP B 5 -0.93 13.03 -0.27
C ASP B 5 -2.38 13.51 -0.23
N LYS B 6 -2.88 13.78 0.98
CA LYS B 6 -4.26 14.23 1.16
C LYS B 6 -5.26 13.12 0.84
N GLU B 7 -5.29 12.71 -0.42
CA GLU B 7 -6.20 11.67 -0.86
C GLU B 7 -5.97 10.38 -0.05
N LEU B 8 -4.76 10.20 0.44
CA LEU B 8 -4.43 9.02 1.23
C LEU B 8 -5.38 8.86 2.41
N SER B 9 -5.86 9.99 2.93
CA SER B 9 -6.79 9.97 4.06
C SER B 9 -8.20 9.62 3.59
N ASP B 10 -8.53 10.01 2.37
CA ASP B 10 -9.84 9.73 1.81
C ASP B 10 -10.07 8.24 1.64
N LEU B 11 -9.00 7.52 1.31
CA LEU B 11 -9.07 6.09 1.11
C LEU B 11 -9.31 5.37 2.44
N LEU B 12 -8.80 5.95 3.52
CA LEU B 12 -8.95 5.37 4.85
C LEU B 12 -10.39 5.49 5.33
N ASP B 13 -11.05 6.59 4.96
CA ASP B 13 -12.42 6.83 5.35
C ASP B 13 -13.33 5.69 4.93
N PHE B 14 -13.00 5.06 3.80
CA PHE B 14 -13.78 3.95 3.29
C PHE B 14 -13.83 2.81 4.29
N SER B 15 -12.66 2.31 4.68
CA SER B 15 -12.56 1.21 5.63
C SER B 15 -12.97 1.67 7.03
N ALA B 16 -12.73 2.95 7.32
CA ALA B 16 -13.07 3.51 8.62
C ALA B 16 -14.57 3.37 8.90
N MET B 17 -15.37 3.39 7.85
CA MET B 17 -16.81 3.26 7.99
C MET B 17 -17.23 1.80 8.10
N PHE B 18 -16.46 0.93 7.45
CA PHE B 18 -16.75 -0.50 7.49
C PHE B 18 -15.47 -1.32 7.36
N SER B 19 -15.36 -2.38 8.16
CA SER B 19 -14.19 -3.24 8.13
C SER B 19 -14.46 -4.55 8.86
N GLY A 1 25.94 -1.61 -16.25
CA GLY A 1 26.88 -1.63 -15.09
C GLY A 1 26.55 -2.75 -14.11
N VAL A 2 26.53 -2.40 -12.82
CA VAL A 2 26.22 -3.38 -11.78
C VAL A 2 24.97 -2.98 -11.00
N ARG A 3 24.49 -3.88 -10.16
CA ARG A 3 23.30 -3.61 -9.35
C ARG A 3 23.27 -4.50 -8.12
N LYS A 4 22.51 -4.08 -7.11
CA LYS A 4 22.39 -4.83 -5.87
C LYS A 4 21.90 -6.24 -6.13
N GLY A 5 22.07 -7.13 -5.14
CA GLY A 5 21.54 -8.47 -5.26
C GLY A 5 20.04 -8.38 -5.06
N TRP A 6 19.43 -7.68 -6.01
CA TRP A 6 18.02 -7.36 -5.97
C TRP A 6 17.10 -8.44 -6.54
N HIS A 7 17.27 -8.67 -7.82
CA HIS A 7 16.44 -9.62 -8.56
C HIS A 7 16.57 -11.07 -8.08
N GLU A 8 17.58 -11.33 -7.28
CA GLU A 8 17.85 -12.68 -6.79
C GLU A 8 16.59 -13.42 -6.34
N HIS A 9 15.76 -12.79 -5.51
CA HIS A 9 14.54 -13.44 -5.03
C HIS A 9 13.31 -12.55 -5.15
N VAL A 10 13.21 -11.80 -6.24
CA VAL A 10 12.05 -10.95 -6.46
C VAL A 10 11.12 -11.58 -7.48
N THR A 11 11.62 -11.75 -8.69
CA THR A 11 10.84 -12.37 -9.76
C THR A 11 9.53 -11.62 -9.99
N GLN A 12 8.85 -11.94 -11.08
CA GLN A 12 7.59 -11.30 -11.41
C GLN A 12 6.45 -11.83 -10.53
N ASP A 13 6.49 -13.12 -10.24
CA ASP A 13 5.46 -13.74 -9.41
C ASP A 13 5.43 -13.14 -8.01
N LEU A 14 6.58 -13.17 -7.34
CA LEU A 14 6.69 -12.63 -5.99
C LEU A 14 6.33 -11.15 -5.96
N ARG A 15 6.74 -10.43 -7.01
CA ARG A 15 6.47 -9.00 -7.12
C ARG A 15 4.97 -8.73 -7.16
N SER A 16 4.28 -9.44 -8.05
CA SER A 16 2.84 -9.28 -8.20
C SER A 16 2.11 -9.70 -6.92
N HIS A 17 2.69 -10.65 -6.20
CA HIS A 17 2.09 -11.14 -4.96
C HIS A 17 2.23 -10.12 -3.84
N LEU A 18 3.29 -9.34 -3.89
CA LEU A 18 3.54 -8.31 -2.86
C LEU A 18 2.73 -7.05 -3.15
N VAL A 19 2.53 -6.76 -4.43
CA VAL A 19 1.77 -5.57 -4.83
C VAL A 19 0.36 -5.61 -4.27
N HIS A 20 -0.17 -6.82 -4.08
CA HIS A 20 -1.52 -6.99 -3.54
C HIS A 20 -1.57 -6.62 -2.06
N LYS A 21 -0.46 -6.83 -1.36
CA LYS A 21 -0.38 -6.52 0.06
C LYS A 21 -0.67 -5.05 0.32
N LEU A 22 -0.04 -4.17 -0.47
CA LEU A 22 -0.23 -2.74 -0.33
C LEU A 22 -1.70 -2.36 -0.53
N VAL A 23 -2.38 -3.11 -1.40
CA VAL A 23 -3.79 -2.86 -1.68
C VAL A 23 -4.66 -3.25 -0.50
N GLN A 24 -4.23 -4.25 0.25
CA GLN A 24 -4.99 -4.72 1.42
C GLN A 24 -4.82 -3.78 2.60
N ALA A 25 -3.71 -3.03 2.61
CA ALA A 25 -3.43 -2.09 3.69
C ALA A 25 -4.56 -1.08 3.83
N ILE A 26 -4.79 -0.30 2.78
CA ILE A 26 -5.84 0.71 2.80
C ILE A 26 -7.22 0.07 2.99
N PHE A 27 -7.38 -1.14 2.48
CA PHE A 27 -8.66 -1.85 2.61
C PHE A 27 -8.42 -3.34 2.80
N PRO A 28 -8.20 -3.77 4.06
CA PRO A 28 -7.97 -5.18 4.38
C PRO A 28 -9.22 -6.03 4.23
N THR A 29 -10.33 -5.55 4.76
CA THR A 29 -11.60 -6.26 4.69
C THR A 29 -12.18 -6.18 3.28
N PRO A 30 -12.94 -7.21 2.87
CA PRO A 30 -13.57 -7.26 1.54
C PRO A 30 -14.59 -6.14 1.34
N ASP A 31 -14.71 -5.66 0.12
CA ASP A 31 -15.66 -4.60 -0.20
C ASP A 31 -16.06 -4.66 -1.67
N PRO A 32 -16.98 -5.58 -2.02
CA PRO A 32 -17.46 -5.74 -3.40
C PRO A 32 -18.08 -4.46 -3.94
N ALA A 33 -18.50 -3.59 -3.04
CA ALA A 33 -19.13 -2.32 -3.43
C ALA A 33 -18.06 -1.31 -3.84
N ALA A 34 -16.84 -1.49 -3.34
CA ALA A 34 -15.75 -0.58 -3.66
C ALA A 34 -15.34 -0.70 -5.13
N LEU A 35 -15.54 -1.88 -5.70
CA LEU A 35 -15.19 -2.14 -7.09
C LEU A 35 -15.92 -1.16 -8.01
N LYS A 36 -17.15 -0.83 -7.65
CA LYS A 36 -17.96 0.09 -8.44
C LYS A 36 -17.62 1.53 -8.11
N ASP A 37 -17.12 1.75 -6.89
CA ASP A 37 -16.75 3.10 -6.45
C ASP A 37 -15.53 3.60 -7.21
N ARG A 38 -15.55 4.89 -7.56
CA ARG A 38 -14.44 5.49 -8.29
C ARG A 38 -13.22 5.69 -7.38
N ARG A 39 -13.47 5.80 -6.08
CA ARG A 39 -12.39 5.99 -5.12
C ARG A 39 -11.37 4.87 -5.21
N MET A 40 -11.84 3.64 -5.42
CA MET A 40 -10.96 2.49 -5.54
C MET A 40 -9.96 2.68 -6.67
N GLU A 41 -10.35 3.43 -7.69
CA GLU A 41 -9.49 3.69 -8.83
C GLU A 41 -8.17 4.31 -8.39
N ASN A 42 -8.22 5.07 -7.29
CA ASN A 42 -7.03 5.72 -6.75
C ASN A 42 -6.20 4.73 -5.94
N LEU A 43 -6.86 3.75 -5.33
CA LEU A 43 -6.18 2.76 -4.53
C LEU A 43 -5.13 2.01 -5.35
N VAL A 44 -5.52 1.57 -6.54
CA VAL A 44 -4.61 0.85 -7.42
C VAL A 44 -3.40 1.71 -7.77
N ALA A 45 -3.66 2.86 -8.38
CA ALA A 45 -2.59 3.78 -8.78
C ALA A 45 -1.76 4.19 -7.57
N TYR A 46 -2.43 4.44 -6.45
CA TYR A 46 -1.74 4.84 -5.22
C TYR A 46 -0.78 3.76 -4.76
N ALA A 47 -1.29 2.54 -4.58
CA ALA A 47 -0.48 1.42 -4.15
C ALA A 47 0.64 1.13 -5.16
N LYS A 48 0.34 1.37 -6.43
CA LYS A 48 1.32 1.14 -7.48
C LYS A 48 2.54 2.05 -7.33
N LYS A 49 2.29 3.26 -6.82
CA LYS A 49 3.37 4.22 -6.60
C LYS A 49 4.25 3.80 -5.44
N VAL A 50 3.62 3.37 -4.35
CA VAL A 50 4.36 2.94 -3.16
C VAL A 50 5.11 1.64 -3.42
N GLU A 51 4.40 0.61 -3.88
CA GLU A 51 5.03 -0.67 -4.18
C GLU A 51 6.24 -0.46 -5.07
N GLY A 52 6.08 0.38 -6.09
CA GLY A 52 7.18 0.67 -6.98
C GLY A 52 8.31 1.34 -6.23
N ASP A 53 7.95 2.09 -5.19
CA ASP A 53 8.93 2.76 -4.35
C ASP A 53 9.65 1.75 -3.46
N MET A 54 8.95 0.67 -3.13
CA MET A 54 9.51 -0.38 -2.29
C MET A 54 10.64 -1.10 -3.02
N TYR A 55 10.50 -1.23 -4.33
CA TYR A 55 11.51 -1.91 -5.15
C TYR A 55 12.73 -1.00 -5.37
N GLU A 56 12.52 0.30 -5.25
CA GLU A 56 13.61 1.26 -5.44
C GLU A 56 14.32 1.54 -4.13
N SER A 57 13.56 1.56 -3.04
CA SER A 57 14.10 1.82 -1.71
C SER A 57 15.01 0.68 -1.27
N ALA A 58 14.49 -0.53 -1.34
CA ALA A 58 15.24 -1.72 -0.95
C ALA A 58 16.38 -1.96 -1.90
N ASN A 59 17.57 -2.10 -1.33
CA ASN A 59 18.74 -2.41 -2.13
C ASN A 59 18.92 -3.91 -2.12
N SER A 60 17.97 -4.61 -1.51
CA SER A 60 18.02 -6.07 -1.42
C SER A 60 16.61 -6.66 -1.30
N ARG A 61 16.51 -7.96 -1.52
CA ARG A 61 15.23 -8.64 -1.44
C ARG A 61 14.69 -8.62 -0.01
N ASP A 62 15.58 -8.90 0.96
CA ASP A 62 15.19 -8.90 2.36
C ASP A 62 14.60 -7.56 2.77
N GLU A 63 15.33 -6.48 2.51
CA GLU A 63 14.88 -5.14 2.84
C GLU A 63 13.57 -4.83 2.14
N TYR A 64 13.44 -5.31 0.90
CA TYR A 64 12.24 -5.09 0.12
C TYR A 64 11.03 -5.73 0.81
N TYR A 65 11.24 -6.90 1.38
CA TYR A 65 10.18 -7.62 2.07
C TYR A 65 9.92 -7.03 3.46
N HIS A 66 10.97 -6.50 4.08
CA HIS A 66 10.86 -5.91 5.41
C HIS A 66 10.31 -4.49 5.34
N LEU A 67 11.00 -3.63 4.59
CA LEU A 67 10.59 -2.25 4.45
C LEU A 67 9.19 -2.14 3.87
N LEU A 68 8.79 -3.15 3.09
CA LEU A 68 7.47 -3.18 2.47
C LEU A 68 6.39 -3.44 3.51
N ALA A 69 6.75 -4.20 4.54
CA ALA A 69 5.82 -4.53 5.60
C ALA A 69 5.52 -3.31 6.48
N GLU A 70 6.53 -2.47 6.67
CA GLU A 70 6.38 -1.27 7.47
C GLU A 70 5.30 -0.36 6.89
N LYS A 71 5.28 -0.24 5.57
CA LYS A 71 4.30 0.60 4.89
C LYS A 71 2.89 0.05 5.10
N ILE A 72 2.69 -1.22 4.75
CA ILE A 72 1.39 -1.86 4.90
C ILE A 72 1.00 -1.93 6.38
N TYR A 73 2.00 -2.04 7.24
CA TYR A 73 1.77 -2.12 8.67
C TYR A 73 1.39 -0.75 9.23
N LYS A 74 2.21 0.25 8.93
CA LYS A 74 1.97 1.61 9.41
C LYS A 74 0.63 2.14 8.90
N ILE A 75 0.34 1.88 7.63
CA ILE A 75 -0.90 2.33 7.02
C ILE A 75 -2.09 1.54 7.56
N GLN A 76 -1.84 0.29 7.94
CA GLN A 76 -2.90 -0.58 8.47
C GLN A 76 -3.44 -0.02 9.78
N LYS A 77 -2.53 0.32 10.70
CA LYS A 77 -2.92 0.86 12.00
C LYS A 77 -3.32 2.33 11.88
N GLU A 78 -2.72 3.03 10.92
CA GLU A 78 -3.01 4.44 10.71
C GLU A 78 -4.49 4.65 10.38
N LEU A 79 -5.10 3.64 9.75
CA LEU A 79 -6.50 3.71 9.37
C LEU A 79 -7.38 3.97 10.60
N GLU A 80 -6.93 3.48 11.75
CA GLU A 80 -7.69 3.65 12.99
C GLU A 80 -7.76 5.13 13.38
N GLU A 81 -6.71 5.88 13.03
CA GLU A 81 -6.66 7.30 13.33
C GLU A 81 -7.70 8.08 12.54
N LYS A 82 -8.00 7.58 11.34
CA LYS A 82 -8.97 8.23 10.47
C LYS A 82 -10.38 8.09 11.04
N ARG A 83 -10.62 6.99 11.74
CA ARG A 83 -11.93 6.74 12.34
C ARG A 83 -12.31 7.85 13.32
N ARG A 84 -11.39 8.19 14.21
CA ARG A 84 -11.64 9.24 15.19
C ARG A 84 -11.44 10.63 14.59
N SER A 85 -11.03 10.67 13.33
CA SER A 85 -10.84 11.93 12.65
C SER A 85 -12.19 12.64 12.45
N ARG A 86 -13.28 11.92 12.74
CA ARG A 86 -14.62 12.48 12.60
C ARG A 86 -15.55 12.04 13.71
N LEU A 87 -15.12 11.04 14.43
CA LEU A 87 -15.88 10.50 15.55
C LEU A 87 -17.22 9.95 15.06
N GLY B 1 8.92 14.03 -4.27
CA GLY B 1 8.53 14.28 -2.86
C GLY B 1 8.41 15.76 -2.55
N SER B 2 7.27 16.35 -2.91
CA SER B 2 7.03 17.76 -2.67
C SER B 2 5.59 18.00 -2.24
N GLY B 3 5.36 17.99 -0.93
CA GLY B 3 4.03 18.22 -0.40
C GLY B 3 3.68 17.25 0.72
N THR B 4 2.41 16.85 0.78
CA THR B 4 1.95 15.93 1.82
C THR B 4 0.82 15.05 1.29
N ASP B 5 0.47 14.03 2.07
CA ASP B 5 -0.60 13.12 1.68
C ASP B 5 -1.96 13.81 1.73
N LYS B 6 -2.79 13.53 0.74
CA LYS B 6 -4.12 14.13 0.67
C LYS B 6 -5.18 13.07 0.38
N GLU B 7 -4.91 12.22 -0.60
CA GLU B 7 -5.83 11.16 -0.97
C GLU B 7 -5.81 10.01 0.04
N LEU B 8 -4.65 9.84 0.68
CA LEU B 8 -4.50 8.77 1.68
C LEU B 8 -5.56 8.91 2.77
N SER B 9 -5.86 10.15 3.14
CA SER B 9 -6.86 10.41 4.18
C SER B 9 -8.27 10.26 3.62
N ASP B 10 -8.43 10.56 2.33
CA ASP B 10 -9.73 10.46 1.68
C ASP B 10 -10.10 9.00 1.40
N LEU B 11 -9.08 8.19 1.16
CA LEU B 11 -9.29 6.76 0.88
C LEU B 11 -9.51 5.99 2.17
N LEU B 12 -8.72 6.31 3.19
CA LEU B 12 -8.81 5.63 4.48
C LEU B 12 -10.21 5.83 5.08
N ASP B 13 -10.80 6.99 4.84
CA ASP B 13 -12.12 7.30 5.35
C ASP B 13 -13.17 6.36 4.77
N PHE B 14 -13.19 6.25 3.44
CA PHE B 14 -14.14 5.38 2.75
C PHE B 14 -13.96 3.93 3.19
N SER B 15 -12.72 3.53 3.41
CA SER B 15 -12.42 2.17 3.83
C SER B 15 -12.90 1.92 5.25
N ALA B 16 -12.73 2.92 6.11
CA ALA B 16 -13.15 2.81 7.51
C ALA B 16 -14.67 2.88 7.63
N MET B 17 -15.30 3.61 6.72
CA MET B 17 -16.75 3.75 6.74
C MET B 17 -17.43 2.40 6.52
N PHE B 18 -16.89 1.61 5.60
CA PHE B 18 -17.44 0.30 5.30
C PHE B 18 -16.67 -0.80 6.03
N SER B 19 -16.22 -0.48 7.24
CA SER B 19 -15.47 -1.45 8.05
C SER B 19 -14.18 -1.86 7.34
N GLY A 1 27.19 0.03 -13.70
CA GLY A 1 28.32 -0.71 -13.08
C GLY A 1 27.90 -2.08 -12.58
N VAL A 2 27.24 -2.12 -11.43
CA VAL A 2 26.79 -3.38 -10.85
C VAL A 2 25.36 -3.26 -10.33
N ARG A 3 24.81 -4.38 -9.88
CA ARG A 3 23.44 -4.41 -9.36
C ARG A 3 23.36 -5.22 -8.07
N LYS A 4 22.63 -4.68 -7.10
CA LYS A 4 22.46 -5.35 -5.81
C LYS A 4 21.95 -6.77 -6.01
N GLY A 5 22.11 -7.60 -4.97
CA GLY A 5 21.57 -8.95 -5.04
C GLY A 5 20.07 -8.84 -4.89
N TRP A 6 19.48 -8.17 -5.86
CA TRP A 6 18.06 -7.84 -5.84
C TRP A 6 17.15 -8.93 -6.41
N HIS A 7 17.32 -9.19 -7.69
CA HIS A 7 16.49 -10.16 -8.41
C HIS A 7 16.62 -11.58 -7.87
N GLU A 8 17.62 -11.82 -7.05
CA GLU A 8 17.88 -13.16 -6.51
C GLU A 8 16.61 -13.87 -6.02
N HIS A 9 15.81 -13.21 -5.18
CA HIS A 9 14.60 -13.87 -4.67
C HIS A 9 13.35 -12.99 -4.74
N VAL A 10 13.20 -12.25 -5.83
CA VAL A 10 12.00 -11.43 -6.02
C VAL A 10 11.15 -12.00 -7.14
N THR A 11 11.77 -12.23 -8.28
CA THR A 11 11.08 -12.80 -9.43
C THR A 11 9.80 -12.01 -9.76
N GLN A 12 9.14 -12.40 -10.84
CA GLN A 12 7.91 -11.73 -11.26
C GLN A 12 6.74 -12.12 -10.36
N ASP A 13 6.63 -13.41 -10.06
CA ASP A 13 5.55 -13.92 -9.22
C ASP A 13 5.54 -13.25 -7.84
N LEU A 14 6.67 -13.35 -7.14
CA LEU A 14 6.79 -12.77 -5.81
C LEU A 14 6.66 -11.24 -5.87
N ARG A 15 7.29 -10.64 -6.86
CA ARG A 15 7.25 -9.18 -7.02
C ARG A 15 5.81 -8.70 -7.16
N SER A 16 4.98 -9.50 -7.83
CA SER A 16 3.58 -9.15 -8.02
C SER A 16 2.77 -9.43 -6.76
N HIS A 17 3.14 -10.46 -6.04
CA HIS A 17 2.46 -10.83 -4.81
C HIS A 17 2.54 -9.71 -3.77
N LEU A 18 3.74 -9.18 -3.59
CA LEU A 18 3.96 -8.09 -2.64
C LEU A 18 3.13 -6.86 -3.02
N VAL A 19 2.96 -6.64 -4.32
CA VAL A 19 2.20 -5.50 -4.81
C VAL A 19 0.76 -5.55 -4.28
N HIS A 20 0.26 -6.76 -4.05
CA HIS A 20 -1.10 -6.94 -3.55
C HIS A 20 -1.19 -6.55 -2.08
N LYS A 21 -0.08 -6.69 -1.36
CA LYS A 21 -0.05 -6.34 0.05
C LYS A 21 -0.44 -4.89 0.27
N LEU A 22 0.10 -4.00 -0.56
CA LEU A 22 -0.19 -2.58 -0.46
C LEU A 22 -1.69 -2.33 -0.66
N VAL A 23 -2.31 -3.15 -1.49
CA VAL A 23 -3.74 -3.03 -1.77
C VAL A 23 -4.58 -3.48 -0.58
N GLN A 24 -4.04 -4.42 0.19
CA GLN A 24 -4.74 -4.94 1.36
C GLN A 24 -4.61 -3.98 2.54
N ALA A 25 -3.49 -3.26 2.59
CA ALA A 25 -3.25 -2.32 3.68
C ALA A 25 -4.35 -1.28 3.76
N ILE A 26 -4.72 -0.70 2.62
CA ILE A 26 -5.76 0.30 2.57
C ILE A 26 -7.15 -0.32 2.75
N PHE A 27 -7.38 -1.43 2.05
CA PHE A 27 -8.65 -2.14 2.14
C PHE A 27 -8.44 -3.61 2.46
N PRO A 28 -8.16 -3.94 3.73
CA PRO A 28 -7.94 -5.32 4.17
C PRO A 28 -9.11 -6.23 3.81
N THR A 29 -10.28 -5.94 4.38
CA THR A 29 -11.47 -6.74 4.12
C THR A 29 -11.95 -6.56 2.69
N PRO A 30 -12.67 -7.56 2.15
CA PRO A 30 -13.20 -7.51 0.78
C PRO A 30 -14.39 -6.57 0.65
N ASP A 31 -14.60 -6.06 -0.56
CA ASP A 31 -15.70 -5.15 -0.82
C ASP A 31 -16.00 -5.06 -2.31
N PRO A 32 -16.93 -5.91 -2.81
CA PRO A 32 -17.29 -5.92 -4.23
C PRO A 32 -17.91 -4.60 -4.68
N ALA A 33 -18.51 -3.88 -3.73
CA ALA A 33 -19.14 -2.61 -4.02
C ALA A 33 -18.10 -1.49 -4.10
N ALA A 34 -16.97 -1.69 -3.43
CA ALA A 34 -15.90 -0.70 -3.42
C ALA A 34 -15.13 -0.74 -4.74
N LEU A 35 -14.99 -1.92 -5.31
CA LEU A 35 -14.28 -2.09 -6.57
C LEU A 35 -14.91 -1.25 -7.67
N LYS A 36 -16.22 -1.06 -7.57
CA LYS A 36 -16.95 -0.26 -8.56
C LYS A 36 -16.92 1.22 -8.19
N ASP A 37 -16.75 1.51 -6.90
CA ASP A 37 -16.71 2.89 -6.42
C ASP A 37 -15.58 3.66 -7.09
N ARG A 38 -15.79 4.96 -7.27
CA ARG A 38 -14.79 5.81 -7.91
C ARG A 38 -13.52 5.88 -7.06
N ARG A 39 -13.68 5.69 -5.75
CA ARG A 39 -12.54 5.73 -4.83
C ARG A 39 -11.46 4.73 -5.25
N MET A 40 -11.89 3.51 -5.56
CA MET A 40 -10.97 2.45 -5.98
C MET A 40 -10.10 2.91 -7.15
N GLU A 41 -10.65 3.81 -7.97
CA GLU A 41 -9.92 4.32 -9.13
C GLU A 41 -8.60 4.94 -8.70
N ASN A 42 -8.62 5.64 -7.58
CA ASN A 42 -7.42 6.29 -7.05
C ASN A 42 -6.53 5.28 -6.33
N LEU A 43 -7.16 4.25 -5.75
CA LEU A 43 -6.42 3.22 -5.02
C LEU A 43 -5.39 2.55 -5.92
N VAL A 44 -5.84 2.13 -7.10
CA VAL A 44 -4.95 1.47 -8.06
C VAL A 44 -3.79 2.37 -8.45
N ALA A 45 -4.11 3.54 -9.01
CA ALA A 45 -3.10 4.50 -9.42
C ALA A 45 -2.20 4.88 -8.25
N TYR A 46 -2.81 5.12 -7.10
CA TYR A 46 -2.06 5.50 -5.90
C TYR A 46 -1.08 4.40 -5.50
N ALA A 47 -1.60 3.18 -5.37
CA ALA A 47 -0.77 2.04 -4.99
C ALA A 47 0.19 1.66 -6.10
N LYS A 48 -0.20 1.95 -7.34
CA LYS A 48 0.63 1.64 -8.49
C LYS A 48 1.91 2.47 -8.50
N LYS A 49 1.80 3.72 -8.04
CA LYS A 49 2.95 4.62 -7.99
C LYS A 49 3.80 4.35 -6.75
N VAL A 50 3.14 4.00 -5.65
CA VAL A 50 3.84 3.71 -4.41
C VAL A 50 4.52 2.35 -4.46
N GLU A 51 3.79 1.33 -4.92
CA GLU A 51 4.34 -0.01 -5.01
C GLU A 51 5.69 0.02 -5.71
N GLY A 52 5.75 0.74 -6.83
CA GLY A 52 7.00 0.85 -7.56
C GLY A 52 8.05 1.55 -6.73
N ASP A 53 7.60 2.45 -5.86
CA ASP A 53 8.49 3.18 -4.97
C ASP A 53 8.90 2.32 -3.79
N MET A 54 8.02 1.39 -3.43
CA MET A 54 8.27 0.48 -2.31
C MET A 54 9.39 -0.51 -2.66
N TYR A 55 9.37 -1.00 -3.89
CA TYR A 55 10.38 -1.95 -4.35
C TYR A 55 11.76 -1.30 -4.38
N GLU A 56 11.86 -0.18 -5.08
CA GLU A 56 13.14 0.53 -5.19
C GLU A 56 13.77 0.81 -3.83
N SER A 57 12.94 1.17 -2.85
CA SER A 57 13.43 1.46 -1.50
C SER A 57 14.39 0.37 -1.01
N ALA A 58 14.18 -0.85 -1.50
CA ALA A 58 15.01 -1.99 -1.12
C ALA A 58 16.15 -2.18 -2.09
N ASN A 59 17.33 -2.39 -1.54
CA ASN A 59 18.49 -2.68 -2.36
C ASN A 59 18.64 -4.18 -2.42
N SER A 60 17.73 -4.88 -1.75
CA SER A 60 17.75 -6.33 -1.70
C SER A 60 16.34 -6.89 -1.53
N ARG A 61 16.22 -8.20 -1.61
CA ARG A 61 14.92 -8.87 -1.46
C ARG A 61 14.43 -8.79 -0.02
N ASP A 62 15.25 -9.26 0.91
CA ASP A 62 14.92 -9.25 2.33
C ASP A 62 14.44 -7.87 2.76
N GLU A 63 15.23 -6.85 2.43
CA GLU A 63 14.89 -5.47 2.78
C GLU A 63 13.53 -5.08 2.21
N TYR A 64 13.29 -5.49 0.97
CA TYR A 64 12.02 -5.18 0.29
C TYR A 64 10.83 -5.71 1.08
N TYR A 65 11.05 -6.82 1.79
CA TYR A 65 9.99 -7.45 2.57
C TYR A 65 9.78 -6.68 3.88
N HIS A 66 10.85 -6.54 4.66
CA HIS A 66 10.77 -5.84 5.93
C HIS A 66 10.45 -4.36 5.73
N LEU A 67 10.89 -3.81 4.60
CA LEU A 67 10.66 -2.41 4.29
C LEU A 67 9.21 -2.18 3.86
N LEU A 68 8.77 -2.96 2.88
CA LEU A 68 7.40 -2.83 2.38
C LEU A 68 6.37 -3.05 3.50
N ALA A 69 6.75 -3.86 4.48
CA ALA A 69 5.87 -4.15 5.61
C ALA A 69 5.66 -2.91 6.46
N GLU A 70 6.67 -2.04 6.51
CA GLU A 70 6.58 -0.81 7.28
C GLU A 70 5.40 0.04 6.84
N LYS A 71 5.17 0.09 5.54
CA LYS A 71 4.07 0.87 4.98
C LYS A 71 2.73 0.29 5.42
N ILE A 72 2.52 -1.00 5.14
CA ILE A 72 1.30 -1.68 5.51
C ILE A 72 1.11 -1.67 7.03
N TYR A 73 2.22 -1.72 7.75
CA TYR A 73 2.19 -1.71 9.21
C TYR A 73 1.87 -0.32 9.73
N LYS A 74 2.40 0.70 9.06
CA LYS A 74 2.18 2.08 9.48
C LYS A 74 0.79 2.56 9.05
N ILE A 75 0.42 2.27 7.80
CA ILE A 75 -0.88 2.67 7.28
C ILE A 75 -2.00 2.00 8.06
N GLN A 76 -1.85 0.71 8.33
CA GLN A 76 -2.85 -0.05 9.07
C GLN A 76 -3.07 0.54 10.46
N LYS A 77 -2.00 1.11 11.01
CA LYS A 77 -2.08 1.71 12.35
C LYS A 77 -2.89 3.01 12.31
N GLU A 78 -2.84 3.70 11.18
CA GLU A 78 -3.58 4.95 11.02
C GLU A 78 -5.08 4.70 11.00
N LEU A 79 -5.48 3.53 10.50
CA LEU A 79 -6.89 3.16 10.43
C LEU A 79 -7.53 3.18 11.81
N GLU A 80 -6.73 2.89 12.83
CA GLU A 80 -7.23 2.88 14.21
C GLU A 80 -7.63 4.28 14.65
N GLU A 81 -6.94 5.29 14.12
CA GLU A 81 -7.20 6.67 14.47
C GLU A 81 -8.50 7.15 13.83
N LYS A 82 -8.71 6.77 12.56
CA LYS A 82 -9.90 7.16 11.83
C LYS A 82 -11.13 6.45 12.39
N ARG A 83 -10.94 5.20 12.82
CA ARG A 83 -12.03 4.41 13.38
C ARG A 83 -12.57 5.03 14.64
N ARG A 84 -11.68 5.66 15.43
CA ARG A 84 -12.08 6.30 16.67
C ARG A 84 -12.67 7.69 16.41
N SER A 85 -12.67 8.11 15.16
CA SER A 85 -13.23 9.40 14.80
C SER A 85 -14.74 9.40 15.02
N ARG A 86 -15.30 8.22 15.31
CA ARG A 86 -16.74 8.10 15.55
C ARG A 86 -17.05 7.09 16.65
N LEU A 87 -16.06 6.32 17.00
CA LEU A 87 -16.19 5.31 18.04
C LEU A 87 -17.26 4.28 17.67
N GLY B 1 9.13 17.99 3.71
CA GLY B 1 8.18 18.35 4.80
C GLY B 1 7.31 19.54 4.42
N SER B 2 6.56 19.40 3.33
CA SER B 2 5.69 20.47 2.86
C SER B 2 4.23 20.13 3.13
N GLY B 3 3.91 18.84 3.09
CA GLY B 3 2.55 18.39 3.32
C GLY B 3 2.29 16.99 2.79
N THR B 4 3.03 16.62 1.75
CA THR B 4 2.87 15.30 1.15
C THR B 4 1.46 15.11 0.61
N ASP B 5 1.18 13.92 0.09
CA ASP B 5 -0.13 13.60 -0.45
C ASP B 5 -1.21 13.73 0.62
N LYS B 6 -2.40 14.16 0.21
CA LYS B 6 -3.51 14.33 1.13
C LYS B 6 -4.59 13.28 0.88
N GLU B 7 -4.71 12.85 -0.38
CA GLU B 7 -5.70 11.85 -0.76
C GLU B 7 -5.51 10.56 0.03
N LEU B 8 -4.28 10.31 0.46
CA LEU B 8 -3.97 9.11 1.23
C LEU B 8 -4.86 9.01 2.46
N SER B 9 -5.23 10.16 3.02
CA SER B 9 -6.08 10.21 4.19
C SER B 9 -7.53 9.95 3.83
N ASP B 10 -7.92 10.40 2.63
CA ASP B 10 -9.29 10.21 2.16
C ASP B 10 -9.56 8.76 1.79
N LEU B 11 -8.51 8.07 1.32
CA LEU B 11 -8.62 6.67 0.93
C LEU B 11 -8.87 5.79 2.16
N LEU B 12 -8.37 6.22 3.30
CA LEU B 12 -8.53 5.47 4.55
C LEU B 12 -9.92 5.69 5.13
N ASP B 13 -10.48 6.87 4.90
CA ASP B 13 -11.81 7.21 5.40
C ASP B 13 -12.86 6.27 4.82
N PHE B 14 -12.89 6.17 3.50
CA PHE B 14 -13.85 5.31 2.81
C PHE B 14 -13.69 3.86 3.26
N SER B 15 -12.47 3.49 3.63
CA SER B 15 -12.18 2.12 4.07
C SER B 15 -12.66 1.91 5.50
N ALA B 16 -12.51 2.94 6.33
CA ALA B 16 -12.94 2.87 7.72
C ALA B 16 -14.43 3.10 7.87
N MET B 17 -14.98 3.93 6.99
CA MET B 17 -16.41 4.24 7.01
C MET B 17 -17.24 2.97 6.79
N PHE B 18 -17.03 2.33 5.65
CA PHE B 18 -17.77 1.11 5.32
C PHE B 18 -17.45 0.00 6.31
N SER B 19 -16.16 -0.20 6.59
CA SER B 19 -15.74 -1.23 7.52
C SER B 19 -15.73 -0.69 8.95
N GLY A 1 31.96 -5.72 -6.17
CA GLY A 1 31.07 -4.53 -6.08
C GLY A 1 29.63 -4.89 -5.80
N VAL A 2 29.29 -6.16 -6.01
CA VAL A 2 27.92 -6.63 -5.76
C VAL A 2 26.94 -5.97 -6.73
N ARG A 3 25.71 -6.46 -6.74
CA ARG A 3 24.67 -5.93 -7.62
C ARG A 3 23.36 -5.75 -6.87
N LYS A 4 23.44 -5.26 -5.63
CA LYS A 4 22.24 -5.05 -4.84
C LYS A 4 21.47 -6.35 -4.63
N GLY A 5 22.04 -7.51 -5.03
CA GLY A 5 21.31 -8.77 -4.88
C GLY A 5 19.83 -8.52 -4.99
N TRP A 6 19.48 -7.76 -6.03
CA TRP A 6 18.12 -7.32 -6.24
C TRP A 6 17.21 -8.36 -6.91
N HIS A 7 17.53 -8.71 -8.15
CA HIS A 7 16.71 -9.64 -8.91
C HIS A 7 16.85 -11.09 -8.44
N GLU A 8 17.83 -11.33 -7.59
CA GLU A 8 18.11 -12.68 -7.11
C GLU A 8 16.86 -13.46 -6.71
N HIS A 9 16.01 -12.91 -5.83
CA HIS A 9 14.82 -13.65 -5.40
C HIS A 9 13.55 -12.80 -5.32
N VAL A 10 13.41 -11.81 -6.21
CA VAL A 10 12.20 -11.00 -6.20
C VAL A 10 11.26 -11.47 -7.31
N THR A 11 11.73 -11.36 -8.55
CA THR A 11 10.94 -11.80 -9.70
C THR A 11 9.58 -11.12 -9.72
N GLN A 12 8.87 -11.25 -10.85
CA GLN A 12 7.56 -10.65 -11.00
C GLN A 12 6.50 -11.40 -10.20
N ASP A 13 6.62 -12.73 -10.17
CA ASP A 13 5.68 -13.57 -9.44
C ASP A 13 5.71 -13.27 -7.94
N LEU A 14 6.89 -13.39 -7.35
CA LEU A 14 7.05 -13.14 -5.92
C LEU A 14 6.70 -11.70 -5.58
N ARG A 15 7.00 -10.78 -6.49
CA ARG A 15 6.71 -9.37 -6.29
C ARG A 15 5.21 -9.11 -6.36
N SER A 16 4.54 -9.83 -7.25
CA SER A 16 3.09 -9.69 -7.43
C SER A 16 2.35 -9.99 -6.12
N HIS A 17 2.90 -10.91 -5.34
CA HIS A 17 2.29 -11.30 -4.07
C HIS A 17 2.48 -10.20 -3.03
N LEU A 18 3.61 -9.51 -3.10
CA LEU A 18 3.91 -8.44 -2.15
C LEU A 18 3.13 -7.17 -2.50
N VAL A 19 2.87 -6.98 -3.78
CA VAL A 19 2.13 -5.81 -4.25
C VAL A 19 0.72 -5.78 -3.68
N HIS A 20 0.15 -6.97 -3.48
CA HIS A 20 -1.20 -7.09 -2.92
C HIS A 20 -1.25 -6.55 -1.50
N LYS A 21 -0.12 -6.62 -0.80
CA LYS A 21 -0.04 -6.14 0.58
C LYS A 21 -0.42 -4.66 0.65
N LEU A 22 0.12 -3.87 -0.25
CA LEU A 22 -0.17 -2.44 -0.28
C LEU A 22 -1.66 -2.18 -0.48
N VAL A 23 -2.31 -3.08 -1.20
CA VAL A 23 -3.74 -2.96 -1.47
C VAL A 23 -4.56 -3.37 -0.25
N GLN A 24 -4.02 -4.31 0.53
CA GLN A 24 -4.70 -4.80 1.72
C GLN A 24 -4.51 -3.84 2.89
N ALA A 25 -3.33 -3.23 2.96
CA ALA A 25 -3.01 -2.29 4.02
C ALA A 25 -4.01 -1.14 4.06
N ILE A 26 -4.34 -0.61 2.88
CA ILE A 26 -5.29 0.49 2.77
C ILE A 26 -6.71 0.02 3.01
N PHE A 27 -7.09 -1.07 2.35
CA PHE A 27 -8.44 -1.62 2.49
C PHE A 27 -8.38 -3.11 2.82
N PRO A 28 -7.97 -3.45 4.05
CA PRO A 28 -7.87 -4.85 4.50
C PRO A 28 -9.18 -5.61 4.32
N THR A 29 -10.22 -5.16 5.02
CA THR A 29 -11.53 -5.80 4.94
C THR A 29 -12.07 -5.77 3.51
N PRO A 30 -12.94 -6.72 3.16
CA PRO A 30 -13.53 -6.80 1.82
C PRO A 30 -14.50 -5.66 1.55
N ASP A 31 -14.67 -5.32 0.28
CA ASP A 31 -15.57 -4.25 -0.11
C ASP A 31 -16.08 -4.45 -1.54
N PRO A 32 -17.15 -5.24 -1.71
CA PRO A 32 -17.72 -5.51 -3.04
C PRO A 32 -18.20 -4.23 -3.72
N ALA A 33 -18.56 -3.24 -2.92
CA ALA A 33 -19.03 -1.97 -3.45
C ALA A 33 -17.87 -1.09 -3.89
N ALA A 34 -16.70 -1.32 -3.30
CA ALA A 34 -15.51 -0.55 -3.64
C ALA A 34 -15.18 -0.67 -5.13
N LEU A 35 -15.28 -1.89 -5.66
CA LEU A 35 -15.00 -2.14 -7.07
C LEU A 35 -15.86 -1.25 -7.95
N LYS A 36 -17.05 -0.91 -7.46
CA LYS A 36 -17.98 -0.07 -8.21
C LYS A 36 -17.71 1.41 -7.92
N ASP A 37 -17.14 1.69 -6.76
CA ASP A 37 -16.84 3.06 -6.35
C ASP A 37 -15.78 3.68 -7.27
N ARG A 38 -16.01 4.93 -7.65
CA ARG A 38 -15.07 5.64 -8.53
C ARG A 38 -13.78 6.00 -7.79
N ARG A 39 -13.91 6.24 -6.49
CA ARG A 39 -12.76 6.61 -5.67
C ARG A 39 -11.71 5.50 -5.67
N MET A 40 -12.18 4.25 -5.71
CA MET A 40 -11.28 3.10 -5.73
C MET A 40 -10.36 3.14 -6.95
N GLU A 41 -10.85 3.75 -8.03
CA GLU A 41 -10.08 3.85 -9.26
C GLU A 41 -8.74 4.53 -9.01
N ASN A 42 -8.72 5.45 -8.04
CA ASN A 42 -7.51 6.18 -7.69
C ASN A 42 -6.60 5.32 -6.80
N LEU A 43 -7.22 4.45 -6.00
CA LEU A 43 -6.47 3.58 -5.10
C LEU A 43 -5.49 2.71 -5.89
N VAL A 44 -5.94 2.18 -7.01
CA VAL A 44 -5.11 1.33 -7.86
C VAL A 44 -3.87 2.08 -8.32
N ALA A 45 -4.07 3.18 -9.03
CA ALA A 45 -2.98 3.99 -9.54
C ALA A 45 -2.06 4.45 -8.41
N TYR A 46 -2.66 4.79 -7.27
CA TYR A 46 -1.90 5.24 -6.11
C TYR A 46 -0.93 4.16 -5.65
N ALA A 47 -1.43 2.93 -5.53
CA ALA A 47 -0.62 1.81 -5.10
C ALA A 47 0.39 1.41 -6.18
N LYS A 48 0.03 1.66 -7.43
CA LYS A 48 0.90 1.32 -8.56
C LYS A 48 2.13 2.21 -8.59
N LYS A 49 1.95 3.47 -8.17
CA LYS A 49 3.06 4.42 -8.15
C LYS A 49 3.94 4.23 -6.93
N VAL A 50 3.32 3.93 -5.79
CA VAL A 50 4.06 3.72 -4.55
C VAL A 50 4.74 2.36 -4.54
N GLU A 51 4.02 1.32 -4.95
CA GLU A 51 4.58 -0.03 -4.99
C GLU A 51 5.94 -0.02 -5.69
N GLY A 52 6.01 0.71 -6.80
CA GLY A 52 7.27 0.80 -7.52
C GLY A 52 8.31 1.50 -6.68
N ASP A 53 7.86 2.44 -5.85
CA ASP A 53 8.74 3.18 -4.96
C ASP A 53 9.10 2.32 -3.75
N MET A 54 8.18 1.43 -3.36
CA MET A 54 8.39 0.55 -2.23
C MET A 54 9.36 -0.56 -2.58
N TYR A 55 9.35 -0.97 -3.85
CA TYR A 55 10.23 -2.03 -4.30
C TYR A 55 11.67 -1.54 -4.38
N GLU A 56 11.89 -0.45 -5.11
CA GLU A 56 13.22 0.14 -5.27
C GLU A 56 13.84 0.54 -3.94
N SER A 57 12.99 0.80 -2.94
CA SER A 57 13.47 1.19 -1.61
C SER A 57 14.50 0.20 -1.06
N ALA A 58 14.46 -1.04 -1.56
CA ALA A 58 15.38 -2.08 -1.10
C ALA A 58 16.56 -2.24 -2.03
N ASN A 59 17.76 -2.18 -1.45
CA ASN A 59 18.96 -2.40 -2.23
C ASN A 59 19.16 -3.90 -2.37
N SER A 60 18.28 -4.65 -1.70
CA SER A 60 18.35 -6.11 -1.73
C SER A 60 16.95 -6.70 -1.68
N ARG A 61 16.86 -8.02 -1.77
CA ARG A 61 15.57 -8.71 -1.74
C ARG A 61 15.00 -8.73 -0.32
N ASP A 62 15.79 -9.23 0.62
CA ASP A 62 15.36 -9.31 2.01
C ASP A 62 14.90 -7.95 2.53
N GLU A 63 15.66 -6.91 2.20
CA GLU A 63 15.34 -5.56 2.63
C GLU A 63 13.94 -5.16 2.16
N TYR A 64 13.61 -5.55 0.93
CA TYR A 64 12.30 -5.24 0.35
C TYR A 64 11.18 -5.89 1.16
N TYR A 65 11.47 -7.04 1.76
CA TYR A 65 10.49 -7.75 2.56
C TYR A 65 10.27 -7.05 3.90
N HIS A 66 11.35 -6.73 4.59
CA HIS A 66 11.28 -6.06 5.88
C HIS A 66 10.89 -4.60 5.72
N LEU A 67 11.33 -4.00 4.62
CA LEU A 67 11.04 -2.60 4.33
C LEU A 67 9.56 -2.41 3.99
N LEU A 68 9.08 -3.19 3.02
CA LEU A 68 7.69 -3.10 2.60
C LEU A 68 6.75 -3.35 3.77
N ALA A 69 7.14 -4.25 4.66
CA ALA A 69 6.34 -4.59 5.84
C ALA A 69 6.09 -3.35 6.70
N GLU A 70 7.03 -2.42 6.68
CA GLU A 70 6.91 -1.20 7.46
C GLU A 70 5.70 -0.39 7.02
N LYS A 71 5.53 -0.23 5.72
CA LYS A 71 4.40 0.52 5.18
C LYS A 71 3.08 -0.13 5.55
N ILE A 72 2.93 -1.40 5.18
CA ILE A 72 1.71 -2.14 5.49
C ILE A 72 1.45 -2.18 6.98
N TYR A 73 2.52 -2.13 7.77
CA TYR A 73 2.42 -2.18 9.22
C TYR A 73 1.93 -0.84 9.79
N LYS A 74 2.49 0.26 9.30
CA LYS A 74 2.12 1.58 9.80
C LYS A 74 0.79 2.09 9.23
N ILE A 75 0.57 1.85 7.93
CA ILE A 75 -0.66 2.31 7.30
C ILE A 75 -1.87 1.47 7.69
N GLN A 76 -1.64 0.18 8.01
CA GLN A 76 -2.73 -0.70 8.40
C GLN A 76 -3.42 -0.17 9.66
N LYS A 77 -2.64 -0.01 10.73
CA LYS A 77 -3.18 0.50 11.99
C LYS A 77 -3.79 1.88 11.81
N GLU A 78 -3.27 2.64 10.85
CA GLU A 78 -3.78 3.98 10.58
C GLU A 78 -5.26 3.96 10.25
N LEU A 79 -5.71 2.85 9.67
CA LEU A 79 -7.11 2.70 9.30
C LEU A 79 -8.02 2.84 10.52
N GLU A 80 -7.57 2.29 11.65
CA GLU A 80 -8.34 2.36 12.88
C GLU A 80 -8.50 3.80 13.35
N GLU A 81 -7.43 4.58 13.22
CA GLU A 81 -7.44 5.97 13.63
C GLU A 81 -8.50 6.76 12.87
N LYS A 82 -8.76 6.35 11.64
CA LYS A 82 -9.75 7.00 10.80
C LYS A 82 -11.17 6.65 11.24
N ARG A 83 -11.32 5.43 11.77
CA ARG A 83 -12.62 4.96 12.23
C ARG A 83 -13.13 5.80 13.40
N ARG A 84 -12.22 6.12 14.32
CA ARG A 84 -12.58 6.92 15.49
C ARG A 84 -12.64 8.40 15.15
N SER A 85 -12.32 8.74 13.90
CA SER A 85 -12.37 10.12 13.47
C SER A 85 -13.82 10.62 13.46
N ARG A 86 -14.76 9.70 13.64
CA ARG A 86 -16.18 10.05 13.66
C ARG A 86 -16.96 9.25 14.69
N LEU A 87 -16.34 8.21 15.18
CA LEU A 87 -16.93 7.34 16.18
C LEU A 87 -18.20 6.68 15.63
N GLY B 1 9.20 16.09 -5.15
CA GLY B 1 8.63 17.23 -4.39
C GLY B 1 7.76 16.78 -3.23
N SER B 2 6.60 16.22 -3.54
CA SER B 2 5.68 15.75 -2.51
C SER B 2 5.25 16.88 -1.60
N GLY B 3 4.10 17.48 -1.90
CA GLY B 3 3.59 18.58 -1.09
C GLY B 3 2.44 18.17 -0.21
N THR B 4 2.75 17.53 0.92
CA THR B 4 1.73 17.08 1.85
C THR B 4 0.78 16.09 1.18
N ASP B 5 -0.05 15.45 1.99
CA ASP B 5 -1.02 14.48 1.47
C ASP B 5 -2.44 15.00 1.59
N LYS B 6 -3.36 14.36 0.87
CA LYS B 6 -4.76 14.76 0.89
C LYS B 6 -5.67 13.59 0.53
N GLU B 7 -5.35 12.92 -0.58
CA GLU B 7 -6.14 11.78 -1.04
C GLU B 7 -5.84 10.54 -0.21
N LEU B 8 -4.62 10.47 0.32
CA LEU B 8 -4.20 9.33 1.13
C LEU B 8 -5.17 9.13 2.30
N SER B 9 -5.65 10.23 2.86
CA SER B 9 -6.58 10.17 3.98
C SER B 9 -7.99 9.83 3.50
N ASP B 10 -8.32 10.26 2.29
CA ASP B 10 -9.63 10.00 1.71
C ASP B 10 -9.81 8.51 1.39
N LEU B 11 -8.70 7.87 1.03
CA LEU B 11 -8.73 6.45 0.69
C LEU B 11 -8.94 5.60 1.94
N LEU B 12 -8.34 6.01 3.05
CA LEU B 12 -8.47 5.29 4.30
C LEU B 12 -9.82 5.59 4.98
N ASP B 13 -10.23 6.85 4.91
CA ASP B 13 -11.50 7.26 5.50
C ASP B 13 -12.67 6.51 4.89
N PHE B 14 -12.53 6.14 3.62
CA PHE B 14 -13.57 5.40 2.92
C PHE B 14 -13.87 4.08 3.62
N SER B 15 -12.84 3.28 3.86
CA SER B 15 -13.00 2.00 4.53
C SER B 15 -13.54 2.18 5.93
N ALA B 16 -13.16 3.29 6.57
CA ALA B 16 -13.61 3.59 7.92
C ALA B 16 -15.08 3.99 7.95
N MET B 17 -15.53 4.63 6.87
CA MET B 17 -16.92 5.07 6.76
C MET B 17 -17.80 3.96 6.21
N PHE B 18 -17.40 3.41 5.07
CA PHE B 18 -18.15 2.33 4.44
C PHE B 18 -17.47 0.99 4.66
N SER B 19 -18.21 -0.09 4.39
CA SER B 19 -17.68 -1.44 4.56
C SER B 19 -18.68 -2.48 4.09
#